data_6EZW
# 
_entry.id   6EZW 
# 
_audit_conform.dict_name       mmcif_pdbx.dic 
_audit_conform.dict_version    5.397 
_audit_conform.dict_location   http://mmcif.pdb.org/dictionaries/ascii/mmcif_pdbx.dic 
# 
loop_
_database_2.database_id 
_database_2.database_code 
_database_2.pdbx_database_accession 
_database_2.pdbx_DOI 
PDB   6EZW         pdb_00006ezw 10.2210/pdb6ezw/pdb 
WWPDB D_1200007519 ?            ?                   
# 
loop_
_pdbx_audit_revision_history.ordinal 
_pdbx_audit_revision_history.data_content_type 
_pdbx_audit_revision_history.major_revision 
_pdbx_audit_revision_history.minor_revision 
_pdbx_audit_revision_history.revision_date 
1 'Structure model' 1 0 2017-11-29 
2 'Structure model' 1 1 2018-11-28 
3 'Structure model' 1 2 2024-01-17 
4 'Structure model' 1 3 2024-10-16 
# 
_pdbx_audit_revision_details.ordinal             1 
_pdbx_audit_revision_details.revision_ordinal    1 
_pdbx_audit_revision_details.data_content_type   'Structure model' 
_pdbx_audit_revision_details.provider            repository 
_pdbx_audit_revision_details.type                'Initial release' 
_pdbx_audit_revision_details.description         ? 
_pdbx_audit_revision_details.details             ? 
# 
loop_
_pdbx_audit_revision_group.ordinal 
_pdbx_audit_revision_group.revision_ordinal 
_pdbx_audit_revision_group.data_content_type 
_pdbx_audit_revision_group.group 
1 2 'Structure model' 'Data collection'        
2 2 'Structure model' 'Database references'    
3 3 'Structure model' 'Data collection'        
4 3 'Structure model' 'Database references'    
5 3 'Structure model' 'Refinement description' 
6 4 'Structure model' 'Structure summary'      
# 
loop_
_pdbx_audit_revision_category.ordinal 
_pdbx_audit_revision_category.revision_ordinal 
_pdbx_audit_revision_category.data_content_type 
_pdbx_audit_revision_category.category 
1 2 'Structure model' citation                      
2 2 'Structure model' citation_author               
3 3 'Structure model' chem_comp_atom                
4 3 'Structure model' chem_comp_bond                
5 3 'Structure model' citation                      
6 3 'Structure model' database_2                    
7 3 'Structure model' pdbx_initial_refinement_model 
8 4 'Structure model' pdbx_entry_details            
9 4 'Structure model' pdbx_modification_feature     
# 
loop_
_pdbx_audit_revision_item.ordinal 
_pdbx_audit_revision_item.revision_ordinal 
_pdbx_audit_revision_item.data_content_type 
_pdbx_audit_revision_item.item 
1  2 'Structure model' '_citation.journal_abbrev'            
2  2 'Structure model' '_citation.journal_id_CSD'            
3  2 'Structure model' '_citation.journal_id_ISSN'           
4  2 'Structure model' '_citation.journal_volume'            
5  2 'Structure model' '_citation.page_first'                
6  2 'Structure model' '_citation.page_last'                 
7  2 'Structure model' '_citation.pdbx_database_id_DOI'      
8  2 'Structure model' '_citation.pdbx_database_id_PubMed'   
9  2 'Structure model' '_citation.title'                     
10 2 'Structure model' '_citation.year'                      
11 3 'Structure model' '_citation.country'                   
12 3 'Structure model' '_database_2.pdbx_DOI'                
13 3 'Structure model' '_database_2.pdbx_database_accession' 
# 
_pdbx_database_status.status_code                     REL 
_pdbx_database_status.status_code_sf                  REL 
_pdbx_database_status.status_code_mr                  ? 
_pdbx_database_status.entry_id                        6EZW 
_pdbx_database_status.recvd_initial_deposition_date   2017-11-16 
_pdbx_database_status.SG_entry                        N 
_pdbx_database_status.deposit_site                    PDBE 
_pdbx_database_status.process_site                    PDBE 
_pdbx_database_status.status_code_cs                  ? 
_pdbx_database_status.methods_development_category    ? 
_pdbx_database_status.pdb_format_compatible           Y 
_pdbx_database_status.status_code_nmr_data            ? 
# 
loop_
_audit_author.name 
_audit_author.pdbx_ordinal 
_audit_author.identifier_ORCID 
'Eliseev, I.E.'       1  0000-0002-3344-2513 
'Yudenko, A.N.'       2  ?                   
'Vysochinskaya, V.V.' 3  ?                   
'Svirina, A.A.'       4  ?                   
'Evstratyeva, A.V.'   5  ?                   
'Drozhzhachih, M.S.'  6  ?                   
'Krendeleva, E.A.'    7  ?                   
'Vladimirova, A.K.'   8  ?                   
'Nemankin, T.A.'      9  ?                   
'Ekimova, V.M.'       10 ?                   
'Ulitin, A.B.'        11 ?                   
'Lomovskaya, M.I.'    12 ?                   
'Yakovlev, P.A.'      13 ?                   
'Moiseenko, F.V.'     14 ?                   
'Chakchir, O.B.'      15 ?                   
# 
_citation.abstract                  ? 
_citation.abstract_id_CAS           ? 
_citation.book_id_ISBN              ? 
_citation.book_publisher            ? 
_citation.book_publisher_city       ? 
_citation.book_title                ? 
_citation.coordinate_linkage        ? 
_citation.country                   UK 
_citation.database_id_Medline       ? 
_citation.details                   ? 
_citation.id                        primary 
_citation.journal_abbrev            F1000Res 
_citation.journal_id_ASTM           ? 
_citation.journal_id_CSD            ? 
_citation.journal_id_ISSN           2046-1402 
_citation.journal_full              ? 
_citation.journal_issue             ? 
_citation.journal_volume            7 
_citation.language                  ? 
_citation.page_first                57 
_citation.page_last                 57 
_citation.title                     'Crystal structures of a llama VHH antibody BCD090-M2 targeting human ErbB3 receptor.' 
_citation.year                      2018 
_citation.database_id_CSD           ? 
_citation.pdbx_database_id_DOI      10.12688/f1000research.13612.1 
_citation.pdbx_database_id_PubMed   30430004 
_citation.unpublished_flag          ? 
# 
loop_
_citation_author.citation_id 
_citation_author.name 
_citation_author.ordinal 
_citation_author.identifier_ORCID 
primary 'Eliseev, I.E.'       1  0000-0002-3344-2513 
primary 'Yudenko, A.N.'       2  ?                   
primary 'Vysochinskaya, V.V.' 3  ?                   
primary 'Svirina, A.A.'       4  ?                   
primary 'Evstratyeva, A.V.'   5  ?                   
primary 'Drozhzhachih, M.S.'  6  ?                   
primary 'Krendeleva, E.A.'    7  ?                   
primary 'Vladimirova, A.K.'   8  ?                   
primary 'Nemankin, T.A.'      9  ?                   
primary 'Ekimova, V.M.'       10 ?                   
primary 'Ulitin, A.B.'        11 ?                   
primary 'Lomovskaya, M.I.'    12 ?                   
primary 'Yakovlev, P.A.'      13 0000-0002-6585-9508 
primary 'Bukatin, A.S.'       14 ?                   
primary 'Knyazev, N.A.'       15 ?                   
primary 'Moiseenko, F.V.'     16 ?                   
primary 'Chakchir, O.B.'      17 ?                   
# 
loop_
_entity.id 
_entity.type 
_entity.src_method 
_entity.pdbx_description 
_entity.formula_weight 
_entity.pdbx_number_of_molecules 
_entity.pdbx_ec 
_entity.pdbx_mutation 
_entity.pdbx_fragment 
_entity.details 
1 polymer man 'VHH antibody BCD090-M2' 13967.395 1   ? ? ? ? 
2 water   nat water                    18.015    190 ? ? ? ? 
# 
_entity_poly.entity_id                      1 
_entity_poly.type                           'polypeptide(L)' 
_entity_poly.nstd_linkage                   no 
_entity_poly.nstd_monomer                   no 
_entity_poly.pdbx_seq_one_letter_code       
;GQVQLVQSGGGLVQAGGSLRLSCAFSGRTFSMYTMGWFRQAPGKEREFVAANRGRGLSPDIADSVNGRFTISRDNAKNTL
YLQMDSLKPEDTAVYYCAADLQYGSSWPQRSSAEYDYWGQGTTVTVSS
;
_entity_poly.pdbx_seq_one_letter_code_can   
;GQVQLVQSGGGLVQAGGSLRLSCAFSGRTFSMYTMGWFRQAPGKEREFVAANRGRGLSPDIADSVNGRFTISRDNAKNTL
YLQMDSLKPEDTAVYYCAADLQYGSSWPQRSSAEYDYWGQGTTVTVSS
;
_entity_poly.pdbx_strand_id                 B 
_entity_poly.pdbx_target_identifier         ? 
# 
_pdbx_entity_nonpoly.entity_id   2 
_pdbx_entity_nonpoly.name        water 
_pdbx_entity_nonpoly.comp_id     HOH 
# 
loop_
_entity_poly_seq.entity_id 
_entity_poly_seq.num 
_entity_poly_seq.mon_id 
_entity_poly_seq.hetero 
1 1   GLY n 
1 2   GLN n 
1 3   VAL n 
1 4   GLN n 
1 5   LEU n 
1 6   VAL n 
1 7   GLN n 
1 8   SER n 
1 9   GLY n 
1 10  GLY n 
1 11  GLY n 
1 12  LEU n 
1 13  VAL n 
1 14  GLN n 
1 15  ALA n 
1 16  GLY n 
1 17  GLY n 
1 18  SER n 
1 19  LEU n 
1 20  ARG n 
1 21  LEU n 
1 22  SER n 
1 23  CYS n 
1 24  ALA n 
1 25  PHE n 
1 26  SER n 
1 27  GLY n 
1 28  ARG n 
1 29  THR n 
1 30  PHE n 
1 31  SER n 
1 32  MET n 
1 33  TYR n 
1 34  THR n 
1 35  MET n 
1 36  GLY n 
1 37  TRP n 
1 38  PHE n 
1 39  ARG n 
1 40  GLN n 
1 41  ALA n 
1 42  PRO n 
1 43  GLY n 
1 44  LYS n 
1 45  GLU n 
1 46  ARG n 
1 47  GLU n 
1 48  PHE n 
1 49  VAL n 
1 50  ALA n 
1 51  ALA n 
1 52  ASN n 
1 53  ARG n 
1 54  GLY n 
1 55  ARG n 
1 56  GLY n 
1 57  LEU n 
1 58  SER n 
1 59  PRO n 
1 60  ASP n 
1 61  ILE n 
1 62  ALA n 
1 63  ASP n 
1 64  SER n 
1 65  VAL n 
1 66  ASN n 
1 67  GLY n 
1 68  ARG n 
1 69  PHE n 
1 70  THR n 
1 71  ILE n 
1 72  SER n 
1 73  ARG n 
1 74  ASP n 
1 75  ASN n 
1 76  ALA n 
1 77  LYS n 
1 78  ASN n 
1 79  THR n 
1 80  LEU n 
1 81  TYR n 
1 82  LEU n 
1 83  GLN n 
1 84  MET n 
1 85  ASP n 
1 86  SER n 
1 87  LEU n 
1 88  LYS n 
1 89  PRO n 
1 90  GLU n 
1 91  ASP n 
1 92  THR n 
1 93  ALA n 
1 94  VAL n 
1 95  TYR n 
1 96  TYR n 
1 97  CYS n 
1 98  ALA n 
1 99  ALA n 
1 100 ASP n 
1 101 LEU n 
1 102 GLN n 
1 103 TYR n 
1 104 GLY n 
1 105 SER n 
1 106 SER n 
1 107 TRP n 
1 108 PRO n 
1 109 GLN n 
1 110 ARG n 
1 111 SER n 
1 112 SER n 
1 113 ALA n 
1 114 GLU n 
1 115 TYR n 
1 116 ASP n 
1 117 TYR n 
1 118 TRP n 
1 119 GLY n 
1 120 GLN n 
1 121 GLY n 
1 122 THR n 
1 123 THR n 
1 124 VAL n 
1 125 THR n 
1 126 VAL n 
1 127 SER n 
1 128 SER n 
# 
_entity_src_gen.entity_id                          1 
_entity_src_gen.pdbx_src_id                        1 
_entity_src_gen.pdbx_alt_source_flag               sample 
_entity_src_gen.pdbx_seq_type                      'Biological sequence' 
_entity_src_gen.pdbx_beg_seq_num                   1 
_entity_src_gen.pdbx_end_seq_num                   128 
_entity_src_gen.gene_src_common_name               Llama 
_entity_src_gen.gene_src_genus                     ? 
_entity_src_gen.pdbx_gene_src_gene                 ? 
_entity_src_gen.gene_src_species                   ? 
_entity_src_gen.gene_src_strain                    ? 
_entity_src_gen.gene_src_tissue                    ? 
_entity_src_gen.gene_src_tissue_fraction           ? 
_entity_src_gen.gene_src_details                   ? 
_entity_src_gen.pdbx_gene_src_fragment             ? 
_entity_src_gen.pdbx_gene_src_scientific_name      'Lama glama' 
_entity_src_gen.pdbx_gene_src_ncbi_taxonomy_id     9844 
_entity_src_gen.pdbx_gene_src_variant              ? 
_entity_src_gen.pdbx_gene_src_cell_line            ? 
_entity_src_gen.pdbx_gene_src_atcc                 ? 
_entity_src_gen.pdbx_gene_src_organ                ? 
_entity_src_gen.pdbx_gene_src_organelle            ? 
_entity_src_gen.pdbx_gene_src_cell                 ? 
_entity_src_gen.pdbx_gene_src_cellular_location    ? 
_entity_src_gen.host_org_common_name               ? 
_entity_src_gen.pdbx_host_org_scientific_name      'Escherichia coli' 
_entity_src_gen.pdbx_host_org_ncbi_taxonomy_id     562 
_entity_src_gen.host_org_genus                     ? 
_entity_src_gen.pdbx_host_org_gene                 ? 
_entity_src_gen.pdbx_host_org_organ                ? 
_entity_src_gen.host_org_species                   ? 
_entity_src_gen.pdbx_host_org_tissue               ? 
_entity_src_gen.pdbx_host_org_tissue_fraction      ? 
_entity_src_gen.pdbx_host_org_strain               ? 
_entity_src_gen.pdbx_host_org_variant              ? 
_entity_src_gen.pdbx_host_org_cell_line            ? 
_entity_src_gen.pdbx_host_org_atcc                 ? 
_entity_src_gen.pdbx_host_org_culture_collection   ? 
_entity_src_gen.pdbx_host_org_cell                 ? 
_entity_src_gen.pdbx_host_org_organelle            ? 
_entity_src_gen.pdbx_host_org_cellular_location    ? 
_entity_src_gen.pdbx_host_org_vector_type          ? 
_entity_src_gen.pdbx_host_org_vector               ? 
_entity_src_gen.host_org_details                   ? 
_entity_src_gen.expression_system_id               ? 
_entity_src_gen.plasmid_name                       ? 
_entity_src_gen.plasmid_details                    ? 
_entity_src_gen.pdbx_description                   ? 
# 
loop_
_chem_comp.id 
_chem_comp.type 
_chem_comp.mon_nstd_flag 
_chem_comp.name 
_chem_comp.pdbx_synonyms 
_chem_comp.formula 
_chem_comp.formula_weight 
ALA 'L-peptide linking' y ALANINE         ? 'C3 H7 N O2'     89.093  
ARG 'L-peptide linking' y ARGININE        ? 'C6 H15 N4 O2 1' 175.209 
ASN 'L-peptide linking' y ASPARAGINE      ? 'C4 H8 N2 O3'    132.118 
ASP 'L-peptide linking' y 'ASPARTIC ACID' ? 'C4 H7 N O4'     133.103 
CYS 'L-peptide linking' y CYSTEINE        ? 'C3 H7 N O2 S'   121.158 
GLN 'L-peptide linking' y GLUTAMINE       ? 'C5 H10 N2 O3'   146.144 
GLU 'L-peptide linking' y 'GLUTAMIC ACID' ? 'C5 H9 N O4'     147.129 
GLY 'peptide linking'   y GLYCINE         ? 'C2 H5 N O2'     75.067  
HOH non-polymer         . WATER           ? 'H2 O'           18.015  
ILE 'L-peptide linking' y ISOLEUCINE      ? 'C6 H13 N O2'    131.173 
LEU 'L-peptide linking' y LEUCINE         ? 'C6 H13 N O2'    131.173 
LYS 'L-peptide linking' y LYSINE          ? 'C6 H15 N2 O2 1' 147.195 
MET 'L-peptide linking' y METHIONINE      ? 'C5 H11 N O2 S'  149.211 
PHE 'L-peptide linking' y PHENYLALANINE   ? 'C9 H11 N O2'    165.189 
PRO 'L-peptide linking' y PROLINE         ? 'C5 H9 N O2'     115.130 
SER 'L-peptide linking' y SERINE          ? 'C3 H7 N O3'     105.093 
THR 'L-peptide linking' y THREONINE       ? 'C4 H9 N O3'     119.119 
TRP 'L-peptide linking' y TRYPTOPHAN      ? 'C11 H12 N2 O2'  204.225 
TYR 'L-peptide linking' y TYROSINE        ? 'C9 H11 N O3'    181.189 
VAL 'L-peptide linking' y VALINE          ? 'C5 H11 N O2'    117.146 
# 
loop_
_pdbx_poly_seq_scheme.asym_id 
_pdbx_poly_seq_scheme.entity_id 
_pdbx_poly_seq_scheme.seq_id 
_pdbx_poly_seq_scheme.mon_id 
_pdbx_poly_seq_scheme.ndb_seq_num 
_pdbx_poly_seq_scheme.pdb_seq_num 
_pdbx_poly_seq_scheme.auth_seq_num 
_pdbx_poly_seq_scheme.pdb_mon_id 
_pdbx_poly_seq_scheme.auth_mon_id 
_pdbx_poly_seq_scheme.pdb_strand_id 
_pdbx_poly_seq_scheme.pdb_ins_code 
_pdbx_poly_seq_scheme.hetero 
A 1 1   GLY 1   1   1   GLY GLY B . n 
A 1 2   GLN 2   2   2   GLN GLN B . n 
A 1 3   VAL 3   3   3   VAL VAL B . n 
A 1 4   GLN 4   4   4   GLN GLN B . n 
A 1 5   LEU 5   5   5   LEU LEU B . n 
A 1 6   VAL 6   6   6   VAL VAL B . n 
A 1 7   GLN 7   7   7   GLN GLN B . n 
A 1 8   SER 8   8   8   SER SER B . n 
A 1 9   GLY 9   9   9   GLY GLY B . n 
A 1 10  GLY 10  10  10  GLY GLY B . n 
A 1 11  GLY 11  11  11  GLY GLY B . n 
A 1 12  LEU 12  12  12  LEU LEU B . n 
A 1 13  VAL 13  13  13  VAL VAL B . n 
A 1 14  GLN 14  14  14  GLN GLN B . n 
A 1 15  ALA 15  15  15  ALA ALA B . n 
A 1 16  GLY 16  16  16  GLY GLY B . n 
A 1 17  GLY 17  17  17  GLY GLY B . n 
A 1 18  SER 18  18  18  SER SER B . n 
A 1 19  LEU 19  19  19  LEU LEU B . n 
A 1 20  ARG 20  20  20  ARG ARG B . n 
A 1 21  LEU 21  21  21  LEU LEU B . n 
A 1 22  SER 22  22  22  SER SER B . n 
A 1 23  CYS 23  23  23  CYS CYS B . n 
A 1 24  ALA 24  24  24  ALA ALA B . n 
A 1 25  PHE 25  25  25  PHE PHE B . n 
A 1 26  SER 26  26  26  SER SER B . n 
A 1 27  GLY 27  27  27  GLY GLY B . n 
A 1 28  ARG 28  28  28  ARG ARG B . n 
A 1 29  THR 29  29  29  THR THR B . n 
A 1 30  PHE 30  30  30  PHE PHE B . n 
A 1 31  SER 31  31  31  SER SER B . n 
A 1 32  MET 32  32  32  MET MET B . n 
A 1 33  TYR 33  33  33  TYR TYR B . n 
A 1 34  THR 34  34  34  THR THR B . n 
A 1 35  MET 35  35  35  MET MET B . n 
A 1 36  GLY 36  36  36  GLY GLY B . n 
A 1 37  TRP 37  37  37  TRP TRP B . n 
A 1 38  PHE 38  38  38  PHE PHE B . n 
A 1 39  ARG 39  39  39  ARG ARG B . n 
A 1 40  GLN 40  40  40  GLN GLN B . n 
A 1 41  ALA 41  41  41  ALA ALA B . n 
A 1 42  PRO 42  42  42  PRO PRO B . n 
A 1 43  GLY 43  43  43  GLY GLY B . n 
A 1 44  LYS 44  44  44  LYS LYS B . n 
A 1 45  GLU 45  45  45  GLU GLU B . n 
A 1 46  ARG 46  46  46  ARG ARG B . n 
A 1 47  GLU 47  47  47  GLU GLU B . n 
A 1 48  PHE 48  48  48  PHE PHE B . n 
A 1 49  VAL 49  49  49  VAL VAL B . n 
A 1 50  ALA 50  50  50  ALA ALA B . n 
A 1 51  ALA 51  51  51  ALA ALA B . n 
A 1 52  ASN 52  52  52  ASN ASN B . n 
A 1 53  ARG 53  53  53  ARG ARG B . n 
A 1 54  GLY 54  54  54  GLY GLY B . n 
A 1 55  ARG 55  55  55  ARG ARG B . n 
A 1 56  GLY 56  56  56  GLY GLY B . n 
A 1 57  LEU 57  57  57  LEU LEU B . n 
A 1 58  SER 58  58  58  SER SER B . n 
A 1 59  PRO 59  59  59  PRO PRO B . n 
A 1 60  ASP 60  60  60  ASP ASP B . n 
A 1 61  ILE 61  61  61  ILE ILE B . n 
A 1 62  ALA 62  62  62  ALA ALA B . n 
A 1 63  ASP 63  63  63  ASP ASP B . n 
A 1 64  SER 64  64  64  SER SER B . n 
A 1 65  VAL 65  65  65  VAL VAL B . n 
A 1 66  ASN 66  66  66  ASN ASN B . n 
A 1 67  GLY 67  67  67  GLY GLY B . n 
A 1 68  ARG 68  68  68  ARG ARG B . n 
A 1 69  PHE 69  69  69  PHE PHE B . n 
A 1 70  THR 70  70  70  THR THR B . n 
A 1 71  ILE 71  71  71  ILE ILE B . n 
A 1 72  SER 72  72  72  SER SER B . n 
A 1 73  ARG 73  73  73  ARG ARG B . n 
A 1 74  ASP 74  74  74  ASP ASP B . n 
A 1 75  ASN 75  75  75  ASN ASN B . n 
A 1 76  ALA 76  76  76  ALA ALA B . n 
A 1 77  LYS 77  77  77  LYS LYS B . n 
A 1 78  ASN 78  78  78  ASN ASN B . n 
A 1 79  THR 79  79  79  THR THR B . n 
A 1 80  LEU 80  80  80  LEU LEU B . n 
A 1 81  TYR 81  81  81  TYR TYR B . n 
A 1 82  LEU 82  82  82  LEU LEU B . n 
A 1 83  GLN 83  83  83  GLN GLN B . n 
A 1 84  MET 84  84  84  MET MET B . n 
A 1 85  ASP 85  85  85  ASP ASP B . n 
A 1 86  SER 86  86  86  SER SER B . n 
A 1 87  LEU 87  87  87  LEU LEU B . n 
A 1 88  LYS 88  88  88  LYS LYS B . n 
A 1 89  PRO 89  89  89  PRO PRO B . n 
A 1 90  GLU 90  90  90  GLU GLU B . n 
A 1 91  ASP 91  91  91  ASP ASP B . n 
A 1 92  THR 92  92  92  THR THR B . n 
A 1 93  ALA 93  93  93  ALA ALA B . n 
A 1 94  VAL 94  94  94  VAL VAL B . n 
A 1 95  TYR 95  95  95  TYR TYR B . n 
A 1 96  TYR 96  96  96  TYR TYR B . n 
A 1 97  CYS 97  97  97  CYS CYS B . n 
A 1 98  ALA 98  98  98  ALA ALA B . n 
A 1 99  ALA 99  99  99  ALA ALA B . n 
A 1 100 ASP 100 100 100 ASP ASP B . n 
A 1 101 LEU 101 101 101 LEU LEU B . n 
A 1 102 GLN 102 102 102 GLN GLN B . n 
A 1 103 TYR 103 103 103 TYR TYR B . n 
A 1 104 GLY 104 104 104 GLY GLY B . n 
A 1 105 SER 105 105 105 SER SER B . n 
A 1 106 SER 106 106 106 SER SER B . n 
A 1 107 TRP 107 107 107 TRP TRP B . n 
A 1 108 PRO 108 108 108 PRO PRO B . n 
A 1 109 GLN 109 109 109 GLN GLN B . n 
A 1 110 ARG 110 110 110 ARG ARG B . n 
A 1 111 SER 111 111 111 SER SER B . n 
A 1 112 SER 112 112 112 SER SER B . n 
A 1 113 ALA 113 113 113 ALA ALA B . n 
A 1 114 GLU 114 114 114 GLU GLU B . n 
A 1 115 TYR 115 115 115 TYR TYR B . n 
A 1 116 ASP 116 116 116 ASP ASP B . n 
A 1 117 TYR 117 117 117 TYR TYR B . n 
A 1 118 TRP 118 118 118 TRP TRP B . n 
A 1 119 GLY 119 119 119 GLY GLY B . n 
A 1 120 GLN 120 120 120 GLN GLN B . n 
A 1 121 GLY 121 121 121 GLY GLY B . n 
A 1 122 THR 122 122 122 THR THR B . n 
A 1 123 THR 123 123 123 THR THR B . n 
A 1 124 VAL 124 124 124 VAL VAL B . n 
A 1 125 THR 125 125 125 THR THR B . n 
A 1 126 VAL 126 126 126 VAL VAL B . n 
A 1 127 SER 127 127 127 SER SER B . n 
A 1 128 SER 128 128 128 SER SER B . n 
# 
loop_
_pdbx_nonpoly_scheme.asym_id 
_pdbx_nonpoly_scheme.entity_id 
_pdbx_nonpoly_scheme.mon_id 
_pdbx_nonpoly_scheme.ndb_seq_num 
_pdbx_nonpoly_scheme.pdb_seq_num 
_pdbx_nonpoly_scheme.auth_seq_num 
_pdbx_nonpoly_scheme.pdb_mon_id 
_pdbx_nonpoly_scheme.auth_mon_id 
_pdbx_nonpoly_scheme.pdb_strand_id 
_pdbx_nonpoly_scheme.pdb_ins_code 
B 2 HOH 1   201 62  HOH HOH B . 
B 2 HOH 2   202 110 HOH HOH B . 
B 2 HOH 3   203 139 HOH HOH B . 
B 2 HOH 4   204 113 HOH HOH B . 
B 2 HOH 5   205 22  HOH HOH B . 
B 2 HOH 6   206 118 HOH HOH B . 
B 2 HOH 7   207 123 HOH HOH B . 
B 2 HOH 8   208 65  HOH HOH B . 
B 2 HOH 9   209 187 HOH HOH B . 
B 2 HOH 10  210 141 HOH HOH B . 
B 2 HOH 11  211 119 HOH HOH B . 
B 2 HOH 12  212 21  HOH HOH B . 
B 2 HOH 13  213 130 HOH HOH B . 
B 2 HOH 14  214 153 HOH HOH B . 
B 2 HOH 15  215 103 HOH HOH B . 
B 2 HOH 16  216 36  HOH HOH B . 
B 2 HOH 17  217 25  HOH HOH B . 
B 2 HOH 18  218 50  HOH HOH B . 
B 2 HOH 19  219 68  HOH HOH B . 
B 2 HOH 20  220 96  HOH HOH B . 
B 2 HOH 21  221 179 HOH HOH B . 
B 2 HOH 22  222 97  HOH HOH B . 
B 2 HOH 23  223 61  HOH HOH B . 
B 2 HOH 24  224 60  HOH HOH B . 
B 2 HOH 25  225 186 HOH HOH B . 
B 2 HOH 26  226 80  HOH HOH B . 
B 2 HOH 27  227 126 HOH HOH B . 
B 2 HOH 28  228 131 HOH HOH B . 
B 2 HOH 29  229 98  HOH HOH B . 
B 2 HOH 30  230 117 HOH HOH B . 
B 2 HOH 31  231 38  HOH HOH B . 
B 2 HOH 32  232 79  HOH HOH B . 
B 2 HOH 33  233 40  HOH HOH B . 
B 2 HOH 34  234 155 HOH HOH B . 
B 2 HOH 35  235 93  HOH HOH B . 
B 2 HOH 36  236 8   HOH HOH B . 
B 2 HOH 37  237 27  HOH HOH B . 
B 2 HOH 38  238 56  HOH HOH B . 
B 2 HOH 39  239 101 HOH HOH B . 
B 2 HOH 40  240 78  HOH HOH B . 
B 2 HOH 41  241 53  HOH HOH B . 
B 2 HOH 42  242 15  HOH HOH B . 
B 2 HOH 43  243 23  HOH HOH B . 
B 2 HOH 44  244 176 HOH HOH B . 
B 2 HOH 45  245 121 HOH HOH B . 
B 2 HOH 46  246 17  HOH HOH B . 
B 2 HOH 47  247 11  HOH HOH B . 
B 2 HOH 48  248 9   HOH HOH B . 
B 2 HOH 49  249 48  HOH HOH B . 
B 2 HOH 50  250 86  HOH HOH B . 
B 2 HOH 51  251 82  HOH HOH B . 
B 2 HOH 52  252 1   HOH HOH B . 
B 2 HOH 53  253 13  HOH HOH B . 
B 2 HOH 54  254 55  HOH HOH B . 
B 2 HOH 55  255 4   HOH HOH B . 
B 2 HOH 56  256 32  HOH HOH B . 
B 2 HOH 57  257 134 HOH HOH B . 
B 2 HOH 58  258 57  HOH HOH B . 
B 2 HOH 59  259 112 HOH HOH B . 
B 2 HOH 60  260 173 HOH HOH B . 
B 2 HOH 61  261 92  HOH HOH B . 
B 2 HOH 62  262 102 HOH HOH B . 
B 2 HOH 63  263 43  HOH HOH B . 
B 2 HOH 64  264 151 HOH HOH B . 
B 2 HOH 65  265 145 HOH HOH B . 
B 2 HOH 66  266 127 HOH HOH B . 
B 2 HOH 67  267 29  HOH HOH B . 
B 2 HOH 68  268 39  HOH HOH B . 
B 2 HOH 69  269 74  HOH HOH B . 
B 2 HOH 70  270 5   HOH HOH B . 
B 2 HOH 71  271 144 HOH HOH B . 
B 2 HOH 72  272 7   HOH HOH B . 
B 2 HOH 73  273 158 HOH HOH B . 
B 2 HOH 74  274 6   HOH HOH B . 
B 2 HOH 75  275 18  HOH HOH B . 
B 2 HOH 76  276 12  HOH HOH B . 
B 2 HOH 77  277 70  HOH HOH B . 
B 2 HOH 78  278 137 HOH HOH B . 
B 2 HOH 79  279 44  HOH HOH B . 
B 2 HOH 80  280 66  HOH HOH B . 
B 2 HOH 81  281 10  HOH HOH B . 
B 2 HOH 82  282 24  HOH HOH B . 
B 2 HOH 83  283 47  HOH HOH B . 
B 2 HOH 84  284 76  HOH HOH B . 
B 2 HOH 85  285 143 HOH HOH B . 
B 2 HOH 86  286 69  HOH HOH B . 
B 2 HOH 87  287 20  HOH HOH B . 
B 2 HOH 88  288 42  HOH HOH B . 
B 2 HOH 89  289 84  HOH HOH B . 
B 2 HOH 90  290 90  HOH HOH B . 
B 2 HOH 91  291 94  HOH HOH B . 
B 2 HOH 92  292 88  HOH HOH B . 
B 2 HOH 93  293 71  HOH HOH B . 
B 2 HOH 94  294 31  HOH HOH B . 
B 2 HOH 95  295 125 HOH HOH B . 
B 2 HOH 96  296 2   HOH HOH B . 
B 2 HOH 97  297 129 HOH HOH B . 
B 2 HOH 98  298 184 HOH HOH B . 
B 2 HOH 99  299 41  HOH HOH B . 
B 2 HOH 100 300 34  HOH HOH B . 
B 2 HOH 101 301 16  HOH HOH B . 
B 2 HOH 102 302 3   HOH HOH B . 
B 2 HOH 103 303 95  HOH HOH B . 
B 2 HOH 104 304 171 HOH HOH B . 
B 2 HOH 105 305 19  HOH HOH B . 
B 2 HOH 106 306 63  HOH HOH B . 
B 2 HOH 107 307 30  HOH HOH B . 
B 2 HOH 108 308 51  HOH HOH B . 
B 2 HOH 109 309 164 HOH HOH B . 
B 2 HOH 110 310 108 HOH HOH B . 
B 2 HOH 111 311 165 HOH HOH B . 
B 2 HOH 112 312 45  HOH HOH B . 
B 2 HOH 113 313 169 HOH HOH B . 
B 2 HOH 114 314 46  HOH HOH B . 
B 2 HOH 115 315 99  HOH HOH B . 
B 2 HOH 116 316 132 HOH HOH B . 
B 2 HOH 117 317 37  HOH HOH B . 
B 2 HOH 118 318 58  HOH HOH B . 
B 2 HOH 119 319 59  HOH HOH B . 
B 2 HOH 120 320 162 HOH HOH B . 
B 2 HOH 121 321 182 HOH HOH B . 
B 2 HOH 122 322 14  HOH HOH B . 
B 2 HOH 123 323 104 HOH HOH B . 
B 2 HOH 124 324 52  HOH HOH B . 
B 2 HOH 125 325 35  HOH HOH B . 
B 2 HOH 126 326 89  HOH HOH B . 
B 2 HOH 127 327 122 HOH HOH B . 
B 2 HOH 128 328 150 HOH HOH B . 
B 2 HOH 129 329 77  HOH HOH B . 
B 2 HOH 130 330 28  HOH HOH B . 
B 2 HOH 131 331 163 HOH HOH B . 
B 2 HOH 132 332 72  HOH HOH B . 
B 2 HOH 133 333 83  HOH HOH B . 
B 2 HOH 134 334 49  HOH HOH B . 
B 2 HOH 135 335 188 HOH HOH B . 
B 2 HOH 136 336 128 HOH HOH B . 
B 2 HOH 137 337 181 HOH HOH B . 
B 2 HOH 138 338 172 HOH HOH B . 
B 2 HOH 139 339 147 HOH HOH B . 
B 2 HOH 140 340 140 HOH HOH B . 
B 2 HOH 141 341 142 HOH HOH B . 
B 2 HOH 142 342 73  HOH HOH B . 
B 2 HOH 143 343 138 HOH HOH B . 
B 2 HOH 144 344 109 HOH HOH B . 
B 2 HOH 145 345 136 HOH HOH B . 
B 2 HOH 146 346 26  HOH HOH B . 
B 2 HOH 147 347 116 HOH HOH B . 
B 2 HOH 148 348 156 HOH HOH B . 
B 2 HOH 149 349 120 HOH HOH B . 
B 2 HOH 150 350 81  HOH HOH B . 
B 2 HOH 151 351 166 HOH HOH B . 
B 2 HOH 152 352 167 HOH HOH B . 
B 2 HOH 153 353 168 HOH HOH B . 
B 2 HOH 154 354 170 HOH HOH B . 
B 2 HOH 155 355 180 HOH HOH B . 
B 2 HOH 156 356 135 HOH HOH B . 
B 2 HOH 157 357 85  HOH HOH B . 
B 2 HOH 158 358 146 HOH HOH B . 
B 2 HOH 159 359 114 HOH HOH B . 
B 2 HOH 160 360 107 HOH HOH B . 
B 2 HOH 161 361 177 HOH HOH B . 
B 2 HOH 162 362 161 HOH HOH B . 
B 2 HOH 163 363 91  HOH HOH B . 
B 2 HOH 164 364 115 HOH HOH B . 
B 2 HOH 165 365 111 HOH HOH B . 
B 2 HOH 166 366 33  HOH HOH B . 
B 2 HOH 167 367 75  HOH HOH B . 
B 2 HOH 168 368 189 HOH HOH B . 
B 2 HOH 169 369 87  HOH HOH B . 
B 2 HOH 170 370 133 HOH HOH B . 
B 2 HOH 171 371 190 HOH HOH B . 
B 2 HOH 172 372 154 HOH HOH B . 
B 2 HOH 173 373 124 HOH HOH B . 
B 2 HOH 174 374 149 HOH HOH B . 
B 2 HOH 175 375 152 HOH HOH B . 
B 2 HOH 176 376 160 HOH HOH B . 
B 2 HOH 177 377 106 HOH HOH B . 
B 2 HOH 178 378 157 HOH HOH B . 
B 2 HOH 179 379 54  HOH HOH B . 
B 2 HOH 180 380 185 HOH HOH B . 
B 2 HOH 181 381 175 HOH HOH B . 
B 2 HOH 182 382 67  HOH HOH B . 
B 2 HOH 183 383 159 HOH HOH B . 
B 2 HOH 184 384 100 HOH HOH B . 
B 2 HOH 185 385 183 HOH HOH B . 
B 2 HOH 186 386 174 HOH HOH B . 
B 2 HOH 187 387 64  HOH HOH B . 
B 2 HOH 188 388 178 HOH HOH B . 
B 2 HOH 189 389 105 HOH HOH B . 
B 2 HOH 190 390 148 HOH HOH B . 
# 
loop_
_software.citation_id 
_software.classification 
_software.compiler_name 
_software.compiler_version 
_software.contact_author 
_software.contact_author_email 
_software.date 
_software.description 
_software.dependencies 
_software.hardware 
_software.language 
_software.location 
_software.mods 
_software.name 
_software.os 
_software.os_version 
_software.type 
_software.version 
_software.pdbx_ordinal 
? 'data collection' ? ? ? ? ? ? ? ? ? ? ? 'APEX 2' ? ? ? 2014.11-0   1 
? 'data reduction'  ? ? ? ? ? ? ? ? ? ? ? SAINT    ? ? ? V8.18C      2 
? 'data scaling'    ? ? ? ? ? ? ? ? ? ? ? SADABS   ? ? ? 2008/1      3 
? phasing           ? ? ? ? ? ? ? ? ? ? ? PHASER   ? ? ? 2.7.16      4 
? 'model building'  ? ? ? ? ? ? ? ? ? ? ? PHENIX   ? ? ? 1.11.1_2575 5 
? 'model building'  ? ? ? ? ? ? ? ? ? ? ? Coot     ? ? ? 0.8.6.1     6 
? refinement        ? ? ? ? ? ? ? ? ? ? ? PHENIX   ? ? ? 1.11.1_2575 7 
# 
_cell.angle_alpha                  90.000 
_cell.angle_alpha_esd              ? 
_cell.angle_beta                   102.243 
_cell.angle_beta_esd               ? 
_cell.angle_gamma                  90.000 
_cell.angle_gamma_esd              ? 
_cell.entry_id                     6EZW 
_cell.details                      ? 
_cell.formula_units_Z              ? 
_cell.length_a                     65.759 
_cell.length_a_esd                 ? 
_cell.length_b                     38.931 
_cell.length_b_esd                 ? 
_cell.length_c                     47.482 
_cell.length_c_esd                 ? 
_cell.volume                       118792.374 
_cell.volume_esd                   ? 
_cell.Z_PDB                        4 
_cell.reciprocal_angle_alpha       ? 
_cell.reciprocal_angle_beta        ? 
_cell.reciprocal_angle_gamma       ? 
_cell.reciprocal_angle_alpha_esd   ? 
_cell.reciprocal_angle_beta_esd    ? 
_cell.reciprocal_angle_gamma_esd   ? 
_cell.reciprocal_length_a          ? 
_cell.reciprocal_length_b          ? 
_cell.reciprocal_length_c          ? 
_cell.reciprocal_length_a_esd      ? 
_cell.reciprocal_length_b_esd      ? 
_cell.reciprocal_length_c_esd      ? 
_cell.pdbx_unique_axis             ? 
# 
_symmetry.entry_id                         6EZW 
_symmetry.cell_setting                     ? 
_symmetry.Int_Tables_number                5 
_symmetry.space_group_name_Hall            'C 2y' 
_symmetry.space_group_name_H-M             'C 1 2 1' 
_symmetry.pdbx_full_space_group_name_H-M   ? 
# 
_exptl.absorpt_coefficient_mu     ? 
_exptl.absorpt_correction_T_max   ? 
_exptl.absorpt_correction_T_min   ? 
_exptl.absorpt_correction_type    ? 
_exptl.absorpt_process_details    ? 
_exptl.entry_id                   6EZW 
_exptl.crystals_number            1 
_exptl.details                    ? 
_exptl.method                     'X-RAY DIFFRACTION' 
_exptl.method_details             ? 
# 
_exptl_crystal.colour                      ? 
_exptl_crystal.density_diffrn              ? 
_exptl_crystal.density_Matthews            2.13 
_exptl_crystal.density_method              ? 
_exptl_crystal.density_percent_sol         42.15 
_exptl_crystal.description                 ? 
_exptl_crystal.F_000                       ? 
_exptl_crystal.id                          1 
_exptl_crystal.preparation                 ? 
_exptl_crystal.size_max                    ? 
_exptl_crystal.size_mid                    ? 
_exptl_crystal.size_min                    ? 
_exptl_crystal.size_rad                    ? 
_exptl_crystal.colour_lustre               ? 
_exptl_crystal.colour_modifier             ? 
_exptl_crystal.colour_primary              ? 
_exptl_crystal.density_meas                ? 
_exptl_crystal.density_meas_esd            ? 
_exptl_crystal.density_meas_gt             ? 
_exptl_crystal.density_meas_lt             ? 
_exptl_crystal.density_meas_temp           ? 
_exptl_crystal.density_meas_temp_esd       ? 
_exptl_crystal.density_meas_temp_gt        ? 
_exptl_crystal.density_meas_temp_lt        ? 
_exptl_crystal.pdbx_crystal_image_url      ? 
_exptl_crystal.pdbx_crystal_image_format   ? 
_exptl_crystal.pdbx_mosaicity              ? 
_exptl_crystal.pdbx_mosaicity_esd          ? 
# 
_exptl_crystal_grow.apparatus       ? 
_exptl_crystal_grow.atmosphere      ? 
_exptl_crystal_grow.crystal_id      1 
_exptl_crystal_grow.details         ? 
_exptl_crystal_grow.method          'VAPOR DIFFUSION, HANGING DROP' 
_exptl_crystal_grow.method_ref      ? 
_exptl_crystal_grow.pH              6.5 
_exptl_crystal_grow.pressure        ? 
_exptl_crystal_grow.pressure_esd    ? 
_exptl_crystal_grow.seeding         ? 
_exptl_crystal_grow.seeding_ref     ? 
_exptl_crystal_grow.temp            293.15 
_exptl_crystal_grow.temp_details    ? 
_exptl_crystal_grow.temp_esd        ? 
_exptl_crystal_grow.time            ? 
_exptl_crystal_grow.pdbx_details    
;Reservoir solution: 
0.1M MES-Imidazole pH 6.5, 0.02M Sodium formate, 0.02M Ammonium acetate, 0.02M Sodium citrate, 0.02M Sodium potassium tartrate, 0.02M Sodium oxamate, 20% v/v PEG 500MME, 10% w/v PEG 20 000
;
_exptl_crystal_grow.pdbx_pH_range   ? 
# 
_diffrn.ambient_environment    ? 
_diffrn.ambient_temp           100.0 
_diffrn.ambient_temp_details   ? 
_diffrn.ambient_temp_esd       ? 
_diffrn.crystal_id             1 
_diffrn.crystal_support        ? 
_diffrn.crystal_treatment      ? 
_diffrn.details                ? 
_diffrn.id                     1 
_diffrn.ambient_pressure       ? 
_diffrn.ambient_pressure_esd   ? 
_diffrn.ambient_pressure_gt    ? 
_diffrn.ambient_pressure_lt    ? 
_diffrn.ambient_temp_gt        ? 
_diffrn.ambient_temp_lt        ? 
# 
_diffrn_detector.details                      ? 
_diffrn_detector.detector                     CCD 
_diffrn_detector.diffrn_id                    1 
_diffrn_detector.type                         'APEX II CCD' 
_diffrn_detector.area_resol_mean              ? 
_diffrn_detector.dtime                        ? 
_diffrn_detector.pdbx_frames_total            ? 
_diffrn_detector.pdbx_collection_time_total   ? 
_diffrn_detector.pdbx_collection_date         2017-09-12 
# 
_diffrn_radiation.collimation                      ? 
_diffrn_radiation.diffrn_id                        1 
_diffrn_radiation.filter_edge                      ? 
_diffrn_radiation.inhomogeneity                    ? 
_diffrn_radiation.monochromator                    ? 
_diffrn_radiation.polarisn_norm                    ? 
_diffrn_radiation.polarisn_ratio                   ? 
_diffrn_radiation.probe                            ? 
_diffrn_radiation.type                             ? 
_diffrn_radiation.xray_symbol                      ? 
_diffrn_radiation.wavelength_id                    1 
_diffrn_radiation.pdbx_monochromatic_or_laue_m_l   M 
_diffrn_radiation.pdbx_wavelength_list             ? 
_diffrn_radiation.pdbx_wavelength                  ? 
_diffrn_radiation.pdbx_diffrn_protocol             'SINGLE WAVELENGTH' 
_diffrn_radiation.pdbx_analyzer                    ? 
_diffrn_radiation.pdbx_scattering_type             x-ray 
# 
_diffrn_radiation_wavelength.id           1 
_diffrn_radiation_wavelength.wavelength   1.54184 
_diffrn_radiation_wavelength.wt           1.0 
# 
_diffrn_source.current                     ? 
_diffrn_source.details                     ? 
_diffrn_source.diffrn_id                   1 
_diffrn_source.power                       ? 
_diffrn_source.size                        ? 
_diffrn_source.source                      'SEALED TUBE' 
_diffrn_source.target                      ? 
_diffrn_source.type                        'BRUKER IMUS MICROFOCUS' 
_diffrn_source.voltage                     ? 
_diffrn_source.take-off_angle              ? 
_diffrn_source.pdbx_wavelength_list        1.54184 
_diffrn_source.pdbx_wavelength             ? 
_diffrn_source.pdbx_synchrotron_beamline   ? 
_diffrn_source.pdbx_synchrotron_site       ? 
# 
_reflns.B_iso_Wilson_estimate            9.35381631249 
_reflns.entry_id                         6EZW 
_reflns.data_reduction_details           ? 
_reflns.data_reduction_method            ? 
_reflns.d_resolution_high                1.59842847381 
_reflns.d_resolution_low                 33.2975053523 
_reflns.details                          ? 
_reflns.limit_h_max                      ? 
_reflns.limit_h_min                      ? 
_reflns.limit_k_max                      ? 
_reflns.limit_k_min                      ? 
_reflns.limit_l_max                      ? 
_reflns.limit_l_min                      ? 
_reflns.number_all                       ? 
_reflns.number_obs                       15511 
_reflns.observed_criterion               ? 
_reflns.observed_criterion_F_max         ? 
_reflns.observed_criterion_F_min         ? 
_reflns.observed_criterion_I_max         ? 
_reflns.observed_criterion_I_min         ? 
_reflns.observed_criterion_sigma_F       ? 
_reflns.observed_criterion_sigma_I       ? 
_reflns.percent_possible_obs             98.76472461 
_reflns.R_free_details                   ? 
_reflns.Rmerge_F_all                     ? 
_reflns.Rmerge_F_obs                     ? 
_reflns.Friedel_coverage                 ? 
_reflns.number_gt                        ? 
_reflns.threshold_expression             ? 
_reflns.pdbx_redundancy                  5.21442847012 
_reflns.pdbx_Rmerge_I_obs                0.0731657786164 
_reflns.pdbx_Rmerge_I_all                ? 
_reflns.pdbx_Rsym_value                  ? 
_reflns.pdbx_netI_over_av_sigmaI         13.89 
_reflns.pdbx_netI_over_sigmaI            12.7359219637 
_reflns.pdbx_res_netI_over_av_sigmaI_2   ? 
_reflns.pdbx_res_netI_over_sigmaI_2      ? 
_reflns.pdbx_chi_squared                 ? 
_reflns.pdbx_scaling_rejects             ? 
_reflns.pdbx_d_res_high_opt              ? 
_reflns.pdbx_d_res_low_opt               ? 
_reflns.pdbx_d_res_opt_method            ? 
_reflns.phase_calculation_details        ? 
_reflns.pdbx_Rrim_I_all                  0.08065 
_reflns.pdbx_Rpim_I_all                  0.0329161383793 
_reflns.pdbx_d_opt                       ? 
_reflns.pdbx_number_measured_all         ? 
_reflns.pdbx_diffrn_id                   1 
_reflns.pdbx_ordinal                     1 
_reflns.pdbx_CC_half                     0.998 
_reflns.pdbx_R_split                     ? 
# 
loop_
_reflns_shell.d_res_high 
_reflns_shell.d_res_low 
_reflns_shell.meanI_over_sigI_all 
_reflns_shell.meanI_over_sigI_obs 
_reflns_shell.number_measured_all 
_reflns_shell.number_measured_obs 
_reflns_shell.number_possible 
_reflns_shell.number_unique_all 
_reflns_shell.number_unique_obs 
_reflns_shell.percent_possible_all 
_reflns_shell.percent_possible_obs 
_reflns_shell.Rmerge_F_all 
_reflns_shell.Rmerge_F_obs 
_reflns_shell.Rmerge_I_all 
_reflns_shell.Rmerge_I_obs 
_reflns_shell.meanI_over_sigI_gt 
_reflns_shell.meanI_over_uI_all 
_reflns_shell.meanI_over_uI_gt 
_reflns_shell.number_measured_gt 
_reflns_shell.number_unique_gt 
_reflns_shell.percent_possible_gt 
_reflns_shell.Rmerge_F_gt 
_reflns_shell.Rmerge_I_gt 
_reflns_shell.pdbx_redundancy 
_reflns_shell.pdbx_Rsym_value 
_reflns_shell.pdbx_chi_squared 
_reflns_shell.pdbx_netI_over_sigmaI_all 
_reflns_shell.pdbx_netI_over_sigmaI_obs 
_reflns_shell.pdbx_Rrim_I_all 
_reflns_shell.pdbx_Rpim_I_all 
_reflns_shell.pdbx_rejects 
_reflns_shell.pdbx_ordinal 
_reflns_shell.pdbx_diffrn_id 
_reflns_shell.pdbx_CC_half 
_reflns_shell.pdbx_R_split 
1.59842847381 1.62598903761 ? 2.0696012381  ? ? ? ? 592 ? ? ? ? ? 0.386631506086  ? ? ? ? ? ? ? ? 2.29898648649 ? ? ? ? ? ? ? 1  1 
? ? 
1.62598903761 1.65555536628 ? 2.17709194999 ? ? ? ? 773 ? ? ? ? ? 0.4781147732    ? ? ? ? ? ? ? ? 3.40620957309 ? ? ? ? ? ? ? 2  1 
? ? 
1.65555536628 1.68739668372 ? 2.75968547158 ? ? ? ? 777 ? ? ? ? ? 0.386011850482  ? ? ? ? ? ? ? ? 3.61518661519 ? ? ? ? ? ? ? 3  1 
? ? 
1.68739668372 1.72183815541 ? 3.23013031977 ? ? ? ? 779 ? ? ? ? ? 0.346486726836  ? ? ? ? ? ? ? ? 3.73940949936 ? ? ? ? ? ? ? 4  1 
? ? 
1.72183815541 1.75927569042 ? 3.84120573772 ? ? ? ? 791 ? ? ? ? ? 0.303606115429  ? ? ? ? ? ? ? ? 3.85587863464 ? ? ? ? ? ? ? 5  1 
? ? 
1.75927569042 1.80019735262 ? 4.48569976365 ? ? ? ? 757 ? ? ? ? ? 0.264951094742  ? ? ? ? ? ? ? ? 4.01453104359 ? ? ? ? ? ? ? 6  1 
? ? 
1.80019735262 1.84521334944 ? 5.2078332347  ? ? ? ? 782 ? ? ? ? ? 0.234106861573  ? ? ? ? ? ? ? ? 4.10613810742 ? ? ? ? ? ? ? 7  1 
? ? 
1.84521334944 1.89509901123 ? 5.63935466923 ? ? ? ? 785 ? ? ? ? ? 0.220193351542  ? ? ? ? ? ? ? ? 4.31974522293 ? ? ? ? ? ? ? 8  1 
? ? 
1.89509901123 1.95085803795 ? 7.66149597355 ? ? ? ? 782 ? ? ? ? ? 0.167404839099  ? ? ? ? ? ? ? ? 4.49872122762 ? ? ? ? ? ? ? 9  1 
? ? 
1.95085803795 2.01381846928 ? 8.53954154952 ? ? ? ? 782 ? ? ? ? ? 0.1545056108    ? ? ? ? ? ? ? ? 4.63043478261 ? ? ? ? ? ? ? 10 1 
? ? 
2.01381846928 2.08578365794 ? 9.59670667975 ? ? ? ? 766 ? ? ? ? ? 0.136901476473  ? ? ? ? ? ? ? ? 4.75326370757 ? ? ? ? ? ? ? 11 1 
? ? 
2.08578365794 2.16928022071 ? 11.6778501904 ? ? ? ? 798 ? ? ? ? ? 0.120282767733  ? ? ? ? ? ? ? ? 5.04511278195 ? ? ? ? ? ? ? 12 1 
? ? 
2.16928022071 2.26798715631 ? 13.8206472378 ? ? ? ? 791 ? ? ? ? ? 0.105061967572  ? ? ? ? ? ? ? ? 5.21491782554 ? ? ? ? ? ? ? 13 1 
? ? 
2.26798715631 2.38752852063 ? 16.1300308097 ? ? ? ? 790 ? ? ? ? ? 0.091426665546  ? ? ? ? ? ? ? ? 5.47088607595 ? ? ? ? ? ? ? 14 1 
? ? 
2.38752852063 2.53706533154 ? 17.614052493  ? ? ? ? 774 ? ? ? ? ? 0.0841485535318 ? ? ? ? ? ? ? ? 5.7480620155  ? ? ? ? ? ? ? 15 1 
? ? 
2.53706533154 2.73287011071 ? 22.2798820547 ? ? ? ? 784 ? ? ? ? ? 0.073343750812  ? ? ? ? ? ? ? ? 6.35714285714 ? ? ? ? ? ? ? 16 1 
? ? 
2.73287011071 3.00772812914 ? 26.0117149728 ? ? ? ? 796 ? ? ? ? ? 0.0650570341019 ? ? ? ? ? ? ? ? 6.6256281407  ? ? ? ? ? ? ? 17 1 
? ? 
3.00772812914 3.44256667886 ? 33.3655889892 ? ? ? ? 797 ? ? ? ? ? 0.0527764157393 ? ? ? ? ? ? ? ? 7.04516938519 ? ? ? ? ? ? ? 18 1 
? ? 
3.44256667886 4.33576665854 ? 41.3533056638 ? ? ? ? 797 ? ? ? ? ? 0.0448694167189 ? ? ? ? ? ? ? ? 8.12296110414 ? ? ? ? ? ? ? 19 1 
? ? 
4.33576665854 33.304715726  ? 47.9552706203 ? ? ? ? 818 ? ? ? ? ? 0.0441867891423 ? ? ? ? ? ? ? ? 10.2995110024 ? ? ? ? ? ? ? 20 1 
? ? 
# 
_refine.aniso_B[1][1]                            ? 
_refine.aniso_B[1][2]                            ? 
_refine.aniso_B[1][3]                            ? 
_refine.aniso_B[2][2]                            ? 
_refine.aniso_B[2][3]                            ? 
_refine.aniso_B[3][3]                            ? 
_refine.B_iso_max                                ? 
_refine.B_iso_mean                               14.3560089422 
_refine.B_iso_min                                ? 
_refine.correlation_coeff_Fo_to_Fc               ? 
_refine.correlation_coeff_Fo_to_Fc_free          ? 
_refine.details                                  ? 
_refine.diff_density_max                         ? 
_refine.diff_density_max_esd                     ? 
_refine.diff_density_min                         ? 
_refine.diff_density_min_esd                     ? 
_refine.diff_density_rms                         ? 
_refine.diff_density_rms_esd                     ? 
_refine.entry_id                                 6EZW 
_refine.pdbx_refine_id                           'X-RAY DIFFRACTION' 
_refine.ls_abs_structure_details                 ? 
_refine.ls_abs_structure_Flack                   ? 
_refine.ls_abs_structure_Flack_esd               ? 
_refine.ls_abs_structure_Rogers                  ? 
_refine.ls_abs_structure_Rogers_esd              ? 
_refine.ls_d_res_high                            1.59842847381 
_refine.ls_d_res_low                             33.2975053523 
_refine.ls_extinction_coef                       ? 
_refine.ls_extinction_coef_esd                   ? 
_refine.ls_extinction_expression                 ? 
_refine.ls_extinction_method                     ? 
_refine.ls_goodness_of_fit_all                   ? 
_refine.ls_goodness_of_fit_all_esd               ? 
_refine.ls_goodness_of_fit_obs                   ? 
_refine.ls_goodness_of_fit_obs_esd               ? 
_refine.ls_hydrogen_treatment                    ? 
_refine.ls_matrix_type                           ? 
_refine.ls_number_constraints                    ? 
_refine.ls_number_parameters                     ? 
_refine.ls_number_reflns_all                     ? 
_refine.ls_number_reflns_obs                     15157 
_refine.ls_number_reflns_R_free                  1517 
_refine.ls_number_reflns_R_work                  ? 
_refine.ls_number_restraints                     ? 
_refine.ls_percent_reflns_obs                    96.5106653932 
_refine.ls_percent_reflns_R_free                 10.0085768952 
_refine.ls_R_factor_all                          ? 
_refine.ls_R_factor_obs                          0.185278623977 
_refine.ls_R_factor_R_free                       0.212561347445 
_refine.ls_R_factor_R_free_error                 ? 
_refine.ls_R_factor_R_free_error_details         ? 
_refine.ls_R_factor_R_work                       0.182239424233 
_refine.ls_R_Fsqd_factor_obs                     ? 
_refine.ls_R_I_factor_obs                        ? 
_refine.ls_redundancy_reflns_all                 ? 
_refine.ls_redundancy_reflns_obs                 ? 
_refine.ls_restrained_S_all                      ? 
_refine.ls_restrained_S_obs                      ? 
_refine.ls_shift_over_esd_max                    ? 
_refine.ls_shift_over_esd_mean                   ? 
_refine.ls_structure_factor_coef                 ? 
_refine.ls_weighting_details                     ? 
_refine.ls_weighting_scheme                      ? 
_refine.ls_wR_factor_all                         ? 
_refine.ls_wR_factor_obs                         ? 
_refine.ls_wR_factor_R_free                      ? 
_refine.ls_wR_factor_R_work                      ? 
_refine.occupancy_max                            ? 
_refine.occupancy_min                            ? 
_refine.solvent_model_details                    ? 
_refine.solvent_model_param_bsol                 ? 
_refine.solvent_model_param_ksol                 ? 
_refine.ls_R_factor_gt                           ? 
_refine.ls_goodness_of_fit_gt                    ? 
_refine.ls_goodness_of_fit_ref                   ? 
_refine.ls_shift_over_su_max                     ? 
_refine.ls_shift_over_su_max_lt                  ? 
_refine.ls_shift_over_su_mean                    ? 
_refine.ls_shift_over_su_mean_lt                 ? 
_refine.pdbx_ls_sigma_I                          ? 
_refine.pdbx_ls_sigma_F                          0.0 
_refine.pdbx_ls_sigma_Fsqd                       ? 
_refine.pdbx_data_cutoff_high_absF               ? 
_refine.pdbx_data_cutoff_high_rms_absF           ? 
_refine.pdbx_data_cutoff_low_absF                ? 
_refine.pdbx_isotropic_thermal_model             ? 
_refine.pdbx_ls_cross_valid_method               'FREE R-VALUE' 
_refine.pdbx_method_to_determine_struct          'MOLECULAR REPLACEMENT' 
_refine.pdbx_starting_model                      5IMK 
_refine.pdbx_stereochemistry_target_values       ? 
_refine.pdbx_R_Free_selection_details            ? 
_refine.pdbx_stereochem_target_val_spec_case     ? 
_refine.pdbx_overall_ESU_R                       ? 
_refine.pdbx_overall_ESU_R_Free                  ? 
_refine.pdbx_solvent_vdw_probe_radii             1.11 
_refine.pdbx_solvent_ion_probe_radii             ? 
_refine.pdbx_solvent_shrinkage_radii             0.9 
_refine.pdbx_real_space_R                        ? 
_refine.pdbx_density_correlation                 ? 
_refine.pdbx_pd_number_of_powder_patterns        ? 
_refine.pdbx_pd_number_of_points                 ? 
_refine.pdbx_pd_meas_number_of_points            ? 
_refine.pdbx_pd_proc_ls_prof_R_factor            ? 
_refine.pdbx_pd_proc_ls_prof_wR_factor           ? 
_refine.pdbx_pd_Marquardt_correlation_coeff      ? 
_refine.pdbx_pd_Fsqrd_R_factor                   ? 
_refine.pdbx_pd_ls_matrix_band_width             ? 
_refine.pdbx_overall_phase_error                 21.7021064932 
_refine.pdbx_overall_SU_R_free_Cruickshank_DPI   ? 
_refine.pdbx_overall_SU_R_free_Blow_DPI          ? 
_refine.pdbx_overall_SU_R_Blow_DPI               ? 
_refine.pdbx_TLS_residual_ADP_flag               ? 
_refine.pdbx_diffrn_id                           1 
_refine.overall_SU_B                             ? 
_refine.overall_SU_ML                            0.141918750683 
_refine.overall_SU_R_Cruickshank_DPI             ? 
_refine.overall_SU_R_free                        ? 
_refine.overall_FOM_free_R_set                   ? 
_refine.overall_FOM_work_R_set                   ? 
_refine.pdbx_average_fsc_overall                 ? 
_refine.pdbx_average_fsc_work                    ? 
_refine.pdbx_average_fsc_free                    ? 
# 
_refine_hist.pdbx_refine_id                   'X-RAY DIFFRACTION' 
_refine_hist.cycle_id                         LAST 
_refine_hist.pdbx_number_atoms_protein        981 
_refine_hist.pdbx_number_atoms_nucleic_acid   0 
_refine_hist.pdbx_number_atoms_ligand         0 
_refine_hist.number_atoms_solvent             190 
_refine_hist.number_atoms_total               1171 
_refine_hist.d_res_high                       1.59842847381 
_refine_hist.d_res_low                        33.2975053523 
# 
loop_
_refine_ls_restr.pdbx_refine_id 
_refine_ls_restr.criterion 
_refine_ls_restr.dev_ideal 
_refine_ls_restr.dev_ideal_target 
_refine_ls_restr.number 
_refine_ls_restr.rejects 
_refine_ls_restr.type 
_refine_ls_restr.weight 
_refine_ls_restr.pdbx_restraint_function 
'X-RAY DIFFRACTION' ? 0.00590462819608 ? 1003 ? f_bond_d           ? ? 
'X-RAY DIFFRACTION' ? 0.822777572893   ? 1357 ? f_angle_d          ? ? 
'X-RAY DIFFRACTION' ? 0.0564492238797  ? 140  ? f_chiral_restr     ? ? 
'X-RAY DIFFRACTION' ? 0.00507859703921 ? 179  ? f_plane_restr      ? ? 
'X-RAY DIFFRACTION' ? 16.3181533076    ? 361  ? f_dihedral_angle_d ? ? 
# 
loop_
_refine_ls_shell.pdbx_refine_id 
_refine_ls_shell.d_res_high 
_refine_ls_shell.d_res_low 
_refine_ls_shell.number_reflns_all 
_refine_ls_shell.number_reflns_obs 
_refine_ls_shell.number_reflns_R_free 
_refine_ls_shell.number_reflns_R_work 
_refine_ls_shell.percent_reflns_obs 
_refine_ls_shell.percent_reflns_R_free 
_refine_ls_shell.R_factor_all 
_refine_ls_shell.R_factor_obs 
_refine_ls_shell.R_factor_R_free 
_refine_ls_shell.R_factor_R_free_error 
_refine_ls_shell.R_factor_R_work 
_refine_ls_shell.redundancy_reflns_all 
_refine_ls_shell.redundancy_reflns_obs 
_refine_ls_shell.wR_factor_all 
_refine_ls_shell.wR_factor_obs 
_refine_ls_shell.wR_factor_R_free 
_refine_ls_shell.wR_factor_R_work 
_refine_ls_shell.pdbx_total_number_of_bins_used 
_refine_ls_shell.pdbx_phase_error 
_refine_ls_shell.pdbx_fsc_work 
_refine_ls_shell.pdbx_fsc_free 
'X-RAY DIFFRACTION' 1.5984 1.65    . . 114 1029 80.2105263158 . . . 0.282524372307 . 0.278072898211 . . . . . . . . . . 
'X-RAY DIFFRACTION' 1.65   1.709   . . 138 1216 96.2331201137 . . . 0.265299424307 . 0.239578702216 . . . . . . . . . . 
'X-RAY DIFFRACTION' 1.709  1.7774  . . 136 1213 95.3356890459 . . . 0.223810469101 . 0.199641328542 . . . . . . . . . . 
'X-RAY DIFFRACTION' 1.7774 1.8583  . . 136 1237 97.169143666  . . . 0.200681545191 . 0.189142846178 . . . . . . . . . . 
'X-RAY DIFFRACTION' 1.8583 1.9563  . . 136 1248 98.0169971671 . . . 0.241287170224 . 0.181645284278 . . . . . . . . . . 
'X-RAY DIFFRACTION' 1.9563 2.0788  . . 139 1255 98.1690140845 . . . 0.19481575412  . 0.171741381766 . . . . . . . . . . 
'X-RAY DIFFRACTION' 2.0788 2.2393  . . 143 1271 99.1584852735 . . . 0.187661477433 . 0.179592465929 . . . . . . . . . . 
'X-RAY DIFFRACTION' 2.2393 2.4646  . . 141 1268 98.8771929825 . . . 0.227483989413 . 0.181960752871 . . . . . . . . . . 
'X-RAY DIFFRACTION' 2.4646 2.821   . . 142 1276 99.299719888  . . . 0.209230623673 . 0.189587074379 . . . . . . . . . . 
'X-RAY DIFFRACTION' 2.821  3.5536  . . 143 1300 99.5859213251 . . . 0.210939902512 . 0.164389171671 . . . . . . . . . . 
'X-RAY DIFFRACTION' 3.5536 33.3047 . . 149 1327 99.460916442  . . . 0.19341609832  . 0.163461381474 . . . . . . . . . . 
# 
_struct.entry_id                     6EZW 
_struct.title                        'Crystal structure of a llama VHH antibody BCD090-M2 against human ErbB3 in space group C2' 
_struct.pdbx_model_details           ? 
_struct.pdbx_formula_weight          ? 
_struct.pdbx_formula_weight_method   ? 
_struct.pdbx_model_type_details      ? 
_struct.pdbx_CASP_flag               N 
# 
_struct_keywords.entry_id        6EZW 
_struct_keywords.text            
'VHH, llama antibody, single-domain antibody, nanobody, ErbB3, Her3, receptor tyrosine kinase, IMMUNE SYSTEM' 
_struct_keywords.pdbx_keywords   'IMMUNE SYSTEM' 
# 
loop_
_struct_asym.id 
_struct_asym.pdbx_blank_PDB_chainid_flag 
_struct_asym.pdbx_modified 
_struct_asym.entity_id 
_struct_asym.details 
A N N 1 ? 
B N N 2 ? 
# 
_struct_ref.id                         1 
_struct_ref.db_name                    PDB 
_struct_ref.db_code                    6EZW 
_struct_ref.pdbx_db_accession          6EZW 
_struct_ref.pdbx_db_isoform            ? 
_struct_ref.entity_id                  1 
_struct_ref.pdbx_seq_one_letter_code   ? 
_struct_ref.pdbx_align_begin           1 
# 
_struct_ref_seq.align_id                      1 
_struct_ref_seq.ref_id                        1 
_struct_ref_seq.pdbx_PDB_id_code              6EZW 
_struct_ref_seq.pdbx_strand_id                B 
_struct_ref_seq.seq_align_beg                 1 
_struct_ref_seq.pdbx_seq_align_beg_ins_code   ? 
_struct_ref_seq.seq_align_end                 128 
_struct_ref_seq.pdbx_seq_align_end_ins_code   ? 
_struct_ref_seq.pdbx_db_accession             6EZW 
_struct_ref_seq.db_align_beg                  1 
_struct_ref_seq.pdbx_db_align_beg_ins_code    ? 
_struct_ref_seq.db_align_end                  128 
_struct_ref_seq.pdbx_db_align_end_ins_code    ? 
_struct_ref_seq.pdbx_auth_seq_align_beg       1 
_struct_ref_seq.pdbx_auth_seq_align_end       128 
# 
_pdbx_struct_assembly.id                   1 
_pdbx_struct_assembly.details              author_and_software_defined_assembly 
_pdbx_struct_assembly.method_details       PISA 
_pdbx_struct_assembly.oligomeric_details   monomeric 
_pdbx_struct_assembly.oligomeric_count     1 
# 
loop_
_pdbx_struct_assembly_prop.biol_id 
_pdbx_struct_assembly_prop.type 
_pdbx_struct_assembly_prop.value 
_pdbx_struct_assembly_prop.details 
1 'ABSA (A^2)' 0    ? 
1 MORE         0    ? 
1 'SSA (A^2)'  6610 ? 
# 
_pdbx_struct_assembly_gen.assembly_id       1 
_pdbx_struct_assembly_gen.oper_expression   1 
_pdbx_struct_assembly_gen.asym_id_list      A,B 
# 
_pdbx_struct_assembly_auth_evidence.id                     1 
_pdbx_struct_assembly_auth_evidence.assembly_id            1 
_pdbx_struct_assembly_auth_evidence.experimental_support   'gel filtration' 
_pdbx_struct_assembly_auth_evidence.details                ? 
# 
_pdbx_struct_oper_list.id                   1 
_pdbx_struct_oper_list.type                 'identity operation' 
_pdbx_struct_oper_list.name                 1_555 
_pdbx_struct_oper_list.symmetry_operation   x,y,z 
_pdbx_struct_oper_list.matrix[1][1]         1.0000000000 
_pdbx_struct_oper_list.matrix[1][2]         0.0000000000 
_pdbx_struct_oper_list.matrix[1][3]         0.0000000000 
_pdbx_struct_oper_list.vector[1]            0.0000000000 
_pdbx_struct_oper_list.matrix[2][1]         0.0000000000 
_pdbx_struct_oper_list.matrix[2][2]         1.0000000000 
_pdbx_struct_oper_list.matrix[2][3]         0.0000000000 
_pdbx_struct_oper_list.vector[2]            0.0000000000 
_pdbx_struct_oper_list.matrix[3][1]         0.0000000000 
_pdbx_struct_oper_list.matrix[3][2]         0.0000000000 
_pdbx_struct_oper_list.matrix[3][3]         1.0000000000 
_pdbx_struct_oper_list.vector[3]            0.0000000000 
# 
loop_
_struct_conf.conf_type_id 
_struct_conf.id 
_struct_conf.pdbx_PDB_helix_id 
_struct_conf.beg_label_comp_id 
_struct_conf.beg_label_asym_id 
_struct_conf.beg_label_seq_id 
_struct_conf.pdbx_beg_PDB_ins_code 
_struct_conf.end_label_comp_id 
_struct_conf.end_label_asym_id 
_struct_conf.end_label_seq_id 
_struct_conf.pdbx_end_PDB_ins_code 
_struct_conf.beg_auth_comp_id 
_struct_conf.beg_auth_asym_id 
_struct_conf.beg_auth_seq_id 
_struct_conf.end_auth_comp_id 
_struct_conf.end_auth_asym_id 
_struct_conf.end_auth_seq_id 
_struct_conf.pdbx_PDB_helix_class 
_struct_conf.details 
_struct_conf.pdbx_PDB_helix_length 
HELX_P HELX_P1 AA1 THR A 29  ? SER A 31  ? THR B 29  SER B 31  5 ? 3 
HELX_P HELX_P2 AA2 LYS A 88  ? THR A 92  ? LYS B 88  THR B 92  5 ? 5 
HELX_P HELX_P3 AA3 SER A 111 ? TYR A 115 ? SER B 111 TYR B 115 5 ? 5 
# 
_struct_conf_type.id          HELX_P 
_struct_conf_type.criteria    ? 
_struct_conf_type.reference   ? 
# 
_struct_conn.id                            disulf1 
_struct_conn.conn_type_id                  disulf 
_struct_conn.pdbx_leaving_atom_flag        ? 
_struct_conn.pdbx_PDB_id                   ? 
_struct_conn.ptnr1_label_asym_id           A 
_struct_conn.ptnr1_label_comp_id           CYS 
_struct_conn.ptnr1_label_seq_id            23 
_struct_conn.ptnr1_label_atom_id           SG 
_struct_conn.pdbx_ptnr1_label_alt_id       ? 
_struct_conn.pdbx_ptnr1_PDB_ins_code       ? 
_struct_conn.pdbx_ptnr1_standard_comp_id   ? 
_struct_conn.ptnr1_symmetry                1_555 
_struct_conn.ptnr2_label_asym_id           A 
_struct_conn.ptnr2_label_comp_id           CYS 
_struct_conn.ptnr2_label_seq_id            97 
_struct_conn.ptnr2_label_atom_id           SG 
_struct_conn.pdbx_ptnr2_label_alt_id       ? 
_struct_conn.pdbx_ptnr2_PDB_ins_code       ? 
_struct_conn.ptnr1_auth_asym_id            B 
_struct_conn.ptnr1_auth_comp_id            CYS 
_struct_conn.ptnr1_auth_seq_id             23 
_struct_conn.ptnr2_auth_asym_id            B 
_struct_conn.ptnr2_auth_comp_id            CYS 
_struct_conn.ptnr2_auth_seq_id             97 
_struct_conn.ptnr2_symmetry                1_555 
_struct_conn.pdbx_ptnr3_label_atom_id      ? 
_struct_conn.pdbx_ptnr3_label_seq_id       ? 
_struct_conn.pdbx_ptnr3_label_comp_id      ? 
_struct_conn.pdbx_ptnr3_label_asym_id      ? 
_struct_conn.pdbx_ptnr3_label_alt_id       ? 
_struct_conn.pdbx_ptnr3_PDB_ins_code       ? 
_struct_conn.details                       ? 
_struct_conn.pdbx_dist_value               2.047 
_struct_conn.pdbx_value_order              ? 
_struct_conn.pdbx_role                     ? 
# 
_struct_conn_type.id          disulf 
_struct_conn_type.criteria    ? 
_struct_conn_type.reference   ? 
# 
_pdbx_modification_feature.ordinal                            1 
_pdbx_modification_feature.label_comp_id                      CYS 
_pdbx_modification_feature.label_asym_id                      A 
_pdbx_modification_feature.label_seq_id                       23 
_pdbx_modification_feature.label_alt_id                       ? 
_pdbx_modification_feature.modified_residue_label_comp_id     CYS 
_pdbx_modification_feature.modified_residue_label_asym_id     A 
_pdbx_modification_feature.modified_residue_label_seq_id      97 
_pdbx_modification_feature.modified_residue_label_alt_id      ? 
_pdbx_modification_feature.auth_comp_id                       CYS 
_pdbx_modification_feature.auth_asym_id                       B 
_pdbx_modification_feature.auth_seq_id                        23 
_pdbx_modification_feature.PDB_ins_code                       ? 
_pdbx_modification_feature.symmetry                           1_555 
_pdbx_modification_feature.modified_residue_auth_comp_id      CYS 
_pdbx_modification_feature.modified_residue_auth_asym_id      B 
_pdbx_modification_feature.modified_residue_auth_seq_id       97 
_pdbx_modification_feature.modified_residue_PDB_ins_code      ? 
_pdbx_modification_feature.modified_residue_symmetry          1_555 
_pdbx_modification_feature.comp_id_linking_atom               SG 
_pdbx_modification_feature.modified_residue_id_linking_atom   SG 
_pdbx_modification_feature.modified_residue_id                . 
_pdbx_modification_feature.ref_pcm_id                         . 
_pdbx_modification_feature.ref_comp_id                        . 
_pdbx_modification_feature.type                               None 
_pdbx_modification_feature.category                           'Disulfide bridge' 
# 
_struct_mon_prot_cis.pdbx_id                1 
_struct_mon_prot_cis.label_comp_id          TRP 
_struct_mon_prot_cis.label_seq_id           107 
_struct_mon_prot_cis.label_asym_id          A 
_struct_mon_prot_cis.label_alt_id           . 
_struct_mon_prot_cis.pdbx_PDB_ins_code      ? 
_struct_mon_prot_cis.auth_comp_id           TRP 
_struct_mon_prot_cis.auth_seq_id            107 
_struct_mon_prot_cis.auth_asym_id           B 
_struct_mon_prot_cis.pdbx_label_comp_id_2   PRO 
_struct_mon_prot_cis.pdbx_label_seq_id_2    108 
_struct_mon_prot_cis.pdbx_label_asym_id_2   A 
_struct_mon_prot_cis.pdbx_PDB_ins_code_2    ? 
_struct_mon_prot_cis.pdbx_auth_comp_id_2    PRO 
_struct_mon_prot_cis.pdbx_auth_seq_id_2     108 
_struct_mon_prot_cis.pdbx_auth_asym_id_2    B 
_struct_mon_prot_cis.pdbx_PDB_model_num     1 
_struct_mon_prot_cis.pdbx_omega_angle       -5.70 
# 
loop_
_struct_sheet.id 
_struct_sheet.type 
_struct_sheet.number_strands 
_struct_sheet.details 
AA1 ? 4 ? 
AA2 ? 6 ? 
AA3 ? 4 ? 
# 
loop_
_struct_sheet_order.sheet_id 
_struct_sheet_order.range_id_1 
_struct_sheet_order.range_id_2 
_struct_sheet_order.offset 
_struct_sheet_order.sense 
AA1 1 2 ? anti-parallel 
AA1 2 3 ? anti-parallel 
AA1 3 4 ? anti-parallel 
AA2 1 2 ? parallel      
AA2 2 3 ? anti-parallel 
AA2 3 4 ? anti-parallel 
AA2 4 5 ? anti-parallel 
AA2 5 6 ? anti-parallel 
AA3 1 2 ? parallel      
AA3 2 3 ? anti-parallel 
AA3 3 4 ? anti-parallel 
# 
loop_
_struct_sheet_range.sheet_id 
_struct_sheet_range.id 
_struct_sheet_range.beg_label_comp_id 
_struct_sheet_range.beg_label_asym_id 
_struct_sheet_range.beg_label_seq_id 
_struct_sheet_range.pdbx_beg_PDB_ins_code 
_struct_sheet_range.end_label_comp_id 
_struct_sheet_range.end_label_asym_id 
_struct_sheet_range.end_label_seq_id 
_struct_sheet_range.pdbx_end_PDB_ins_code 
_struct_sheet_range.beg_auth_comp_id 
_struct_sheet_range.beg_auth_asym_id 
_struct_sheet_range.beg_auth_seq_id 
_struct_sheet_range.end_auth_comp_id 
_struct_sheet_range.end_auth_asym_id 
_struct_sheet_range.end_auth_seq_id 
AA1 1 GLN A 4   ? SER A 8   ? GLN B 4   SER B 8   
AA1 2 LEU A 19  ? SER A 26  ? LEU B 19  SER B 26  
AA1 3 THR A 79  ? MET A 84  ? THR B 79  MET B 84  
AA1 4 PHE A 69  ? ASP A 74  ? PHE B 69  ASP B 74  
AA2 1 GLY A 11  ? GLN A 14  ? GLY B 11  GLN B 14  
AA2 2 THR A 122 ? SER A 127 ? THR B 122 SER B 127 
AA2 3 ALA A 93  ? LEU A 101 ? ALA B 93  LEU B 101 
AA2 4 TYR A 33  ? GLN A 40  ? TYR B 33  GLN B 40  
AA2 5 GLU A 47  ? ASN A 52  ? GLU B 47  ASN B 52  
AA2 6 ASP A 60  ? ILE A 61  ? ASP B 60  ILE B 61  
AA3 1 GLY A 11  ? GLN A 14  ? GLY B 11  GLN B 14  
AA3 2 THR A 122 ? SER A 127 ? THR B 122 SER B 127 
AA3 3 ALA A 93  ? LEU A 101 ? ALA B 93  LEU B 101 
AA3 4 TYR A 117 ? TRP A 118 ? TYR B 117 TRP B 118 
# 
loop_
_pdbx_struct_sheet_hbond.sheet_id 
_pdbx_struct_sheet_hbond.range_id_1 
_pdbx_struct_sheet_hbond.range_id_2 
_pdbx_struct_sheet_hbond.range_1_label_atom_id 
_pdbx_struct_sheet_hbond.range_1_label_comp_id 
_pdbx_struct_sheet_hbond.range_1_label_asym_id 
_pdbx_struct_sheet_hbond.range_1_label_seq_id 
_pdbx_struct_sheet_hbond.range_1_PDB_ins_code 
_pdbx_struct_sheet_hbond.range_1_auth_atom_id 
_pdbx_struct_sheet_hbond.range_1_auth_comp_id 
_pdbx_struct_sheet_hbond.range_1_auth_asym_id 
_pdbx_struct_sheet_hbond.range_1_auth_seq_id 
_pdbx_struct_sheet_hbond.range_2_label_atom_id 
_pdbx_struct_sheet_hbond.range_2_label_comp_id 
_pdbx_struct_sheet_hbond.range_2_label_asym_id 
_pdbx_struct_sheet_hbond.range_2_label_seq_id 
_pdbx_struct_sheet_hbond.range_2_PDB_ins_code 
_pdbx_struct_sheet_hbond.range_2_auth_atom_id 
_pdbx_struct_sheet_hbond.range_2_auth_comp_id 
_pdbx_struct_sheet_hbond.range_2_auth_asym_id 
_pdbx_struct_sheet_hbond.range_2_auth_seq_id 
AA1 1 2 N VAL A 6   ? N VAL B 6   O ALA A 24  ? O ALA B 24  
AA1 2 3 N LEU A 19  ? N LEU B 19  O MET A 84  ? O MET B 84  
AA1 3 4 O TYR A 81  ? O TYR B 81  N SER A 72  ? N SER B 72  
AA2 1 2 N VAL A 13  ? N VAL B 13  O SER A 127 ? O SER B 127 
AA2 2 3 O THR A 122 ? O THR B 122 N TYR A 95  ? N TYR B 95  
AA2 3 4 O TYR A 96  ? O TYR B 96  N PHE A 38  ? N PHE B 38  
AA2 4 5 N TRP A 37  ? N TRP B 37  O ALA A 50  ? O ALA B 50  
AA2 5 6 N ALA A 51  ? N ALA B 51  O ASP A 60  ? O ASP B 60  
AA3 1 2 N VAL A 13  ? N VAL B 13  O SER A 127 ? O SER B 127 
AA3 2 3 O THR A 122 ? O THR B 122 N TYR A 95  ? N TYR B 95  
AA3 3 4 N ALA A 99  ? N ALA B 99  O TYR A 117 ? O TYR B 117 
# 
_pdbx_entry_details.entry_id                   6EZW 
_pdbx_entry_details.compound_details           ? 
_pdbx_entry_details.source_details             ? 
_pdbx_entry_details.nonpolymer_details         ? 
_pdbx_entry_details.sequence_details           ? 
_pdbx_entry_details.has_ligand_of_interest     ? 
_pdbx_entry_details.has_protein_modification   Y 
# 
loop_
_pdbx_validate_close_contact.id 
_pdbx_validate_close_contact.PDB_model_num 
_pdbx_validate_close_contact.auth_atom_id_1 
_pdbx_validate_close_contact.auth_asym_id_1 
_pdbx_validate_close_contact.auth_comp_id_1 
_pdbx_validate_close_contact.auth_seq_id_1 
_pdbx_validate_close_contact.PDB_ins_code_1 
_pdbx_validate_close_contact.label_alt_id_1 
_pdbx_validate_close_contact.auth_atom_id_2 
_pdbx_validate_close_contact.auth_asym_id_2 
_pdbx_validate_close_contact.auth_comp_id_2 
_pdbx_validate_close_contact.auth_seq_id_2 
_pdbx_validate_close_contact.PDB_ins_code_2 
_pdbx_validate_close_contact.label_alt_id_2 
_pdbx_validate_close_contact.dist 
1  1 O   B HOH 214 ? ? O B HOH 257 ? ? 1.97 
2  1 O   B GLY 1   ? ? O B HOH 201 ? ? 1.98 
3  1 O   B GLY 27  ? ? O B HOH 202 ? ? 2.02 
4  1 O   B HOH 303 ? ? O B HOH 376 ? ? 2.05 
5  1 O   B HOH 241 ? ? O B HOH 326 ? ? 2.06 
6  1 O   B HOH 277 ? ? O B HOH 389 ? ? 2.08 
7  1 O   B HOH 320 ? ? O B HOH 388 ? ? 2.09 
8  1 O   B HOH 214 ? ? O B HOH 217 ? ? 2.10 
9  1 N   B GLY 1   ? ? O B HOH 203 ? ? 2.12 
10 1 OE1 B GLN 109 ? ? O B HOH 204 ? ? 2.14 
11 1 O   B HOH 288 ? ? O B HOH 369 ? ? 2.15 
12 1 O   B HOH 299 ? ? O B HOH 360 ? ? 2.15 
13 1 O   B HOH 245 ? ? O B HOH 339 ? ? 2.18 
# 
loop_
_pdbx_validate_symm_contact.id 
_pdbx_validate_symm_contact.PDB_model_num 
_pdbx_validate_symm_contact.auth_atom_id_1 
_pdbx_validate_symm_contact.auth_asym_id_1 
_pdbx_validate_symm_contact.auth_comp_id_1 
_pdbx_validate_symm_contact.auth_seq_id_1 
_pdbx_validate_symm_contact.PDB_ins_code_1 
_pdbx_validate_symm_contact.label_alt_id_1 
_pdbx_validate_symm_contact.site_symmetry_1 
_pdbx_validate_symm_contact.auth_atom_id_2 
_pdbx_validate_symm_contact.auth_asym_id_2 
_pdbx_validate_symm_contact.auth_comp_id_2 
_pdbx_validate_symm_contact.auth_seq_id_2 
_pdbx_validate_symm_contact.PDB_ins_code_2 
_pdbx_validate_symm_contact.label_alt_id_2 
_pdbx_validate_symm_contact.site_symmetry_2 
_pdbx_validate_symm_contact.dist 
1 1 O B HOH 371 ? ? 1_555 O B HOH 385 ? ? 3_545 2.00 
2 1 O B HOH 212 ? ? 1_555 O B HOH 360 ? ? 4_456 2.06 
3 1 O B HOH 323 ? ? 1_555 O B HOH 359 ? ? 4_446 2.19 
# 
loop_
_pdbx_validate_torsion.id 
_pdbx_validate_torsion.PDB_model_num 
_pdbx_validate_torsion.auth_comp_id 
_pdbx_validate_torsion.auth_asym_id 
_pdbx_validate_torsion.auth_seq_id 
_pdbx_validate_torsion.PDB_ins_code 
_pdbx_validate_torsion.label_alt_id 
_pdbx_validate_torsion.phi 
_pdbx_validate_torsion.psi 
1 1 THR B 29 ? ? 60.15  73.46  
2 1 ALA B 93 ? ? 179.44 167.02 
# 
loop_
_space_group_symop.id 
_space_group_symop.operation_xyz 
1 x,y,z           
2 -x,y,-z         
3 x+1/2,y+1/2,z   
4 -x+1/2,y+1/2,-z 
# 
loop_
_chem_comp_atom.comp_id 
_chem_comp_atom.atom_id 
_chem_comp_atom.type_symbol 
_chem_comp_atom.pdbx_aromatic_flag 
_chem_comp_atom.pdbx_stereo_config 
_chem_comp_atom.pdbx_ordinal 
ALA N    N N N 1   
ALA CA   C N S 2   
ALA C    C N N 3   
ALA O    O N N 4   
ALA CB   C N N 5   
ALA OXT  O N N 6   
ALA H    H N N 7   
ALA H2   H N N 8   
ALA HA   H N N 9   
ALA HB1  H N N 10  
ALA HB2  H N N 11  
ALA HB3  H N N 12  
ALA HXT  H N N 13  
ARG N    N N N 14  
ARG CA   C N S 15  
ARG C    C N N 16  
ARG O    O N N 17  
ARG CB   C N N 18  
ARG CG   C N N 19  
ARG CD   C N N 20  
ARG NE   N N N 21  
ARG CZ   C N N 22  
ARG NH1  N N N 23  
ARG NH2  N N N 24  
ARG OXT  O N N 25  
ARG H    H N N 26  
ARG H2   H N N 27  
ARG HA   H N N 28  
ARG HB2  H N N 29  
ARG HB3  H N N 30  
ARG HG2  H N N 31  
ARG HG3  H N N 32  
ARG HD2  H N N 33  
ARG HD3  H N N 34  
ARG HE   H N N 35  
ARG HH11 H N N 36  
ARG HH12 H N N 37  
ARG HH21 H N N 38  
ARG HH22 H N N 39  
ARG HXT  H N N 40  
ASN N    N N N 41  
ASN CA   C N S 42  
ASN C    C N N 43  
ASN O    O N N 44  
ASN CB   C N N 45  
ASN CG   C N N 46  
ASN OD1  O N N 47  
ASN ND2  N N N 48  
ASN OXT  O N N 49  
ASN H    H N N 50  
ASN H2   H N N 51  
ASN HA   H N N 52  
ASN HB2  H N N 53  
ASN HB3  H N N 54  
ASN HD21 H N N 55  
ASN HD22 H N N 56  
ASN HXT  H N N 57  
ASP N    N N N 58  
ASP CA   C N S 59  
ASP C    C N N 60  
ASP O    O N N 61  
ASP CB   C N N 62  
ASP CG   C N N 63  
ASP OD1  O N N 64  
ASP OD2  O N N 65  
ASP OXT  O N N 66  
ASP H    H N N 67  
ASP H2   H N N 68  
ASP HA   H N N 69  
ASP HB2  H N N 70  
ASP HB3  H N N 71  
ASP HD2  H N N 72  
ASP HXT  H N N 73  
CYS N    N N N 74  
CYS CA   C N R 75  
CYS C    C N N 76  
CYS O    O N N 77  
CYS CB   C N N 78  
CYS SG   S N N 79  
CYS OXT  O N N 80  
CYS H    H N N 81  
CYS H2   H N N 82  
CYS HA   H N N 83  
CYS HB2  H N N 84  
CYS HB3  H N N 85  
CYS HG   H N N 86  
CYS HXT  H N N 87  
GLN N    N N N 88  
GLN CA   C N S 89  
GLN C    C N N 90  
GLN O    O N N 91  
GLN CB   C N N 92  
GLN CG   C N N 93  
GLN CD   C N N 94  
GLN OE1  O N N 95  
GLN NE2  N N N 96  
GLN OXT  O N N 97  
GLN H    H N N 98  
GLN H2   H N N 99  
GLN HA   H N N 100 
GLN HB2  H N N 101 
GLN HB3  H N N 102 
GLN HG2  H N N 103 
GLN HG3  H N N 104 
GLN HE21 H N N 105 
GLN HE22 H N N 106 
GLN HXT  H N N 107 
GLU N    N N N 108 
GLU CA   C N S 109 
GLU C    C N N 110 
GLU O    O N N 111 
GLU CB   C N N 112 
GLU CG   C N N 113 
GLU CD   C N N 114 
GLU OE1  O N N 115 
GLU OE2  O N N 116 
GLU OXT  O N N 117 
GLU H    H N N 118 
GLU H2   H N N 119 
GLU HA   H N N 120 
GLU HB2  H N N 121 
GLU HB3  H N N 122 
GLU HG2  H N N 123 
GLU HG3  H N N 124 
GLU HE2  H N N 125 
GLU HXT  H N N 126 
GLY N    N N N 127 
GLY CA   C N N 128 
GLY C    C N N 129 
GLY O    O N N 130 
GLY OXT  O N N 131 
GLY H    H N N 132 
GLY H2   H N N 133 
GLY HA2  H N N 134 
GLY HA3  H N N 135 
GLY HXT  H N N 136 
HOH O    O N N 137 
HOH H1   H N N 138 
HOH H2   H N N 139 
ILE N    N N N 140 
ILE CA   C N S 141 
ILE C    C N N 142 
ILE O    O N N 143 
ILE CB   C N S 144 
ILE CG1  C N N 145 
ILE CG2  C N N 146 
ILE CD1  C N N 147 
ILE OXT  O N N 148 
ILE H    H N N 149 
ILE H2   H N N 150 
ILE HA   H N N 151 
ILE HB   H N N 152 
ILE HG12 H N N 153 
ILE HG13 H N N 154 
ILE HG21 H N N 155 
ILE HG22 H N N 156 
ILE HG23 H N N 157 
ILE HD11 H N N 158 
ILE HD12 H N N 159 
ILE HD13 H N N 160 
ILE HXT  H N N 161 
LEU N    N N N 162 
LEU CA   C N S 163 
LEU C    C N N 164 
LEU O    O N N 165 
LEU CB   C N N 166 
LEU CG   C N N 167 
LEU CD1  C N N 168 
LEU CD2  C N N 169 
LEU OXT  O N N 170 
LEU H    H N N 171 
LEU H2   H N N 172 
LEU HA   H N N 173 
LEU HB2  H N N 174 
LEU HB3  H N N 175 
LEU HG   H N N 176 
LEU HD11 H N N 177 
LEU HD12 H N N 178 
LEU HD13 H N N 179 
LEU HD21 H N N 180 
LEU HD22 H N N 181 
LEU HD23 H N N 182 
LEU HXT  H N N 183 
LYS N    N N N 184 
LYS CA   C N S 185 
LYS C    C N N 186 
LYS O    O N N 187 
LYS CB   C N N 188 
LYS CG   C N N 189 
LYS CD   C N N 190 
LYS CE   C N N 191 
LYS NZ   N N N 192 
LYS OXT  O N N 193 
LYS H    H N N 194 
LYS H2   H N N 195 
LYS HA   H N N 196 
LYS HB2  H N N 197 
LYS HB3  H N N 198 
LYS HG2  H N N 199 
LYS HG3  H N N 200 
LYS HD2  H N N 201 
LYS HD3  H N N 202 
LYS HE2  H N N 203 
LYS HE3  H N N 204 
LYS HZ1  H N N 205 
LYS HZ2  H N N 206 
LYS HZ3  H N N 207 
LYS HXT  H N N 208 
MET N    N N N 209 
MET CA   C N S 210 
MET C    C N N 211 
MET O    O N N 212 
MET CB   C N N 213 
MET CG   C N N 214 
MET SD   S N N 215 
MET CE   C N N 216 
MET OXT  O N N 217 
MET H    H N N 218 
MET H2   H N N 219 
MET HA   H N N 220 
MET HB2  H N N 221 
MET HB3  H N N 222 
MET HG2  H N N 223 
MET HG3  H N N 224 
MET HE1  H N N 225 
MET HE2  H N N 226 
MET HE3  H N N 227 
MET HXT  H N N 228 
PHE N    N N N 229 
PHE CA   C N S 230 
PHE C    C N N 231 
PHE O    O N N 232 
PHE CB   C N N 233 
PHE CG   C Y N 234 
PHE CD1  C Y N 235 
PHE CD2  C Y N 236 
PHE CE1  C Y N 237 
PHE CE2  C Y N 238 
PHE CZ   C Y N 239 
PHE OXT  O N N 240 
PHE H    H N N 241 
PHE H2   H N N 242 
PHE HA   H N N 243 
PHE HB2  H N N 244 
PHE HB3  H N N 245 
PHE HD1  H N N 246 
PHE HD2  H N N 247 
PHE HE1  H N N 248 
PHE HE2  H N N 249 
PHE HZ   H N N 250 
PHE HXT  H N N 251 
PRO N    N N N 252 
PRO CA   C N S 253 
PRO C    C N N 254 
PRO O    O N N 255 
PRO CB   C N N 256 
PRO CG   C N N 257 
PRO CD   C N N 258 
PRO OXT  O N N 259 
PRO H    H N N 260 
PRO HA   H N N 261 
PRO HB2  H N N 262 
PRO HB3  H N N 263 
PRO HG2  H N N 264 
PRO HG3  H N N 265 
PRO HD2  H N N 266 
PRO HD3  H N N 267 
PRO HXT  H N N 268 
SER N    N N N 269 
SER CA   C N S 270 
SER C    C N N 271 
SER O    O N N 272 
SER CB   C N N 273 
SER OG   O N N 274 
SER OXT  O N N 275 
SER H    H N N 276 
SER H2   H N N 277 
SER HA   H N N 278 
SER HB2  H N N 279 
SER HB3  H N N 280 
SER HG   H N N 281 
SER HXT  H N N 282 
THR N    N N N 283 
THR CA   C N S 284 
THR C    C N N 285 
THR O    O N N 286 
THR CB   C N R 287 
THR OG1  O N N 288 
THR CG2  C N N 289 
THR OXT  O N N 290 
THR H    H N N 291 
THR H2   H N N 292 
THR HA   H N N 293 
THR HB   H N N 294 
THR HG1  H N N 295 
THR HG21 H N N 296 
THR HG22 H N N 297 
THR HG23 H N N 298 
THR HXT  H N N 299 
TRP N    N N N 300 
TRP CA   C N S 301 
TRP C    C N N 302 
TRP O    O N N 303 
TRP CB   C N N 304 
TRP CG   C Y N 305 
TRP CD1  C Y N 306 
TRP CD2  C Y N 307 
TRP NE1  N Y N 308 
TRP CE2  C Y N 309 
TRP CE3  C Y N 310 
TRP CZ2  C Y N 311 
TRP CZ3  C Y N 312 
TRP CH2  C Y N 313 
TRP OXT  O N N 314 
TRP H    H N N 315 
TRP H2   H N N 316 
TRP HA   H N N 317 
TRP HB2  H N N 318 
TRP HB3  H N N 319 
TRP HD1  H N N 320 
TRP HE1  H N N 321 
TRP HE3  H N N 322 
TRP HZ2  H N N 323 
TRP HZ3  H N N 324 
TRP HH2  H N N 325 
TRP HXT  H N N 326 
TYR N    N N N 327 
TYR CA   C N S 328 
TYR C    C N N 329 
TYR O    O N N 330 
TYR CB   C N N 331 
TYR CG   C Y N 332 
TYR CD1  C Y N 333 
TYR CD2  C Y N 334 
TYR CE1  C Y N 335 
TYR CE2  C Y N 336 
TYR CZ   C Y N 337 
TYR OH   O N N 338 
TYR OXT  O N N 339 
TYR H    H N N 340 
TYR H2   H N N 341 
TYR HA   H N N 342 
TYR HB2  H N N 343 
TYR HB3  H N N 344 
TYR HD1  H N N 345 
TYR HD2  H N N 346 
TYR HE1  H N N 347 
TYR HE2  H N N 348 
TYR HH   H N N 349 
TYR HXT  H N N 350 
VAL N    N N N 351 
VAL CA   C N S 352 
VAL C    C N N 353 
VAL O    O N N 354 
VAL CB   C N N 355 
VAL CG1  C N N 356 
VAL CG2  C N N 357 
VAL OXT  O N N 358 
VAL H    H N N 359 
VAL H2   H N N 360 
VAL HA   H N N 361 
VAL HB   H N N 362 
VAL HG11 H N N 363 
VAL HG12 H N N 364 
VAL HG13 H N N 365 
VAL HG21 H N N 366 
VAL HG22 H N N 367 
VAL HG23 H N N 368 
VAL HXT  H N N 369 
# 
loop_
_chem_comp_bond.comp_id 
_chem_comp_bond.atom_id_1 
_chem_comp_bond.atom_id_2 
_chem_comp_bond.value_order 
_chem_comp_bond.pdbx_aromatic_flag 
_chem_comp_bond.pdbx_stereo_config 
_chem_comp_bond.pdbx_ordinal 
ALA N   CA   sing N N 1   
ALA N   H    sing N N 2   
ALA N   H2   sing N N 3   
ALA CA  C    sing N N 4   
ALA CA  CB   sing N N 5   
ALA CA  HA   sing N N 6   
ALA C   O    doub N N 7   
ALA C   OXT  sing N N 8   
ALA CB  HB1  sing N N 9   
ALA CB  HB2  sing N N 10  
ALA CB  HB3  sing N N 11  
ALA OXT HXT  sing N N 12  
ARG N   CA   sing N N 13  
ARG N   H    sing N N 14  
ARG N   H2   sing N N 15  
ARG CA  C    sing N N 16  
ARG CA  CB   sing N N 17  
ARG CA  HA   sing N N 18  
ARG C   O    doub N N 19  
ARG C   OXT  sing N N 20  
ARG CB  CG   sing N N 21  
ARG CB  HB2  sing N N 22  
ARG CB  HB3  sing N N 23  
ARG CG  CD   sing N N 24  
ARG CG  HG2  sing N N 25  
ARG CG  HG3  sing N N 26  
ARG CD  NE   sing N N 27  
ARG CD  HD2  sing N N 28  
ARG CD  HD3  sing N N 29  
ARG NE  CZ   sing N N 30  
ARG NE  HE   sing N N 31  
ARG CZ  NH1  sing N N 32  
ARG CZ  NH2  doub N N 33  
ARG NH1 HH11 sing N N 34  
ARG NH1 HH12 sing N N 35  
ARG NH2 HH21 sing N N 36  
ARG NH2 HH22 sing N N 37  
ARG OXT HXT  sing N N 38  
ASN N   CA   sing N N 39  
ASN N   H    sing N N 40  
ASN N   H2   sing N N 41  
ASN CA  C    sing N N 42  
ASN CA  CB   sing N N 43  
ASN CA  HA   sing N N 44  
ASN C   O    doub N N 45  
ASN C   OXT  sing N N 46  
ASN CB  CG   sing N N 47  
ASN CB  HB2  sing N N 48  
ASN CB  HB3  sing N N 49  
ASN CG  OD1  doub N N 50  
ASN CG  ND2  sing N N 51  
ASN ND2 HD21 sing N N 52  
ASN ND2 HD22 sing N N 53  
ASN OXT HXT  sing N N 54  
ASP N   CA   sing N N 55  
ASP N   H    sing N N 56  
ASP N   H2   sing N N 57  
ASP CA  C    sing N N 58  
ASP CA  CB   sing N N 59  
ASP CA  HA   sing N N 60  
ASP C   O    doub N N 61  
ASP C   OXT  sing N N 62  
ASP CB  CG   sing N N 63  
ASP CB  HB2  sing N N 64  
ASP CB  HB3  sing N N 65  
ASP CG  OD1  doub N N 66  
ASP CG  OD2  sing N N 67  
ASP OD2 HD2  sing N N 68  
ASP OXT HXT  sing N N 69  
CYS N   CA   sing N N 70  
CYS N   H    sing N N 71  
CYS N   H2   sing N N 72  
CYS CA  C    sing N N 73  
CYS CA  CB   sing N N 74  
CYS CA  HA   sing N N 75  
CYS C   O    doub N N 76  
CYS C   OXT  sing N N 77  
CYS CB  SG   sing N N 78  
CYS CB  HB2  sing N N 79  
CYS CB  HB3  sing N N 80  
CYS SG  HG   sing N N 81  
CYS OXT HXT  sing N N 82  
GLN N   CA   sing N N 83  
GLN N   H    sing N N 84  
GLN N   H2   sing N N 85  
GLN CA  C    sing N N 86  
GLN CA  CB   sing N N 87  
GLN CA  HA   sing N N 88  
GLN C   O    doub N N 89  
GLN C   OXT  sing N N 90  
GLN CB  CG   sing N N 91  
GLN CB  HB2  sing N N 92  
GLN CB  HB3  sing N N 93  
GLN CG  CD   sing N N 94  
GLN CG  HG2  sing N N 95  
GLN CG  HG3  sing N N 96  
GLN CD  OE1  doub N N 97  
GLN CD  NE2  sing N N 98  
GLN NE2 HE21 sing N N 99  
GLN NE2 HE22 sing N N 100 
GLN OXT HXT  sing N N 101 
GLU N   CA   sing N N 102 
GLU N   H    sing N N 103 
GLU N   H2   sing N N 104 
GLU CA  C    sing N N 105 
GLU CA  CB   sing N N 106 
GLU CA  HA   sing N N 107 
GLU C   O    doub N N 108 
GLU C   OXT  sing N N 109 
GLU CB  CG   sing N N 110 
GLU CB  HB2  sing N N 111 
GLU CB  HB3  sing N N 112 
GLU CG  CD   sing N N 113 
GLU CG  HG2  sing N N 114 
GLU CG  HG3  sing N N 115 
GLU CD  OE1  doub N N 116 
GLU CD  OE2  sing N N 117 
GLU OE2 HE2  sing N N 118 
GLU OXT HXT  sing N N 119 
GLY N   CA   sing N N 120 
GLY N   H    sing N N 121 
GLY N   H2   sing N N 122 
GLY CA  C    sing N N 123 
GLY CA  HA2  sing N N 124 
GLY CA  HA3  sing N N 125 
GLY C   O    doub N N 126 
GLY C   OXT  sing N N 127 
GLY OXT HXT  sing N N 128 
HOH O   H1   sing N N 129 
HOH O   H2   sing N N 130 
ILE N   CA   sing N N 131 
ILE N   H    sing N N 132 
ILE N   H2   sing N N 133 
ILE CA  C    sing N N 134 
ILE CA  CB   sing N N 135 
ILE CA  HA   sing N N 136 
ILE C   O    doub N N 137 
ILE C   OXT  sing N N 138 
ILE CB  CG1  sing N N 139 
ILE CB  CG2  sing N N 140 
ILE CB  HB   sing N N 141 
ILE CG1 CD1  sing N N 142 
ILE CG1 HG12 sing N N 143 
ILE CG1 HG13 sing N N 144 
ILE CG2 HG21 sing N N 145 
ILE CG2 HG22 sing N N 146 
ILE CG2 HG23 sing N N 147 
ILE CD1 HD11 sing N N 148 
ILE CD1 HD12 sing N N 149 
ILE CD1 HD13 sing N N 150 
ILE OXT HXT  sing N N 151 
LEU N   CA   sing N N 152 
LEU N   H    sing N N 153 
LEU N   H2   sing N N 154 
LEU CA  C    sing N N 155 
LEU CA  CB   sing N N 156 
LEU CA  HA   sing N N 157 
LEU C   O    doub N N 158 
LEU C   OXT  sing N N 159 
LEU CB  CG   sing N N 160 
LEU CB  HB2  sing N N 161 
LEU CB  HB3  sing N N 162 
LEU CG  CD1  sing N N 163 
LEU CG  CD2  sing N N 164 
LEU CG  HG   sing N N 165 
LEU CD1 HD11 sing N N 166 
LEU CD1 HD12 sing N N 167 
LEU CD1 HD13 sing N N 168 
LEU CD2 HD21 sing N N 169 
LEU CD2 HD22 sing N N 170 
LEU CD2 HD23 sing N N 171 
LEU OXT HXT  sing N N 172 
LYS N   CA   sing N N 173 
LYS N   H    sing N N 174 
LYS N   H2   sing N N 175 
LYS CA  C    sing N N 176 
LYS CA  CB   sing N N 177 
LYS CA  HA   sing N N 178 
LYS C   O    doub N N 179 
LYS C   OXT  sing N N 180 
LYS CB  CG   sing N N 181 
LYS CB  HB2  sing N N 182 
LYS CB  HB3  sing N N 183 
LYS CG  CD   sing N N 184 
LYS CG  HG2  sing N N 185 
LYS CG  HG3  sing N N 186 
LYS CD  CE   sing N N 187 
LYS CD  HD2  sing N N 188 
LYS CD  HD3  sing N N 189 
LYS CE  NZ   sing N N 190 
LYS CE  HE2  sing N N 191 
LYS CE  HE3  sing N N 192 
LYS NZ  HZ1  sing N N 193 
LYS NZ  HZ2  sing N N 194 
LYS NZ  HZ3  sing N N 195 
LYS OXT HXT  sing N N 196 
MET N   CA   sing N N 197 
MET N   H    sing N N 198 
MET N   H2   sing N N 199 
MET CA  C    sing N N 200 
MET CA  CB   sing N N 201 
MET CA  HA   sing N N 202 
MET C   O    doub N N 203 
MET C   OXT  sing N N 204 
MET CB  CG   sing N N 205 
MET CB  HB2  sing N N 206 
MET CB  HB3  sing N N 207 
MET CG  SD   sing N N 208 
MET CG  HG2  sing N N 209 
MET CG  HG3  sing N N 210 
MET SD  CE   sing N N 211 
MET CE  HE1  sing N N 212 
MET CE  HE2  sing N N 213 
MET CE  HE3  sing N N 214 
MET OXT HXT  sing N N 215 
PHE N   CA   sing N N 216 
PHE N   H    sing N N 217 
PHE N   H2   sing N N 218 
PHE CA  C    sing N N 219 
PHE CA  CB   sing N N 220 
PHE CA  HA   sing N N 221 
PHE C   O    doub N N 222 
PHE C   OXT  sing N N 223 
PHE CB  CG   sing N N 224 
PHE CB  HB2  sing N N 225 
PHE CB  HB3  sing N N 226 
PHE CG  CD1  doub Y N 227 
PHE CG  CD2  sing Y N 228 
PHE CD1 CE1  sing Y N 229 
PHE CD1 HD1  sing N N 230 
PHE CD2 CE2  doub Y N 231 
PHE CD2 HD2  sing N N 232 
PHE CE1 CZ   doub Y N 233 
PHE CE1 HE1  sing N N 234 
PHE CE2 CZ   sing Y N 235 
PHE CE2 HE2  sing N N 236 
PHE CZ  HZ   sing N N 237 
PHE OXT HXT  sing N N 238 
PRO N   CA   sing N N 239 
PRO N   CD   sing N N 240 
PRO N   H    sing N N 241 
PRO CA  C    sing N N 242 
PRO CA  CB   sing N N 243 
PRO CA  HA   sing N N 244 
PRO C   O    doub N N 245 
PRO C   OXT  sing N N 246 
PRO CB  CG   sing N N 247 
PRO CB  HB2  sing N N 248 
PRO CB  HB3  sing N N 249 
PRO CG  CD   sing N N 250 
PRO CG  HG2  sing N N 251 
PRO CG  HG3  sing N N 252 
PRO CD  HD2  sing N N 253 
PRO CD  HD3  sing N N 254 
PRO OXT HXT  sing N N 255 
SER N   CA   sing N N 256 
SER N   H    sing N N 257 
SER N   H2   sing N N 258 
SER CA  C    sing N N 259 
SER CA  CB   sing N N 260 
SER CA  HA   sing N N 261 
SER C   O    doub N N 262 
SER C   OXT  sing N N 263 
SER CB  OG   sing N N 264 
SER CB  HB2  sing N N 265 
SER CB  HB3  sing N N 266 
SER OG  HG   sing N N 267 
SER OXT HXT  sing N N 268 
THR N   CA   sing N N 269 
THR N   H    sing N N 270 
THR N   H2   sing N N 271 
THR CA  C    sing N N 272 
THR CA  CB   sing N N 273 
THR CA  HA   sing N N 274 
THR C   O    doub N N 275 
THR C   OXT  sing N N 276 
THR CB  OG1  sing N N 277 
THR CB  CG2  sing N N 278 
THR CB  HB   sing N N 279 
THR OG1 HG1  sing N N 280 
THR CG2 HG21 sing N N 281 
THR CG2 HG22 sing N N 282 
THR CG2 HG23 sing N N 283 
THR OXT HXT  sing N N 284 
TRP N   CA   sing N N 285 
TRP N   H    sing N N 286 
TRP N   H2   sing N N 287 
TRP CA  C    sing N N 288 
TRP CA  CB   sing N N 289 
TRP CA  HA   sing N N 290 
TRP C   O    doub N N 291 
TRP C   OXT  sing N N 292 
TRP CB  CG   sing N N 293 
TRP CB  HB2  sing N N 294 
TRP CB  HB3  sing N N 295 
TRP CG  CD1  doub Y N 296 
TRP CG  CD2  sing Y N 297 
TRP CD1 NE1  sing Y N 298 
TRP CD1 HD1  sing N N 299 
TRP CD2 CE2  doub Y N 300 
TRP CD2 CE3  sing Y N 301 
TRP NE1 CE2  sing Y N 302 
TRP NE1 HE1  sing N N 303 
TRP CE2 CZ2  sing Y N 304 
TRP CE3 CZ3  doub Y N 305 
TRP CE3 HE3  sing N N 306 
TRP CZ2 CH2  doub Y N 307 
TRP CZ2 HZ2  sing N N 308 
TRP CZ3 CH2  sing Y N 309 
TRP CZ3 HZ3  sing N N 310 
TRP CH2 HH2  sing N N 311 
TRP OXT HXT  sing N N 312 
TYR N   CA   sing N N 313 
TYR N   H    sing N N 314 
TYR N   H2   sing N N 315 
TYR CA  C    sing N N 316 
TYR CA  CB   sing N N 317 
TYR CA  HA   sing N N 318 
TYR C   O    doub N N 319 
TYR C   OXT  sing N N 320 
TYR CB  CG   sing N N 321 
TYR CB  HB2  sing N N 322 
TYR CB  HB3  sing N N 323 
TYR CG  CD1  doub Y N 324 
TYR CG  CD2  sing Y N 325 
TYR CD1 CE1  sing Y N 326 
TYR CD1 HD1  sing N N 327 
TYR CD2 CE2  doub Y N 328 
TYR CD2 HD2  sing N N 329 
TYR CE1 CZ   doub Y N 330 
TYR CE1 HE1  sing N N 331 
TYR CE2 CZ   sing Y N 332 
TYR CE2 HE2  sing N N 333 
TYR CZ  OH   sing N N 334 
TYR OH  HH   sing N N 335 
TYR OXT HXT  sing N N 336 
VAL N   CA   sing N N 337 
VAL N   H    sing N N 338 
VAL N   H2   sing N N 339 
VAL CA  C    sing N N 340 
VAL CA  CB   sing N N 341 
VAL CA  HA   sing N N 342 
VAL C   O    doub N N 343 
VAL C   OXT  sing N N 344 
VAL CB  CG1  sing N N 345 
VAL CB  CG2  sing N N 346 
VAL CB  HB   sing N N 347 
VAL CG1 HG11 sing N N 348 
VAL CG1 HG12 sing N N 349 
VAL CG1 HG13 sing N N 350 
VAL CG2 HG21 sing N N 351 
VAL CG2 HG22 sing N N 352 
VAL CG2 HG23 sing N N 353 
VAL OXT HXT  sing N N 354 
# 
_pdbx_audit_support.funding_organization   'Ministry of Education and Science' 
_pdbx_audit_support.country                'Russian Federation' 
_pdbx_audit_support.grant_number           RFMEFI57716X0217 
_pdbx_audit_support.ordinal                1 
# 
_pdbx_initial_refinement_model.id               1 
_pdbx_initial_refinement_model.entity_id_list   ? 
_pdbx_initial_refinement_model.type             'experimental model' 
_pdbx_initial_refinement_model.source_name      PDB 
_pdbx_initial_refinement_model.accession_code   5IMK 
_pdbx_initial_refinement_model.details          ? 
# 
_space_group.name_H-M_alt     'C 1 2 1' 
_space_group.name_Hall        'C 2y' 
_space_group.IT_number        5 
_space_group.crystal_system   monoclinic 
_space_group.id               1 
# 
_atom_sites.entry_id                    6EZW 
_atom_sites.fract_transf_matrix[1][1]   -0.00074719 
_atom_sites.fract_transf_matrix[1][2]   -0.01425698 
_atom_sites.fract_transf_matrix[1][3]   -0.00619055 
_atom_sites.fract_transf_matrix[2][1]   0.02524323 
_atom_sites.fract_transf_matrix[2][2]   0.00071543 
_atom_sites.fract_transf_matrix[2][3]   -0.00469447 
_atom_sites.fract_transf_matrix[3][1]   0.00354052 
_atom_sites.fract_transf_matrix[3][2]   -0.01260628 
_atom_sites.fract_transf_matrix[3][3]   0.01711701 
_atom_sites.fract_transf_vector[1]      -0.281406 
_atom_sites.fract_transf_vector[2]      -0.023560 
_atom_sites.fract_transf_vector[3]      0.260809 
# 
loop_
_atom_type.symbol 
_atom_type.scat_dispersion_real 
_atom_type.scat_dispersion_imag 
_atom_type.scat_Cromer_Mann_a1 
_atom_type.scat_Cromer_Mann_a2 
_atom_type.scat_Cromer_Mann_b1 
_atom_type.scat_Cromer_Mann_b2 
_atom_type.scat_Cromer_Mann_c 
_atom_type.scat_source 
_atom_type.scat_dispersion_source 
C ? ? 3.54356 2.42580 25.62398 1.50364  0.0 
;2-Gaussian fit: Grosse-Kunstleve RW, Sauter NK, Adams PD: Newsletter of the IUCr Commission on Crystallographic Computing 2004, 3, 22-31.
;
? 
N ? ? 4.01032 2.96436 19.97189 1.75589  0.0 
;2-Gaussian fit: Grosse-Kunstleve RW, Sauter NK, Adams PD: Newsletter of the IUCr Commission on Crystallographic Computing 2004, 3, 22-31.
;
? 
O ? ? 4.49882 3.47563 15.80542 1.70748  0.0 
;2-Gaussian fit: Grosse-Kunstleve RW, Sauter NK, Adams PD: Newsletter of the IUCr Commission on Crystallographic Computing 2004, 3, 22-31.
;
? 
S ? ? 9.55732 6.39887 1.23737  29.19336 0.0 
;2-Gaussian fit: Grosse-Kunstleve RW, Sauter NK, Adams PD: Newsletter of the IUCr Commission on Crystallographic Computing 2004, 3, 22-31.
;
? 
# 
loop_
_atom_site.group_PDB 
_atom_site.id 
_atom_site.type_symbol 
_atom_site.label_atom_id 
_atom_site.label_alt_id 
_atom_site.label_comp_id 
_atom_site.label_asym_id 
_atom_site.label_entity_id 
_atom_site.label_seq_id 
_atom_site.pdbx_PDB_ins_code 
_atom_site.Cartn_x 
_atom_site.Cartn_y 
_atom_site.Cartn_z 
_atom_site.occupancy 
_atom_site.B_iso_or_equiv 
_atom_site.pdbx_formal_charge 
_atom_site.auth_seq_id 
_atom_site.auth_comp_id 
_atom_site.auth_asym_id 
_atom_site.auth_atom_id 
_atom_site.pdbx_PDB_model_num 
ATOM   1    N N   . GLY A 1 1   ? -5.81842  -3.26235  -21.08309 1.000 44.87577 ? 1   GLY B N   1 
ATOM   2    C CA  . GLY A 1 1   ? -5.44128  -4.00166  -19.89005 1.000 38.28316 ? 1   GLY B CA  1 
ATOM   3    C C   . GLY A 1 1   ? -6.49546  -3.96871  -18.80165 1.000 30.49826 ? 1   GLY B C   1 
ATOM   4    O O   . GLY A 1 1   ? -6.56334  -3.00336  -18.04014 1.000 39.47969 ? 1   GLY B O   1 
ATOM   5    N N   . GLN A 1 2   ? -7.32218  -5.01636  -18.72863 1.000 33.80672 ? 2   GLN B N   1 
ATOM   6    C CA  . GLN A 1 2   ? -8.36722  -5.09705  -17.70694 1.000 24.87833 ? 2   GLN B CA  1 
ATOM   7    C C   . GLN A 1 2   ? -7.72296  -5.27234  -16.33758 1.000 22.07914 ? 2   GLN B C   1 
ATOM   8    O O   . GLN A 1 2   ? -7.23812  -6.35828  -16.00253 1.000 27.75298 ? 2   GLN B O   1 
ATOM   9    C CB  . GLN A 1 2   ? -9.32656  -6.24461  -18.00113 1.000 25.18174 ? 2   GLN B CB  1 
ATOM   10   C CG  . GLN A 1 2   ? -10.39889 -6.42926  -16.92320 1.000 27.59943 ? 2   GLN B CG  1 
ATOM   11   C CD  . GLN A 1 2   ? -11.76624 -5.93171  -17.36048 1.000 31.08131 ? 2   GLN B CD  1 
ATOM   12   O OE1 . GLN A 1 2   ? -11.88158 -5.16487  -18.31797 1.000 34.39464 ? 2   GLN B OE1 1 
ATOM   13   N NE2 . GLN A 1 2   ? -12.81443 -6.37718  -16.66849 1.000 26.78115 ? 2   GLN B NE2 1 
ATOM   14   N N   . VAL A 1 3   ? -7.74911  -4.21645  -15.52936 1.000 15.99334 ? 3   VAL B N   1 
ATOM   15   C CA  . VAL A 1 3   ? -6.99654  -4.14308  -14.28381 1.000 12.67654 ? 3   VAL B CA  1 
ATOM   16   C C   . VAL A 1 3   ? -7.97425  -3.96229  -13.13383 1.000 11.20204 ? 3   VAL B C   1 
ATOM   17   O O   . VAL A 1 3   ? -8.86265  -3.10600  -13.20076 1.000 10.33175 ? 3   VAL B O   1 
ATOM   18   C CB  . VAL A 1 3   ? -5.98311  -2.98442  -14.30992 1.000 13.80514 ? 3   VAL B CB  1 
ATOM   19   C CG1 . VAL A 1 3   ? -5.36535  -2.77674  -12.94261 1.000 16.93746 ? 3   VAL B CG1 1 
ATOM   20   C CG2 . VAL A 1 3   ? -4.91604  -3.23463  -15.36205 1.000 18.11840 ? 3   VAL B CG2 1 
ATOM   21   N N   . GLN A 1 4   ? -7.81817  -4.76769  -12.08349 1.000 8.32881  ? 4   GLN B N   1 
ATOM   22   C CA  . GLN A 1 4   ? -8.55565  -4.54152  -10.84403 1.000 7.88450  ? 4   GLN B CA  1 
ATOM   23   C C   . GLN A 1 4   ? -7.65349  -4.85053  -9.65671  1.000 8.50990  ? 4   GLN B C   1 
ATOM   24   O O   . GLN A 1 4   ? -6.82775  -5.76590  -9.72231  1.000 11.18429 ? 4   GLN B O   1 
ATOM   25   C CB  . GLN A 1 4   ? -9.82617  -5.39215  -10.77459 1.000 8.13354  ? 4   GLN B CB  1 
ATOM   26   C CG  . GLN A 1 4   ? -10.74873 -5.03614  -9.59132  1.000 11.40303 ? 4   GLN B CG  1 
ATOM   27   C CD  . GLN A 1 4   ? -11.98979 -5.91199  -9.51508  1.000 15.51193 ? 4   GLN B CD  1 
ATOM   28   O OE1 . GLN A 1 4   ? -11.95090 -7.09331  -9.85805  1.000 16.90249 ? 4   GLN B OE1 1 
ATOM   29   N NE2 . GLN A 1 4   ? -13.09755 -5.33432  -9.05314  1.000 11.05332 ? 4   GLN B NE2 1 
ATOM   30   N N   . LEU A 1 5   ? -7.79706  -4.07774  -8.58195  1.000 7.65585  ? 5   LEU B N   1 
ATOM   31   C CA  . LEU A 1 5   ? -7.07775  -4.32334  -7.33404  1.000 4.93219  ? 5   LEU B CA  1 
ATOM   32   C C   . LEU A 1 5   ? -8.08531  -4.68646  -6.25237  1.000 7.65774  ? 5   LEU B C   1 
ATOM   33   O O   . LEU A 1 5   ? -9.03514  -3.93214  -6.01406  1.000 8.50488  ? 5   LEU B O   1 
ATOM   34   C CB  . LEU A 1 5   ? -6.28164  -3.09098  -6.90335  1.000 6.32325  ? 5   LEU B CB  1 
ATOM   35   C CG  . LEU A 1 5   ? -5.36377  -2.44057  -7.94752  1.000 8.44500  ? 5   LEU B CG  1 
ATOM   36   C CD1 . LEU A 1 5   ? -4.67066  -1.22360  -7.31800  1.000 7.63440  ? 5   LEU B CD1 1 
ATOM   37   C CD2 . LEU A 1 5   ? -4.33876  -3.43337  -8.43619  1.000 10.36760 ? 5   LEU B CD2 1 
ATOM   38   N N   . VAL A 1 6   ? -7.87674  -5.82954  -5.59504  1.000 6.01771  ? 6   VAL B N   1 
ATOM   39   C CA  . VAL A 1 6   ? -8.77533  -6.31769  -4.53734  1.000 4.91434  ? 6   VAL B CA  1 
ATOM   40   C C   . VAL A 1 6   ? -7.97763  -6.45384  -3.24519  1.000 6.80244  ? 6   VAL B C   1 
ATOM   41   O O   . VAL A 1 6   ? -7.04258  -7.26059  -3.17156  1.000 8.67054  ? 6   VAL B O   1 
ATOM   42   C CB  . VAL A 1 6   ? -9.42591  -7.65960  -4.91892  1.000 7.82895  ? 6   VAL B CB  1 
ATOM   43   C CG1 . VAL A 1 6   ? -10.38862 -8.12457  -3.83593  1.000 8.55181  ? 6   VAL B CG1 1 
ATOM   44   C CG2 . VAL A 1 6   ? -10.13683 -7.54778  -6.25703  1.000 11.65797 ? 6   VAL B CG2 1 
ATOM   45   N N   . GLN A 1 7   ? -8.34570  -5.67911  -2.22832  1.000 6.38892  ? 7   GLN B N   1 
ATOM   46   C CA  . GLN A 1 7   ? -7.61525  -5.70009  -0.96837  1.000 5.62594  ? 7   GLN B CA  1 
ATOM   47   C C   . GLN A 1 7   ? -8.18583  -6.73272  -0.00810  1.000 7.95686  ? 7   GLN B C   1 
ATOM   48   O O   . GLN A 1 7   ? -9.37261  -7.07054  -0.05045  1.000 8.55992  ? 7   GLN B O   1 
ATOM   49   C CB  . GLN A 1 7   ? -7.61402  -4.32017  -0.31369  1.000 5.15471  ? 7   GLN B CB  1 
ATOM   50   C CG  . GLN A 1 7   ? -6.76380  -3.34146  -1.08067  1.000 5.17257  ? 7   GLN B CG  1 
ATOM   51   C CD  . GLN A 1 7   ? -6.82228  -1.94005  -0.52498  1.000 5.23768  ? 7   GLN B CD  1 
ATOM   52   O OE1 . GLN A 1 7   ? -7.18449  -0.99869  -1.23488  1.000 5.73962  ? 7   GLN B OE1 1 
ATOM   53   N NE2 . GLN A 1 7   ? -6.44840  -1.78739  0.74272   1.000 7.27841  ? 7   GLN B NE2 1 
ATOM   54   N N   . SER A 1 8   ? -7.30655  -7.24121  0.85070   1.000 4.27562  ? 8   SER B N   1 
ATOM   55   C CA  . SER A 1 8   ? -7.67112  -8.09692  1.97168   1.000 8.66850  ? 8   SER B CA  1 
ATOM   56   C C   . SER A 1 8   ? -6.87758  -7.68567  3.20452   1.000 9.03542  ? 8   SER B C   1 
ATOM   57   O O   . SER A 1 8   ? -5.88562  -6.95575  3.12898   1.000 7.47800  ? 8   SER B O   1 
ATOM   58   C CB  . SER A 1 8   ? -7.41241  -9.57190  1.65529   1.000 11.18042 ? 8   SER B CB  1 
ATOM   59   O OG  . SER A 1 8   ? -8.37239  -10.05729 0.74725   1.000 19.92838 ? 8   SER B OG  1 
ATOM   60   N N   . GLY A 1 9   ? -7.31352  -8.17501  4.35324   1.000 9.95494  ? 9   GLY B N   1 
ATOM   61   C CA  . GLY A 1 9   ? -6.62907  -7.87473  5.58988   1.000 9.65537  ? 9   GLY B CA  1 
ATOM   62   C C   . GLY A 1 9   ? -7.16027  -6.62023  6.24595   1.000 12.40059 ? 9   GLY B C   1 
ATOM   63   O O   . GLY A 1 9   ? -8.12552  -5.98892  5.80259   1.000 13.05485 ? 9   GLY B O   1 
ATOM   64   N N   . GLY A 1 10  ? -6.51211  -6.25567  7.34102   1.000 10.61397 ? 10  GLY B N   1 
ATOM   65   C CA  . GLY A 1 10  ? -6.93129  -5.11022  8.11772   1.000 10.89482 ? 10  GLY B CA  1 
ATOM   66   C C   . GLY A 1 10  ? -7.81666  -5.52584  9.27394   1.000 9.41166  ? 10  GLY B C   1 
ATOM   67   O O   . GLY A 1 10  ? -7.84282  -6.68422  9.69535   1.000 12.89457 ? 10  GLY B O   1 
ATOM   68   N N   . GLY A 1 11  ? -8.57348  -4.55849  9.77276   1.000 5.76107  ? 11  GLY B N   1 
ATOM   69   C CA  . GLY A 1 11  ? -9.46369  -4.81649  10.88868  1.000 7.96232  ? 11  GLY B CA  1 
ATOM   70   C C   . GLY A 1 11  ? -8.89872  -4.28209  12.19151  1.000 7.77160  ? 11  GLY B C   1 
ATOM   71   O O   . GLY A 1 11  ? -8.12599  -3.30983  12.18871  1.000 9.94894  ? 11  GLY B O   1 
ATOM   72   N N   . LEU A 1 12  ? -9.26987  -4.90748  13.31225  1.000 5.83602  ? 12  LEU B N   1 
ATOM   73   C CA  . LEU A 1 12  ? -8.82329  -4.46402  14.62673  1.000 7.98625  ? 12  LEU B CA  1 
ATOM   74   C C   . LEU A 1 12  ? -7.46071  -5.04411  14.97653  1.000 7.66363  ? 12  LEU B C   1 
ATOM   75   O O   . LEU A 1 12  ? -7.13844  -6.18585  14.63683  1.000 9.75492  ? 12  LEU B O   1 
ATOM   76   C CB  . LEU A 1 12  ? -9.81313  -4.89165  15.70632  1.000 8.74449  ? 12  LEU B CB  1 
ATOM   77   C CG  . LEU A 1 12  ? -11.26489 -4.44379  15.54074  1.000 8.05911  ? 12  LEU B CG  1 
ATOM   78   C CD1 . LEU A 1 12  ? -12.13331 -5.14082  16.57559  1.000 8.48215  ? 12  LEU B CD1 1 
ATOM   79   C CD2 . LEU A 1 12  ? -11.37520 -2.93725  15.68600  1.000 15.95232 ? 12  LEU B CD2 1 
ATOM   80   N N   . VAL A 1 13  ? -6.67072  -4.25416  15.70084  1.000 6.36767  ? 13  VAL B N   1 
ATOM   81   C CA  . VAL A 1 13  ? -5.36032  -4.69679  16.15763  1.000 7.24488  ? 13  VAL B CA  1 
ATOM   82   C C   . VAL A 1 13  ? -5.01015  -3.92218  17.41992  1.000 5.50899  ? 13  VAL B C   1 
ATOM   83   O O   . VAL A 1 13  ? -5.43711  -2.78124  17.60693  1.000 7.71182  ? 13  VAL B O   1 
ATOM   84   C CB  . VAL A 1 13  ? -4.31004  -4.51503  15.03176  1.000 5.49779  ? 13  VAL B CB  1 
ATOM   85   C CG1 . VAL A 1 13  ? -4.21667  -3.04959  14.59723  1.000 9.25320  ? 13  VAL B CG1 1 
ATOM   86   C CG2 . VAL A 1 13  ? -2.96030  -5.09143  15.43351  1.000 8.00417  ? 13  VAL B CG2 1 
ATOM   87   N N   . GLN A 1 14  ? -4.26191  -4.56451  18.31427  1.000 6.55547  ? 14  GLN B N   1 
ATOM   88   C CA  . GLN A 1 14  ? -3.83005  -3.90355  19.53892  1.000 7.90439  ? 14  GLN B CA  1 
ATOM   89   C C   . GLN A 1 14  ? -2.57519  -3.07869  19.29384  1.000 7.18409  ? 14  GLN B C   1 
ATOM   90   O O   . GLN A 1 14  ? -1.70003  -3.47283  18.52289  1.000 8.62106  ? 14  GLN B O   1 
ATOM   91   C CB  . GLN A 1 14  ? -3.55546  -4.93244  20.63433  1.000 11.17812 ? 14  GLN B CB  1 
ATOM   92   C CG  . GLN A 1 14  ? -3.72560  -4.36805  22.02694  1.000 15.26677 ? 14  GLN B CG  1 
ATOM   93   C CD  . GLN A 1 14  ? -5.17619  -4.05322  22.32341  1.000 11.85269 ? 14  GLN B CD  1 
ATOM   94   O OE1 . GLN A 1 14  ? -6.06661  -4.78604  21.90493  1.000 14.29949 ? 14  GLN B OE1 1 
ATOM   95   N NE2 . GLN A 1 14  ? -5.41939  -2.96121  23.03694  1.000 15.81261 ? 14  GLN B NE2 1 
ATOM   96   N N   . ALA A 1 15  ? -2.47165  -1.93955  19.98043  1.000 8.39078  ? 15  ALA B N   1 
ATOM   97   C CA  . ALA A 1 15  ? -1.25631  -1.14297  19.90149  1.000 9.67239  ? 15  ALA B CA  1 
ATOM   98   C C   . ALA A 1 15  ? -0.04925  -2.00271  20.24242  1.000 9.08055  ? 15  ALA B C   1 
ATOM   99   O O   . ALA A 1 15  ? -0.07620  -2.79544  21.19138  1.000 9.18960  ? 15  ALA B O   1 
ATOM   100  C CB  . ALA A 1 15  ? -1.33021  0.06246   20.84231  1.000 12.34147 ? 15  ALA B CB  1 
ATOM   101  N N   . GLY A 1 16  ? 1.00035   -1.86888  19.43393  1.000 10.53631 ? 16  GLY B N   1 
ATOM   102  C CA  . GLY A 1 16  ? 2.17764   -2.69170  19.56019  1.000 8.80833  ? 16  GLY B CA  1 
ATOM   103  C C   . GLY A 1 16  ? 2.15514   -3.94484  18.71747  1.000 11.84503 ? 16  GLY B C   1 
ATOM   104  O O   . GLY A 1 16  ? 3.20965   -4.56311  18.53756  1.000 9.82992  ? 16  GLY B O   1 
ATOM   105  N N   . GLY A 1 17  ? 0.98733   -4.33963  18.20495  1.000 10.67201 ? 17  GLY B N   1 
ATOM   106  C CA  . GLY A 1 17  ? 0.84683   -5.54564  17.41884  1.000 9.54929  ? 17  GLY B CA  1 
ATOM   107  C C   . GLY A 1 17  ? 1.14623   -5.31900  15.95002  1.000 11.41641 ? 17  GLY B C   1 
ATOM   108  O O   . GLY A 1 17  ? 1.68501   -4.28497  15.54126  1.000 9.75242  ? 17  GLY B O   1 
ATOM   109  N N   . SER A 1 18  ? 0.77254   -6.32051  15.14493  1.000 6.86526  ? 18  SER B N   1 
ATOM   110  C CA  . SER A 1 18  ? 1.13974   -6.41554  13.73996  1.000 9.31378  ? 18  SER B CA  1 
ATOM   111  C C   . SER A 1 18  ? -0.05257  -6.84216  12.89933  1.000 11.14982 ? 18  SER B C   1 
ATOM   112  O O   . SER A 1 18  ? -0.90110  -7.62617  13.33847  1.000 12.63767 ? 18  SER B O   1 
ATOM   113  C CB  . SER A 1 18  ? 2.26248   -7.43591  13.51545  1.000 12.61383 ? 18  SER B CB  1 
ATOM   114  O OG  . SER A 1 18  ? 3.45022   -7.03589  14.15235  1.000 14.31904 ? 18  SER B OG  1 
ATOM   115  N N   . LEU A 1 19  ? -0.07599  -6.35050  11.66099  1.000 9.05526  ? 19  LEU B N   1 
ATOM   116  C CA  . LEU A 1 19  ? -1.04968  -6.75943  10.66353  1.000 8.76015  ? 19  LEU B CA  1 
ATOM   117  C C   . LEU A 1 19  ? -0.33237  -6.81774  9.33027   1.000 7.40597  ? 19  LEU B C   1 
ATOM   118  O O   . LEU A 1 19  ? 0.64642   -6.10557  9.12099   1.000 8.22357  ? 19  LEU B O   1 
ATOM   119  C CB  . LEU A 1 19  ? -2.21701  -5.77507  10.51695  1.000 13.69807 ? 19  LEU B CB  1 
ATOM   120  C CG  . LEU A 1 19  ? -3.22147  -5.49318  11.62605  1.000 13.89356 ? 19  LEU B CG  1 
ATOM   121  C CD1 . LEU A 1 19  ? -4.09247  -4.34316  11.16122  1.000 11.65981 ? 19  LEU B CD1 1 
ATOM   122  C CD2 . LEU A 1 19  ? -4.06916  -6.70197  11.94482  1.000 16.33653 ? 19  LEU B CD2 1 
ATOM   123  N N   . ARG A 1 20  ? -0.82389  -7.65648  8.42518   1.000 7.10778  ? 20  ARG B N   1 
ATOM   124  C CA  . ARG A 1 20  ? -0.35173  -7.64666  7.04801   1.000 5.51224  ? 20  ARG B CA  1 
ATOM   125  C C   . ARG A 1 20  ? -1.53409  -7.41173  6.12094   1.000 6.08568  ? 20  ARG B C   1 
ATOM   126  O O   . ARG A 1 20  ? -2.55393  -8.10055  6.22244   1.000 8.06300  ? 20  ARG B O   1 
ATOM   127  C CB  . ARG A 1 20  ? 0.36438   -8.94677  6.67893   1.000 6.89936  ? 20  ARG B CB  1 
ATOM   128  C CG  . ARG A 1 20  ? 0.93656   -8.91049  5.26908   1.000 7.43373  ? 20  ARG B CG  1 
ATOM   129  C CD  . ARG A 1 20  ? 1.75216   -10.15491 4.94561   1.000 9.49700  ? 20  ARG B CD  1 
ATOM   130  N NE  . ARG A 1 20  ? 2.86433   -10.34195 5.87463   1.000 12.79695 ? 20  ARG B NE  1 
ATOM   131  C CZ  . ARG A 1 20  ? 3.67295   -11.39713 5.87076   1.000 16.84326 ? 20  ARG B CZ  1 
ATOM   132  N NH1 . ARG A 1 20  ? 3.51018   -12.36139 4.96891   1.000 16.40782 ? 20  ARG B NH1 1 
ATOM   133  N NH2 . ARG A 1 20  ? 4.65827   -11.47895 6.75746   1.000 15.68805 ? 20  ARG B NH2 1 
ATOM   134  N N   . LEU A 1 21  ? -1.40508  -6.41964  5.24230   1.000 3.34975  ? 21  LEU B N   1 
ATOM   135  C CA  . LEU A 1 21  ? -2.41641  -6.09722  4.25237   1.000 5.37344  ? 21  LEU B CA  1 
ATOM   136  C C   . LEU A 1 21  ? -2.02532  -6.72236  2.92795   1.000 4.22326  ? 21  LEU B C   1 
ATOM   137  O O   . LEU A 1 21  ? -0.84146  -6.86579  2.62403   1.000 5.27442  ? 21  LEU B O   1 
ATOM   138  C CB  . LEU A 1 21  ? -2.55919  -4.58640  4.06504   1.000 5.25431  ? 21  LEU B CB  1 
ATOM   139  C CG  . LEU A 1 21  ? -2.80167  -3.76627  5.32102   1.000 7.03902  ? 21  LEU B CG  1 
ATOM   140  C CD1 . LEU A 1 21  ? -3.17465  -2.35827  4.88148   1.000 6.17823  ? 21  LEU B CD1 1 
ATOM   141  C CD2 . LEU A 1 21  ? -3.89761  -4.38318  6.14593   1.000 7.75357  ? 21  LEU B CD2 1 
ATOM   142  N N   . SER A 1 22  ? -3.03993  -7.08494  2.14432   1.000 3.99344  ? 22  SER B N   1 
ATOM   143  C CA  . SER A 1 22  ? -2.86590  -7.72739  0.84827   1.000 5.41583  ? 22  SER B CA  1 
ATOM   144  C C   . SER A 1 22  ? -3.58603  -6.91067  -0.21304  1.000 5.08296  ? 22  SER B C   1 
ATOM   145  O O   . SER A 1 22  ? -4.64315  -6.32327  0.04667   1.000 5.95589  ? 22  SER B O   1 
ATOM   146  C CB  . SER A 1 22  ? -3.43394  -9.16273  0.85799   1.000 8.21630  ? 22  SER B CB  1 
ATOM   147  O OG  . SER A 1 22  ? -2.67301  -9.98369  1.72770   1.000 18.01909 ? 22  SER B OG  1 
ATOM   148  N N   . CYS A 1 23  ? -3.02363  -6.89187  -1.42096  1.000 4.59275  ? 23  CYS B N   1 
ATOM   149  C CA  . CYS A 1 23  ? -3.61536  -6.16185  -2.54372  1.000 5.70808  ? 23  CYS B CA  1 
ATOM   150  C C   . CYS A 1 23  ? -3.40963  -7.01318  -3.78864  1.000 3.98670  ? 23  CYS B C   1 
ATOM   151  O O   . CYS A 1 23  ? -2.32008  -7.00603  -4.36882  1.000 5.97292  ? 23  CYS B O   1 
ATOM   152  C CB  . CYS A 1 23  ? -2.97885  -4.78933  -2.69822  1.000 7.11281  ? 23  CYS B CB  1 
ATOM   153  S SG  . CYS A 1 23  ? -3.47627  -3.91792  -4.18961  1.000 7.16397  ? 23  CYS B SG  1 
ATOM   154  N N   . ALA A 1 24  ? -4.44616  -7.74425  -4.18820  1.000 4.90840  ? 24  ALA B N   1 
ATOM   155  C CA  . ALA A 1 24  ? -4.34986  -8.68896  -5.29166  1.000 6.90995  ? 24  ALA B CA  1 
ATOM   156  C C   . ALA A 1 24  ? -4.59516  -7.97085  -6.61068  1.000 8.12005  ? 24  ALA B C   1 
ATOM   157  O O   . ALA A 1 24  ? -5.64658  -7.34791  -6.80190  1.000 6.52902  ? 24  ALA B O   1 
ATOM   158  C CB  . ALA A 1 24  ? -5.34794  -9.82777  -5.11436  1.000 7.06871  ? 24  ALA B CB  1 
ATOM   159  N N   . PHE A 1 25  ? -3.63871  -8.09322  -7.52690  1.000 7.28576  ? 25  PHE B N   1 
ATOM   160  C CA  . PHE A 1 25  ? -3.72171  -7.48602  -8.84912  1.000 8.78568  ? 25  PHE B CA  1 
ATOM   161  C C   . PHE A 1 25  ? -4.28749  -8.50194  -9.83031  1.000 10.49533 ? 25  PHE B C   1 
ATOM   162  O O   . PHE A 1 25  ? -3.79959  -9.63183  -9.91225  1.000 9.29558  ? 25  PHE B O   1 
ATOM   163  C CB  . PHE A 1 25  ? -2.32578  -7.03131  -9.28393  1.000 7.78166  ? 25  PHE B CB  1 
ATOM   164  C CG  . PHE A 1 25  ? -2.22950  -6.54543  -10.71118 1.000 10.66656 ? 25  PHE B CG  1 
ATOM   165  C CD1 . PHE A 1 25  ? -2.08016  -7.44481  -11.76327 1.000 11.14228 ? 25  PHE B CD1 1 
ATOM   166  C CD2 . PHE A 1 25  ? -2.21524  -5.18386  -10.99055 1.000 10.60597 ? 25  PHE B CD2 1 
ATOM   167  C CE1 . PHE A 1 25  ? -1.96218  -6.99637  -13.07402 1.000 12.75763 ? 25  PHE B CE1 1 
ATOM   168  C CE2 . PHE A 1 25  ? -2.09660  -4.73069  -12.30802 1.000 11.64489 ? 25  PHE B CE2 1 
ATOM   169  C CZ  . PHE A 1 25  ? -1.97549  -5.63686  -13.33786 1.000 11.61799 ? 25  PHE B CZ  1 
ATOM   170  N N   . SER A 1 26  ? -5.29809  -8.09739  -10.58489 1.000 10.89641 ? 26  SER B N   1 
ATOM   171  C CA  . SER A 1 26  ? -5.77505  -8.88171  -11.70976 1.000 12.09544 ? 26  SER B CA  1 
ATOM   172  C C   . SER A 1 26  ? -5.55861  -8.07737  -12.98398 1.000 17.21293 ? 26  SER B C   1 
ATOM   173  O O   . SER A 1 26  ? -5.80925  -6.86467  -13.01980 1.000 13.35220 ? 26  SER B O   1 
ATOM   174  C CB  . SER A 1 26  ? -7.25160  -9.27071  -11.53975 1.000 14.38588 ? 26  SER B CB  1 
ATOM   175  O OG  . SER A 1 26  ? -8.02688  -8.14542  -11.20911 1.000 24.50672 ? 26  SER B OG  1 
ATOM   176  N N   . GLY A 1 27  ? -5.04595  -8.73624  -14.00460 1.000 19.61619 ? 27  GLY B N   1 
ATOM   177  C CA  . GLY A 1 27  ? -4.74878  -8.06590  -15.24815 1.000 23.56259 ? 27  GLY B CA  1 
ATOM   178  C C   . GLY A 1 27  ? -3.44432  -8.57449  -15.81825 1.000 24.31499 ? 27  GLY B C   1 
ATOM   179  O O   . GLY A 1 27  ? -2.87885  -9.55644  -15.34018 1.000 26.11526 ? 27  GLY B O   1 
ATOM   180  N N   . ARG A 1 28  ? -2.95596  -7.88894  -16.85219 1.000 26.39484 ? 28  ARG B N   1 
ATOM   181  C CA  . ARG A 1 28  ? -1.76906  -8.31771  -17.57715 1.000 26.83508 ? 28  ARG B CA  1 
ATOM   182  C C   . ARG A 1 28  ? -0.55168  -7.57263  -17.05108 1.000 25.42637 ? 28  ARG B C   1 
ATOM   183  O O   . ARG A 1 28  ? -0.56923  -6.33925  -16.94110 1.000 21.76303 ? 28  ARG B O   1 
ATOM   184  C CB  . ARG A 1 28  ? -1.90972  -8.07770  -19.08485 1.000 31.65669 ? 28  ARG B CB  1 
ATOM   185  C CG  . ARG A 1 28  ? -3.29795  -8.29901  -19.67835 1.000 39.73312 ? 28  ARG B CG  1 
ATOM   186  C CD  . ARG A 1 28  ? -3.89919  -9.65975  -19.31598 1.000 44.08047 ? 28  ARG B CD  1 
ATOM   187  N NE  . ARG A 1 28  ? -5.35683  -9.59705  -19.24907 1.000 46.41356 ? 28  ARG B NE  1 
ATOM   188  C CZ  . ARG A 1 28  ? -6.14985  -10.64308 -19.03830 1.000 50.96044 ? 28  ARG B CZ  1 
ATOM   189  N NH1 . ARG A 1 28  ? -5.63167  -11.85230 -18.86010 1.000 46.76756 ? 28  ARG B NH1 1 
ATOM   190  N NH2 . ARG A 1 28  ? -7.46674  -10.47446 -18.99174 1.000 53.85229 ? 28  ARG B NH2 1 
ATOM   191  N N   . THR A 1 29  ? 0.49695   -8.32925  -16.73111 1.000 25.22069 ? 29  THR B N   1 
ATOM   192  C CA  . THR A 1 29  ? 1.81939   -7.79561  -16.41648 1.000 19.28298 ? 29  THR B CA  1 
ATOM   193  C C   . THR A 1 29  ? 1.77459   -6.85727  -15.20120 1.000 14.04398 ? 29  THR B C   1 
ATOM   194  O O   . THR A 1 29  ? 1.88224   -5.63404  -15.30589 1.000 16.27617 ? 29  THR B O   1 
ATOM   195  C CB  . THR A 1 29  ? 2.42183   -7.09459  -17.63889 1.000 22.83326 ? 29  THR B CB  1 
ATOM   196  O OG1 . THR A 1 29  ? 2.04762   -7.79648  -18.83888 1.000 22.49939 ? 29  THR B OG1 1 
ATOM   197  C CG2 . THR A 1 29  ? 3.93394   -7.06981  -17.52549 1.000 19.67512 ? 29  THR B CG2 1 
ATOM   198  N N   . PHE A 1 30  ? 1.61473   -7.48415  -14.03336 1.000 13.88247 ? 30  PHE B N   1 
ATOM   199  C CA  . PHE A 1 30  ? 1.87823   -6.87011  -12.72534 1.000 11.54136 ? 30  PHE B CA  1 
ATOM   200  C C   . PHE A 1 30  ? 3.19276   -6.08210  -12.68255 1.000 10.79551 ? 30  PHE B C   1 
ATOM   201  O O   . PHE A 1 30  ? 3.27831   -5.01131  -12.07028 1.000 9.81730  ? 30  PHE B O   1 
ATOM   202  C CB  . PHE A 1 30  ? 1.89918   -7.99944  -11.69047 1.000 12.30024 ? 30  PHE B CB  1 
ATOM   203  C CG  . PHE A 1 30  ? 1.86016   -7.56563  -10.23103 1.000 9.64186  ? 30  PHE B CG  1 
ATOM   204  C CD1 . PHE A 1 30  ? 1.11686   -6.48054  -9.80568  1.000 10.26536 ? 30  PHE B CD1 1 
ATOM   205  C CD2 . PHE A 1 30  ? 2.54751   -8.31183  -9.28601  1.000 9.92542  ? 30  PHE B CD2 1 
ATOM   206  C CE1 . PHE A 1 30  ? 1.07652   -6.13891  -8.46044  1.000 9.84773  ? 30  PHE B CE1 1 
ATOM   207  C CE2 . PHE A 1 30  ? 2.51057   -7.99084  -7.93653  1.000 9.86877  ? 30  PHE B CE2 1 
ATOM   208  C CZ  . PHE A 1 30  ? 1.77479   -6.90745  -7.52028  1.000 6.89761  ? 30  PHE B CZ  1 
ATOM   209  N N   . SER A 1 31  ? 4.23298   -6.62132  -13.32128 1.000 9.63035  ? 31  SER B N   1 
ATOM   210  C CA  . SER A 1 31  ? 5.58609   -6.08223  -13.22931 1.000 8.98291  ? 31  SER B CA  1 
ATOM   211  C C   . SER A 1 31  ? 5.77871   -4.78518  -13.99850 1.000 9.62891  ? 31  SER B C   1 
ATOM   212  O O   . SER A 1 31  ? 6.84904   -4.18006  -13.88503 1.000 14.78671 ? 31  SER B O   1 
ATOM   213  C CB  . SER A 1 31  ? 6.59272   -7.11383  -13.73521 1.000 16.71106 ? 31  SER B CB  1 
ATOM   214  O OG  . SER A 1 31  ? 6.37316   -7.36784  -15.11324 1.000 17.21596 ? 31  SER B OG  1 
ATOM   215  N N   . MET A 1 32  ? 4.80756   -4.35534  -14.79424 1.000 9.45261  ? 32  MET B N   1 
ATOM   216  C CA  . MET A 1 32  ? 4.91871   -3.06420  -15.45524 1.000 11.35497 ? 32  MET B CA  1 
ATOM   217  C C   . MET A 1 32  ? 4.16406   -1.96511  -14.71129 1.000 7.73730  ? 32  MET B C   1 
ATOM   218  O O   . MET A 1 32  ? 3.96532   -0.88008  -15.26987 1.000 8.61742  ? 32  MET B O   1 
ATOM   219  C CB  . MET A 1 32  ? 4.46030   -3.16937  -16.91851 1.000 17.56669 ? 32  MET B CB  1 
ATOM   220  C CG  . MET A 1 32  ? 2.96438   -3.21934  -17.14573 1.000 18.23042 ? 32  MET B CG  1 
ATOM   221  S SD  . MET A 1 32  ? 2.53730   -3.16756  -18.90908 1.000 27.53695 ? 32  MET B SD  1 
ATOM   222  C CE  . MET A 1 32  ? 3.82174   -4.19284  -19.61635 1.000 26.19951 ? 32  MET B CE  1 
ATOM   223  N N   . TYR A 1 33  ? 3.77013   -2.21160  -13.45284 1.000 10.43633 ? 33  TYR B N   1 
ATOM   224  C CA  . TYR A 1 33  ? 3.09278   -1.23289  -12.60704 1.000 7.43923  ? 33  TYR B CA  1 
ATOM   225  C C   . TYR A 1 33  ? 3.92238   -0.89020  -11.37675 1.000 9.69842  ? 33  TYR B C   1 
ATOM   226  O O   . TYR A 1 33  ? 4.45912   -1.77806  -10.70510 1.000 10.30744 ? 33  TYR B O   1 
ATOM   227  C CB  . TYR A 1 33  ? 1.71111   -1.73540  -12.15751 1.000 6.70738  ? 33  TYR B CB  1 
ATOM   228  C CG  . TYR A 1 33  ? 0.74574   -1.80944  -13.30539 1.000 8.20167  ? 33  TYR B CG  1 
ATOM   229  C CD1 . TYR A 1 33  ? 0.69778   -2.92942  -14.11150 1.000 10.94899 ? 33  TYR B CD1 1 
ATOM   230  C CD2 . TYR A 1 33  ? -0.08944  -0.74317  -13.60136 1.000 9.01217  ? 33  TYR B CD2 1 
ATOM   231  C CE1 . TYR A 1 33  ? -0.16724  -2.99846  -15.18958 1.000 12.57394 ? 33  TYR B CE1 1 
ATOM   232  C CE2 . TYR A 1 33  ? -0.96378  -0.80189  -14.67873 1.000 12.53832 ? 33  TYR B CE2 1 
ATOM   233  C CZ  . TYR A 1 33  ? -0.99224  -1.93487  -15.46949 1.000 10.87163 ? 33  TYR B CZ  1 
ATOM   234  O OH  . TYR A 1 33  ? -1.85082  -2.01573  -16.54753 1.000 13.76067 ? 33  TYR B OH  1 
ATOM   235  N N   . THR A 1 34  ? 4.00963   0.40623   -11.08211 1.000 6.80126  ? 34  THR B N   1 
ATOM   236  C CA  . THR A 1 34  ? 4.40312   0.88668   -9.76844  1.000 7.76549  ? 34  THR B CA  1 
ATOM   237  C C   . THR A 1 34  ? 3.20465   0.74245   -8.83735  1.000 7.92619  ? 34  THR B C   1 
ATOM   238  O O   . THR A 1 34  ? 2.08591   1.11316   -9.19915  1.000 7.28062  ? 34  THR B O   1 
ATOM   239  C CB  . THR A 1 34  ? 4.85122   2.34557   -9.88331  1.000 10.65400 ? 34  THR B CB  1 
ATOM   240  O OG1 . THR A 1 34  ? 6.04503   2.40017   -10.67800 1.000 15.53100 ? 34  THR B OG1 1 
ATOM   241  C CG2 . THR A 1 34  ? 5.10261   2.95736   -8.52032  1.000 11.21044 ? 34  THR B CG2 1 
ATOM   242  N N   . MET A 1 35  ? 3.41759   0.14399   -7.67407  1.000 6.83675  ? 35  MET B N   1 
ATOM   243  C CA  . MET A 1 35  ? 2.33884   -0.14920  -6.74021  1.000 6.09429  ? 35  MET B CA  1 
ATOM   244  C C   . MET A 1 35  ? 2.59049   0.63255   -5.46487  1.000 6.88887  ? 35  MET B C   1 
ATOM   245  O O   . MET A 1 35  ? 3.71512   0.64184   -4.96419  1.000 7.47838  ? 35  MET B O   1 
ATOM   246  C CB  . MET A 1 35  ? 2.26351   -1.64721  -6.42153  1.000 7.82942  ? 35  MET B CB  1 
ATOM   247  C CG  . MET A 1 35  ? 1.96424   -2.55765  -7.61686  1.000 9.58630  ? 35  MET B CG  1 
ATOM   248  S SD  . MET A 1 35  ? 0.29952   -2.34884  -8.24180  1.000 11.35620 ? 35  MET B SD  1 
ATOM   249  C CE  . MET A 1 35  ? -0.68761  -2.96177  -6.89131  1.000 11.06954 ? 35  MET B CE  1 
ATOM   250  N N   . GLY A 1 36  ? 1.55582   1.27433   -4.93936  1.000 6.99237  ? 36  GLY B N   1 
ATOM   251  C CA  . GLY A 1 36  ? 1.70407   2.10370   -3.75865  1.000 7.58297  ? 36  GLY B CA  1 
ATOM   252  C C   . GLY A 1 36  ? 0.64427   1.80420   -2.72382  1.000 7.03307  ? 36  GLY B C   1 
ATOM   253  O O   . GLY A 1 36  ? -0.44115  1.30853   -3.03307  1.000 8.04528  ? 36  GLY B O   1 
ATOM   254  N N   . TRP A 1 37  ? 0.98867   2.09661   -1.47301  1.000 3.80879  ? 37  TRP B N   1 
ATOM   255  C CA  . TRP A 1 37  ? 0.04756   2.10755   -0.36001  1.000 5.05395  ? 37  TRP B CA  1 
ATOM   256  C C   . TRP A 1 37  ? -0.14778  3.54593   0.10014   1.000 6.70690  ? 37  TRP B C   1 
ATOM   257  O O   . TRP A 1 37  ? 0.83199   4.26449   0.31840   1.000 4.35850  ? 37  TRP B O   1 
ATOM   258  C CB  . TRP A 1 37  ? 0.57044   1.27042   0.81394   1.000 6.99539  ? 37  TRP B CB  1 
ATOM   259  C CG  . TRP A 1 37  ? 0.60949   -0.21694  0.57290   1.000 4.88089  ? 37  TRP B CG  1 
ATOM   260  C CD1 . TRP A 1 37  ? 1.69801   -0.97365  0.25378   1.000 7.48526  ? 37  TRP B CD1 1 
ATOM   261  C CD2 . TRP A 1 37  ? -0.49826  -1.10948  0.63573   1.000 5.60645  ? 37  TRP B CD2 1 
ATOM   262  N NE1 . TRP A 1 37  ? 1.32983   -2.29715  0.09679   1.000 4.72995  ? 37  TRP B NE1 1 
ATOM   263  C CE2 . TRP A 1 37  ? -0.01696  -2.40171  0.33486   1.000 4.95417  ? 37  TRP B CE2 1 
ATOM   264  C CE3 . TRP A 1 37  ? -1.86058  -0.94320  0.90274   1.000 5.64269  ? 37  TRP B CE3 1 
ATOM   265  C CZ2 . TRP A 1 37  ? -0.85180  -3.52279  0.32022   1.000 6.53631  ? 37  TRP B CZ2 1 
ATOM   266  C CZ3 . TRP A 1 37  ? -2.68451  -2.04726  0.87823   1.000 6.73271  ? 37  TRP B CZ3 1 
ATOM   267  C CH2 . TRP A 1 37  ? -2.17759  -3.32732  0.59111   1.000 6.30270  ? 37  TRP B CH2 1 
ATOM   268  N N   . PHE A 1 38  ? -1.40811  3.94032   0.29372   1.000 6.22111  ? 38  PHE B N   1 
ATOM   269  C CA  . PHE A 1 38  ? -1.77742  5.22174   0.88325   1.000 5.94642  ? 38  PHE B CA  1 
ATOM   270  C C   . PHE A 1 38  ? -2.72265  4.96749   2.04857   1.000 6.21143  ? 38  PHE B C   1 
ATOM   271  O O   . PHE A 1 38  ? -3.38290  3.93129   2.11573   1.000 6.80777  ? 38  PHE B O   1 
ATOM   272  C CB  . PHE A 1 38  ? -2.47586  6.14117   -0.13334  1.000 5.11528  ? 38  PHE B CB  1 
ATOM   273  C CG  . PHE A 1 38  ? -1.58912  6.59584   -1.25983  1.000 7.32964  ? 38  PHE B CG  1 
ATOM   274  C CD1 . PHE A 1 38  ? -1.33803  5.76960   -2.34457  1.000 6.12610  ? 38  PHE B CD1 1 
ATOM   275  C CD2 . PHE A 1 38  ? -1.01998  7.86089   -1.24032  1.000 9.48502  ? 38  PHE B CD2 1 
ATOM   276  C CE1 . PHE A 1 38  ? -0.52434  6.19290   -3.38714  1.000 8.03018  ? 38  PHE B CE1 1 
ATOM   277  C CE2 . PHE A 1 38  ? -0.20625  8.28682   -2.26586  1.000 8.88163  ? 38  PHE B CE2 1 
ATOM   278  C CZ  . PHE A 1 38  ? 0.05011   7.45555   -3.33399  1.000 7.88649  ? 38  PHE B CZ  1 
ATOM   279  N N   . ARG A 1 39  ? -2.80956  5.92251   2.96883   1.000 5.60277  ? 39  ARG B N   1 
ATOM   280  C CA  . ARG A 1 39  ? -3.77884  5.77760   4.04339   1.000 6.20821  ? 39  ARG B CA  1 
ATOM   281  C C   . ARG A 1 39  ? -4.48311  7.10227   4.28836   1.000 6.36563  ? 39  ARG B C   1 
ATOM   282  O O   . ARG A 1 39  ? -3.93862  8.17559   4.02571   1.000 8.60932  ? 39  ARG B O   1 
ATOM   283  C CB  . ARG A 1 39  ? -3.13600  5.26750   5.33769   1.000 6.98323  ? 39  ARG B CB  1 
ATOM   284  C CG  . ARG A 1 39  ? -2.15644  6.22957   5.96952   1.000 7.21838  ? 39  ARG B CG  1 
ATOM   285  C CD  . ARG A 1 39  ? -1.47057  5.56875   7.14392   1.000 5.85334  ? 39  ARG B CD  1 
ATOM   286  N NE  . ARG A 1 39  ? -0.53792  6.48106   7.80043   1.000 6.82762  ? 39  ARG B NE  1 
ATOM   287  C CZ  . ARG A 1 39  ? 0.20708   6.14315   8.84410   1.000 10.52529 ? 39  ARG B CZ  1 
ATOM   288  N NH1 . ARG A 1 39  ? 0.14340   4.90784   9.34755   1.000 6.45639  ? 39  ARG B NH1 1 
ATOM   289  N NH2 . ARG A 1 39  ? 1.02648   7.03782   9.38136   1.000 8.11348  ? 39  ARG B NH2 1 
ATOM   290  N N   . GLN A 1 40  ? -5.71162  7.00572   4.78612   1.000 6.48844  ? 40  GLN B N   1 
ATOM   291  C CA  . GLN A 1 40  ? -6.54946  8.16869   5.05420   1.000 10.20470 ? 40  GLN B CA  1 
ATOM   292  C C   . GLN A 1 40  ? -7.02614  8.09033   6.49514   1.000 7.27586  ? 40  GLN B C   1 
ATOM   293  O O   . GLN A 1 40  ? -7.87165  7.25412   6.82219   1.000 7.47483  ? 40  GLN B O   1 
ATOM   294  C CB  . GLN A 1 40  ? -7.73343  8.21579   4.08985   1.000 11.77314 ? 40  GLN B CB  1 
ATOM   295  C CG  . GLN A 1 40  ? -8.68171  9.38347   4.35025   1.000 14.31760 ? 40  GLN B CG  1 
ATOM   296  C CD  . GLN A 1 40  ? -8.06798  10.70943  3.96221   1.000 16.61009 ? 40  GLN B CD  1 
ATOM   297  O OE1 . GLN A 1 40  ? -7.86365  10.98807  2.77799   1.000 19.80630 ? 40  GLN B OE1 1 
ATOM   298  N NE2 . GLN A 1 40  ? -7.76299  11.53920  4.95719   1.000 19.21403 ? 40  GLN B NE2 1 
ATOM   299  N N   . ALA A 1 41  ? -6.47221  8.98212   7.37729   1.000 8.96549  ? 41  ALA B N   1 
ATOM   300  C CA  . ALA A 1 41  ? -6.93081  9.11876   8.75124   1.000 11.77568 ? 41  ALA B CA  1 
ATOM   301  C C   . ALA A 1 41  ? -7.97361  10.23167  8.83977   1.000 13.29988 ? 41  ALA B C   1 
ATOM   302  O O   . ALA A 1 41  ? -7.99930  11.13442  7.99657   1.000 11.83382 ? 41  ALA B O   1 
ATOM   303  C CB  . ALA A 1 41  ? -5.75446  9.43110   9.67467   1.000 10.88612 ? 41  ALA B CB  1 
ATOM   304  N N   . PRO A 1 42  ? -8.86000  10.20108  9.83029   1.000 13.27243 ? 42  PRO B N   1 
ATOM   305  C CA  . PRO A 1 42  ? -9.89696  11.24391  9.91762   1.000 18.90102 ? 42  PRO B CA  1 
ATOM   306  C C   . PRO A 1 42  ? -9.29129  12.62886  10.12993  1.000 12.97854 ? 42  PRO B C   1 
ATOM   307  O O   . PRO A 1 42  ? -8.40222  12.81170  10.96075  1.000 11.92645 ? 42  PRO B O   1 
ATOM   308  C CB  . PRO A 1 42  ? -10.74845 10.80807  11.11615  1.000 16.82722 ? 42  PRO B CB  1 
ATOM   309  C CG  . PRO A 1 42  ? -10.10651 9.59373   11.68550  1.000 18.40936 ? 42  PRO B CG  1 
ATOM   310  C CD  . PRO A 1 42  ? -9.07411  9.08199   10.76269  1.000 15.80150 ? 42  PRO B CD  1 
ATOM   311  N N   . GLY A 1 43  ? -9.77114  13.60373  9.35068   1.000 16.87846 ? 43  GLY B N   1 
ATOM   312  C CA  . GLY A 1 43  ? -9.33581  14.98807  9.47313   1.000 14.88717 ? 43  GLY B CA  1 
ATOM   313  C C   . GLY A 1 43  ? -7.93761  15.28251  8.98781   1.000 19.19218 ? 43  GLY B C   1 
ATOM   314  O O   . GLY A 1 43  ? -7.40787  16.36228  9.27056   1.000 17.28327 ? 43  GLY B O   1 
ATOM   315  N N   . LYS A 1 44  ? -7.30688  14.35067  8.28690   1.000 16.64463 ? 44  LYS B N   1 
ATOM   316  C CA  . LYS A 1 44  ? -5.94214  14.52396  7.82754   1.000 14.65556 ? 44  LYS B CA  1 
ATOM   317  C C   . LYS A 1 44  ? -5.89984  14.38172  6.31525   1.000 18.26048 ? 44  LYS B C   1 
ATOM   318  O O   . LYS A 1 44  ? -6.81634  13.83380  5.69714   1.000 14.71795 ? 44  LYS B O   1 
ATOM   319  C CB  . LYS A 1 44  ? -5.00546  13.49717  8.47280   1.000 16.92621 ? 44  LYS B CB  1 
ATOM   320  C CG  . LYS A 1 44  ? -4.86460  13.63455  9.97889   1.000 18.16553 ? 44  LYS B CG  1 
ATOM   321  C CD  . LYS A 1 44  ? -3.76832  14.63541  10.36333  1.000 27.91084 ? 44  LYS B CD  1 
ATOM   322  C CE  . LYS A 1 44  ? -3.27736  14.41952  11.80501  1.000 28.28236 ? 44  LYS B CE  1 
ATOM   323  N NZ  . LYS A 1 44  ? -2.58675  13.11046  11.99236  1.000 33.69547 ? 44  LYS B NZ  1 
ATOM   324  N N   . GLU A 1 45  ? -4.81589  14.87256  5.71851   1.000 16.61682 ? 45  GLU B N   1 
ATOM   325  C CA  . GLU A 1 45  ? -4.62493  14.67156  4.29083   1.000 17.02493 ? 45  GLU B CA  1 
ATOM   326  C C   . GLU A 1 45  ? -4.28216  13.21002  4.03998   1.000 14.46092 ? 45  GLU B C   1 
ATOM   327  O O   . GLU A 1 45  ? -3.64217  12.56783  4.87750   1.000 15.08584 ? 45  GLU B O   1 
ATOM   328  C CB  . GLU A 1 45  ? -3.51084  15.57254  3.75448   1.000 27.86342 ? 45  GLU B CB  1 
ATOM   329  C CG  . GLU A 1 45  ? -3.92472  17.02777  3.53444   1.000 30.29590 ? 45  GLU B CG  1 
ATOM   330  C CD  . GLU A 1 45  ? -4.25850  17.31802  2.08480   1.000 33.46318 ? 45  GLU B CD  1 
ATOM   331  O OE1 . GLU A 1 45  ? -3.92761  18.41599  1.59113   1.000 42.42322 ? 45  GLU B OE1 1 
ATOM   332  O OE2 . GLU A 1 45  ? -4.85454  16.43913  1.43238   1.000 37.10538 ? 45  GLU B OE2 1 
ATOM   333  N N   . ARG A 1 46  ? -4.74395  12.68571  2.89950   1.000 13.82333 ? 46  ARG B N   1 
ATOM   334  C CA  . ARG A 1 46  ? -4.28313  11.39267  2.40083   1.000 14.50231 ? 46  ARG B CA  1 
ATOM   335  C C   . ARG A 1 46  ? -2.76558  11.31409  2.47854   1.000 13.38073 ? 46  ARG B C   1 
ATOM   336  O O   . ARG A 1 46  ? -2.06065  12.21261  2.01242   1.000 14.61114 ? 46  ARG B O   1 
ATOM   337  C CB  . ARG A 1 46  ? -4.73928  11.21215  0.95463   1.000 17.64108 ? 46  ARG B CB  1 
ATOM   338  C CG  . ARG A 1 46  ? -4.63306  9.80936   0.34901   1.000 19.46328 ? 46  ARG B CG  1 
ATOM   339  C CD  . ARG A 1 46  ? -5.61726  9.72740   -0.82473  1.000 21.60813 ? 46  ARG B CD  1 
ATOM   340  N NE  . ARG A 1 46  ? -6.39495  8.49283   -0.89952  1.000 35.43127 ? 46  ARG B NE  1 
ATOM   341  C CZ  . ARG A 1 46  ? -7.55184  8.28087   -0.27494  1.000 35.19675 ? 46  ARG B CZ  1 
ATOM   342  N NH1 . ARG A 1 46  ? -8.05712  9.20424   0.52472   1.000 26.94338 ? 46  ARG B NH1 1 
ATOM   343  N NH2 . ARG A 1 46  ? -8.18927  7.12566   -0.42605  1.000 34.94261 ? 46  ARG B NH2 1 
ATOM   344  N N   . GLU A 1 47  ? -2.26103  10.23407  3.06821   1.000 10.20291 ? 47  GLU B N   1 
ATOM   345  C CA  . GLU A 1 47  ? -0.83482  10.08969  3.33417   1.000 10.19913 ? 47  GLU B CA  1 
ATOM   346  C C   . GLU A 1 47  ? -0.23827  8.95370   2.51139   1.000 8.73479  ? 47  GLU B C   1 
ATOM   347  O O   . GLU A 1 47  ? -0.74534  7.82646   2.54025   1.000 7.50795  ? 47  GLU B O   1 
ATOM   348  C CB  . GLU A 1 47  ? -0.59262  9.84476   4.82354   1.000 9.73588  ? 47  GLU B CB  1 
ATOM   349  C CG  . GLU A 1 47  ? 0.86232   10.03442  5.25654   1.000 12.00592 ? 47  GLU B CG  1 
ATOM   350  C CD  . GLU A 1 47  ? 1.10791   9.64284   6.70896   1.000 11.80313 ? 47  GLU B CD  1 
ATOM   351  O OE1 . GLU A 1 47  ? 0.15561   9.19470   7.38546   1.000 13.14665 ? 47  GLU B OE1 1 
ATOM   352  O OE2 . GLU A 1 47  ? 2.25468   9.77960   7.17305   1.000 15.24604 ? 47  GLU B OE2 1 
ATOM   353  N N   . PHE A 1 48  ? 0.84308   9.25400   1.79501   1.000 7.67032  ? 48  PHE B N   1 
ATOM   354  C CA  . PHE A 1 48  ? 1.65201   8.21378   1.17131   1.000 8.01954  ? 48  PHE B CA  1 
ATOM   355  C C   . PHE A 1 48  ? 2.31861   7.36678   2.24657   1.000 8.99411  ? 48  PHE B C   1 
ATOM   356  O O   . PHE A 1 48  ? 2.89506   7.90474   3.19586   1.000 7.44705  ? 48  PHE B O   1 
ATOM   357  C CB  . PHE A 1 48  ? 2.72617   8.83241   0.26782   1.000 6.91756  ? 48  PHE B CB  1 
ATOM   358  C CG  . PHE A 1 48  ? 3.72952   7.83858   -0.23350  1.000 8.70523  ? 48  PHE B CG  1 
ATOM   359  C CD1 . PHE A 1 48  ? 3.43106   7.05481   -1.32312  1.000 9.52437  ? 48  PHE B CD1 1 
ATOM   360  C CD2 . PHE A 1 48  ? 4.95613   7.66048   0.40396   1.000 7.93164  ? 48  PHE B CD2 1 
ATOM   361  C CE1 . PHE A 1 48  ? 4.32906   6.11212   -1.79772  1.000 7.66255  ? 48  PHE B CE1 1 
ATOM   362  C CE2 . PHE A 1 48  ? 5.86354   6.71269   -0.07005  1.000 6.36912  ? 48  PHE B CE2 1 
ATOM   363  C CZ  . PHE A 1 48  ? 5.54090   5.94334   -1.17804  1.000 10.05021 ? 48  PHE B CZ  1 
ATOM   364  N N   . VAL A 1 49  ? 2.27884   6.04583   2.07766   1.000 4.64712  ? 49  VAL B N   1 
ATOM   365  C CA  . VAL A 1 49  ? 2.88008   5.10099   3.01632   1.000 5.27824  ? 49  VAL B CA  1 
ATOM   366  C C   . VAL A 1 49  ? 4.12923   4.45312   2.42308   1.000 6.72803  ? 49  VAL B C   1 
ATOM   367  O O   . VAL A 1 49  ? 5.21297   4.53918   3.00010   1.000 6.94847  ? 49  VAL B O   1 
ATOM   368  C CB  . VAL A 1 49  ? 1.85985   4.03330   3.46840   1.000 7.94545  ? 49  VAL B CB  1 
ATOM   369  C CG1 . VAL A 1 49  ? 2.53623   2.97920   4.36771   1.000 7.20975  ? 49  VAL B CG1 1 
ATOM   370  C CG2 . VAL A 1 49  ? 0.68800   4.69168   4.19441   1.000 8.02576  ? 49  VAL B CG2 1 
ATOM   371  N N   . ALA A 1 50  ? 3.99345   3.79859   1.27036   1.000 4.77635  ? 50  ALA B N   1 
ATOM   372  C CA  . ALA A 1 50  ? 5.10135   3.02579   0.71378   1.000 6.10605  ? 50  ALA B CA  1 
ATOM   373  C C   . ALA A 1 50  ? 4.77289   2.66813   -0.72940  1.000 5.74027  ? 50  ALA B C   1 
ATOM   374  O O   . ALA A 1 50  ? 3.60643   2.59851   -1.10849  1.000 8.38557  ? 50  ALA B O   1 
ATOM   375  C CB  . ALA A 1 50  ? 5.36883   1.75982   1.53785   1.000 7.23474  ? 50  ALA B CB  1 
ATOM   376  N N   . ALA A 1 51  ? 5.81392   2.45043   -1.52810  1.000 5.47141  ? 51  ALA B N   1 
ATOM   377  C CA  . ALA A 1 51  ? 5.61600   2.05510   -2.91523  1.000 5.63583  ? 51  ALA B CA  1 
ATOM   378  C C   . ALA A 1 51  ? 6.82498   1.27781   -3.39403  1.000 8.09082  ? 51  ALA B C   1 
ATOM   379  O O   . ALA A 1 51  ? 7.92891   1.42673   -2.86303  1.000 7.72830  ? 51  ALA B O   1 
ATOM   380  C CB  . ALA A 1 51  ? 5.39131   3.26518   -3.82960  1.000 5.59547  ? 51  ALA B CB  1 
ATOM   381  N N   . ASN A 1 52  ? 6.60276   0.43383   -4.40023  1.000 6.32472  ? 52  ASN B N   1 
ATOM   382  C CA  . ASN A 1 52  ? 7.70811   -0.23246  -5.06921  1.000 6.54804  ? 52  ASN B CA  1 
ATOM   383  C C   . ASN A 1 52  ? 7.42653   -0.33476  -6.56064  1.000 7.73135  ? 52  ASN B C   1 
ATOM   384  O O   . ASN A 1 52  ? 6.31649   -0.08132  -7.03579  1.000 7.22388  ? 52  ASN B O   1 
ATOM   385  C CB  . ASN A 1 52  ? 8.00211   -1.61667  -4.45983  1.000 10.01548 ? 52  ASN B CB  1 
ATOM   386  C CG  . ASN A 1 52  ? 6.80833   -2.58197  -4.52596  1.000 7.44132  ? 52  ASN B CG  1 
ATOM   387  O OD1 . ASN A 1 52  ? 5.89510   -2.42542  -5.33099  1.000 8.64047  ? 52  ASN B OD1 1 
ATOM   388  N ND2 . ASN A 1 52  ? 6.82907   -3.59712  -3.66632  1.000 9.72220  ? 52  ASN B ND2 1 
ATOM   389  N N   . ARG A 1 53  ? 8.46502   -0.69346  -7.30150  1.000 7.97373  ? 53  ARG B N   1 
ATOM   390  C CA  . ARG A 1 53  ? 8.38179   -0.78908  -8.74847  1.000 9.69881  ? 53  ARG B CA  1 
ATOM   391  C C   . ARG A 1 53  ? 8.24342   -2.24085  -9.17211  1.000 12.11856 ? 53  ARG B C   1 
ATOM   392  O O   . ARG A 1 53  ? 8.54480   -3.16987  -8.41535  1.000 12.71048 ? 53  ARG B O   1 
ATOM   393  C CB  . ARG A 1 53  ? 9.61212   -0.16408  -9.40761  1.000 11.77488 ? 53  ARG B CB  1 
ATOM   394  C CG  . ARG A 1 53  ? 9.88853   1.26514   -8.96744  1.000 16.82047 ? 53  ARG B CG  1 
ATOM   395  C CD  . ARG A 1 53  ? 10.91501  1.92707   -9.87449  1.000 17.99698 ? 53  ARG B CD  1 
ATOM   396  N NE  . ARG A 1 53  ? 10.26159  2.67859   -10.93719 1.000 28.07573 ? 53  ARG B NE  1 
ATOM   397  C CZ  . ARG A 1 53  ? 10.42318  2.44753   -12.23741 1.000 23.96845 ? 53  ARG B CZ  1 
ATOM   398  N NH1 . ARG A 1 53  ? 11.22826  1.47574   -12.65253 1.000 35.38001 ? 53  ARG B NH1 1 
ATOM   399  N NH2 . ARG A 1 53  ? 9.77716   3.19355   -13.12438 1.000 23.62759 ? 53  ARG B NH2 1 
ATOM   400  N N   . GLY A 1 54  ? 7.77255   -2.41908  -10.40710 1.000 15.77052 ? 54  GLY B N   1 
ATOM   401  C CA  . GLY A 1 54  ? 7.44304   -3.74986  -10.87711 1.000 18.41337 ? 54  GLY B CA  1 
ATOM   402  C C   . GLY A 1 54  ? 8.59777   -4.71352  -10.74038 1.000 21.25676 ? 54  GLY B C   1 
ATOM   403  O O   . GLY A 1 54  ? 8.41842   -5.86089  -10.32576 1.000 28.16679 ? 54  GLY B O   1 
ATOM   404  N N   . ARG A 1 55  ? 9.80281   -4.25469  -11.06845 1.000 24.69516 ? 55  ARG B N   1 
ATOM   405  C CA  . ARG A 1 55  ? 11.00600  -5.06339  -10.94848 1.000 27.78070 ? 55  ARG B CA  1 
ATOM   406  C C   . ARG A 1 55  ? 12.04178  -4.39160  -10.05860 1.000 30.57416 ? 55  ARG B C   1 
ATOM   407  O O   . ARG A 1 55  ? 13.23415  -4.69137  -10.17096 1.000 28.57594 ? 55  ARG B O   1 
ATOM   408  C CB  . ARG A 1 55  ? 11.59068  -5.34658  -12.33432 1.000 24.51039 ? 55  ARG B CB  1 
ATOM   409  C CG  . ARG A 1 55  ? 10.58631  -5.87911  -13.34596 1.000 22.56505 ? 55  ARG B CG  1 
ATOM   410  C CD  . ARG A 1 55  ? 11.26570  -6.85609  -14.27904 1.000 26.28724 ? 55  ARG B CD  1 
ATOM   411  N NE  . ARG A 1 55  ? 10.31704  -7.75932  -14.92176 1.000 24.71096 ? 55  ARG B NE  1 
ATOM   412  C CZ  . ARG A 1 55  ? 10.15782  -7.85454  -16.23563 1.000 26.78115 ? 55  ARG B CZ  1 
ATOM   413  N NH1 . ARG A 1 55  ? 10.87618  -7.08901  -17.04924 1.000 30.43268 ? 55  ARG B NH1 1 
ATOM   414  N NH2 . ARG A 1 55  ? 9.27624   -8.70961  -16.73464 1.000 27.28270 ? 55  ARG B NH2 1 
ATOM   415  N N   . GLY A 1 56  ? 11.60798  -3.48980  -9.17881  1.000 27.98312 ? 56  GLY B N   1 
ATOM   416  C CA  . GLY A 1 56  ? 12.52706  -2.70532  -8.37946  1.000 22.36603 ? 56  GLY B CA  1 
ATOM   417  C C   . GLY A 1 56  ? 12.91347  -3.38811  -7.07872  1.000 28.70359 ? 56  GLY B C   1 
ATOM   418  O O   . GLY A 1 56  ? 12.13768  -4.13464  -6.48348  1.000 29.23669 ? 56  GLY B O   1 
ATOM   419  N N   . LEU A 1 57  ? 14.14167  -3.10832  -6.64197  1.000 27.41660 ? 57  LEU B N   1 
ATOM   420  C CA  . LEU A 1 57  ? 14.69617  -3.70152  -5.43593  1.000 22.71576 ? 57  LEU B CA  1 
ATOM   421  C C   . LEU A 1 57  ? 14.67082  -2.77041  -4.23755  1.000 24.57398 ? 57  LEU B C   1 
ATOM   422  O O   . LEU A 1 57  ? 14.79359  -3.24875  -3.10312  1.000 25.10906 ? 57  LEU B O   1 
ATOM   423  C CB  . LEU A 1 57  ? 16.14508  -4.13336  -5.67721  1.000 22.42443 ? 57  LEU B CB  1 
ATOM   424  C CG  . LEU A 1 57  ? 16.34515  -5.17070  -6.77844  1.000 25.87740 ? 57  LEU B CG  1 
ATOM   425  C CD1 . LEU A 1 57  ? 17.82307  -5.47304  -6.94798  1.000 22.13961 ? 57  LEU B CD1 1 
ATOM   426  C CD2 . LEU A 1 57  ? 15.56941  -6.42714  -6.44670  1.000 22.10673 ? 57  LEU B CD2 1 
ATOM   427  N N   . SER A 1 58  ? 14.52788  -1.46593  -4.45720  1.000 19.30294 ? 58  SER B N   1 
ATOM   428  C CA  . SER A 1 58  ? 14.62077  -0.47519  -3.38541  1.000 15.95420 ? 58  SER B CA  1 
ATOM   429  C C   . SER A 1 58  ? 13.30580  0.28068   -3.27188  1.000 16.78867 ? 58  SER B C   1 
ATOM   430  O O   . SER A 1 58  ? 13.06552  1.24179   -4.02897  1.000 15.88727 ? 58  SER B O   1 
ATOM   431  C CB  . SER A 1 58  ? 15.77538  0.48874   -3.63953  1.000 21.72519 ? 58  SER B CB  1 
ATOM   432  O OG  . SER A 1 58  ? 15.62519  1.11162   -4.90483  1.000 33.84516 ? 58  SER B OG  1 
ATOM   433  N N   . PRO A 1 59  ? 12.43814  -0.09873  -2.34320  1.000 11.53263 ? 59  PRO B N   1 
ATOM   434  C CA  . PRO A 1 59  ? 11.15015  0.57749   -2.21710  1.000 11.27824 ? 59  PRO B CA  1 
ATOM   435  C C   . PRO A 1 59  ? 11.31215  1.97292   -1.64217  1.000 9.83598  ? 59  PRO B C   1 
ATOM   436  O O   . PRO A 1 59  ? 12.35356  2.33769   -1.09161  1.000 11.57203 ? 59  PRO B O   1 
ATOM   437  C CB  . PRO A 1 59  ? 10.37239  -0.33033  -1.26307  1.000 8.65380  ? 59  PRO B CB  1 
ATOM   438  C CG  . PRO A 1 59  ? 11.43823  -0.91030  -0.40233  1.000 13.61252 ? 59  PRO B CG  1 
ATOM   439  C CD  . PRO A 1 59  ? 12.63898  -1.10096  -1.28466  1.000 13.99082 ? 59  PRO B CD  1 
ATOM   440  N N   . ASP A 1 60  ? 10.25191  2.76051   -1.78459  1.000 9.79077  ? 60  ASP B N   1 
ATOM   441  C CA  . ASP A 1 60  ? 10.16587  4.10900   -1.23195  1.000 7.25077  ? 60  ASP B CA  1 
ATOM   442  C C   . ASP A 1 60  ? 9.20793   4.07273   -0.04699  1.000 8.57734  ? 60  ASP B C   1 
ATOM   443  O O   . ASP A 1 60  ? 8.03840   3.73132   -0.22146  1.000 8.85559  ? 60  ASP B O   1 
ATOM   444  C CB  . ASP A 1 60  ? 9.67376   5.07896   -2.31318  1.000 8.24798  ? 60  ASP B CB  1 
ATOM   445  C CG  . ASP A 1 60  ? 9.59263   6.50404   -1.83735  1.000 9.73205  ? 60  ASP B CG  1 
ATOM   446  O OD1 . ASP A 1 60  ? 10.50357  6.93704   -1.10254  1.000 14.18890 ? 60  ASP B OD1 1 
ATOM   447  O OD2 . ASP A 1 60  ? 8.61333   7.19007   -2.19469  1.000 7.19713  ? 60  ASP B OD2 1 
ATOM   448  N N   . ILE A 1 61  ? 9.69852   4.39204   1.15688   1.000 8.45576  ? 61  ILE B N   1 
ATOM   449  C CA  . ILE A 1 61  ? 8.91769   4.22888   2.38299   1.000 8.12231  ? 61  ILE B CA  1 
ATOM   450  C C   . ILE A 1 61  ? 8.90110   5.54436   3.15631   1.000 10.90062 ? 61  ILE B C   1 
ATOM   451  O O   . ILE A 1 61  ? 9.95887   6.10745   3.45294   1.000 12.59303 ? 61  ILE B O   1 
ATOM   452  C CB  . ILE A 1 61  ? 9.47028   3.08235   3.25368   1.000 9.90032  ? 61  ILE B CB  1 
ATOM   453  C CG1 . ILE A 1 61  ? 9.41328   1.76291   2.47251   1.000 11.56571 ? 61  ILE B CG1 1 
ATOM   454  C CG2 . ILE A 1 61  ? 8.67223   2.96296   4.54705   1.000 12.23959 ? 61  ILE B CG2 1 
ATOM   455  C CD1 . ILE A 1 61  ? 9.76929   0.54536   3.27113   1.000 17.90373 ? 61  ILE B CD1 1 
ATOM   456  N N   . ALA A 1 62  ? 7.69921   6.03156   3.47037   1.000 8.22307  ? 62  ALA B N   1 
ATOM   457  C CA  . ALA A 1 62  ? 7.54538   7.31140   4.15140   1.000 7.56118  ? 62  ALA B CA  1 
ATOM   458  C C   . ALA A 1 62  ? 8.22969   7.29441   5.51952   1.000 11.19877 ? 62  ALA B C   1 
ATOM   459  O O   . ALA A 1 62  ? 8.28193   6.26899   6.20771   1.000 9.29453  ? 62  ALA B O   1 
ATOM   460  C CB  . ALA A 1 62  ? 6.06006   7.64936   4.30841   1.000 9.26740  ? 62  ALA B CB  1 
ATOM   461  N N   . ASP A 1 63  ? 8.76514   8.45634   5.90568   1.000 12.01486 ? 63  ASP B N   1 
ATOM   462  C CA  . ASP A 1 63  ? 9.44293   8.57719   7.19410   1.000 12.73036 ? 63  ASP B CA  1 
ATOM   463  C C   . ASP A 1 63  ? 8.53617   8.19259   8.35493   1.000 10.40042 ? 63  ASP B C   1 
ATOM   464  O O   . ASP A 1 63  ? 9.01098   7.64974   9.35896   1.000 13.64421 ? 63  ASP B O   1 
ATOM   465  C CB  . ASP A 1 63  ? 9.92802   10.01105  7.40568   1.000 15.17302 ? 63  ASP B CB  1 
ATOM   466  C CG  . ASP A 1 63  ? 11.09052  10.37852  6.52306   1.000 18.80446 ? 63  ASP B CG  1 
ATOM   467  O OD1 . ASP A 1 63  ? 11.62541  9.49438   5.82295   1.000 18.31281 ? 63  ASP B OD1 1 
ATOM   468  O OD2 . ASP A 1 63  ? 11.47771  11.56735  6.54294   1.000 24.85894 ? 63  ASP B OD2 1 
ATOM   469  N N   . SER A 1 64  ? 7.23755   8.47698   8.24376   1.000 9.54859  ? 64  SER B N   1 
ATOM   470  C CA  . SER A 1 64  ? 6.32362   8.27015   9.36577   1.000 12.80804 ? 64  SER B CA  1 
ATOM   471  C C   . SER A 1 64  ? 6.15331   6.79877   9.72496   1.000 14.05575 ? 64  SER B C   1 
ATOM   472  O O   . SER A 1 64  ? 5.69561   6.48753   10.83308  1.000 13.34528 ? 64  SER B O   1 
ATOM   473  C CB  . SER A 1 64  ? 4.96337   8.87829   9.04370   1.000 10.04650 ? 64  SER B CB  1 
ATOM   474  O OG  . SER A 1 64  ? 4.48676   8.37966   7.80560   1.000 15.19948 ? 64  SER B OG  1 
ATOM   475  N N   . VAL A 1 65  ? 6.49642   5.88799   8.81577   1.000 10.11460 ? 65  VAL B N   1 
ATOM   476  C CA  . VAL A 1 65  ? 6.36596   4.46099   9.06217   1.000 10.78245 ? 65  VAL B CA  1 
ATOM   477  C C   . VAL A 1 65  ? 7.66984   3.71252   8.85188   1.000 12.95721 ? 65  VAL B C   1 
ATOM   478  O O   . VAL A 1 65  ? 7.70029   2.49411   9.01592   1.000 9.49914  ? 65  VAL B O   1 
ATOM   479  C CB  . VAL A 1 65  ? 5.25381   3.84293   8.19114   1.000 8.49666  ? 65  VAL B CB  1 
ATOM   480  C CG1 . VAL A 1 65  ? 3.91542   4.54586   8.44428   1.000 7.66528  ? 65  VAL B CG1 1 
ATOM   481  C CG2 . VAL A 1 65  ? 5.63392   3.92231   6.71805   1.000 9.68848  ? 65  VAL B CG2 1 
ATOM   482  N N   . ASN A 1 66  ? 8.75581   4.40685   8.51036   1.000 12.22153 ? 66  ASN B N   1 
ATOM   483  C CA  . ASN A 1 66  ? 10.02034  3.73201   8.25288   1.000 13.38899 ? 66  ASN B CA  1 
ATOM   484  C C   . ASN A 1 66  ? 10.52863  3.06282   9.52710   1.000 14.72529 ? 66  ASN B C   1 
ATOM   485  O O   . ASN A 1 66  ? 10.48259  3.64408   10.61563  1.000 16.23305 ? 66  ASN B O   1 
ATOM   486  C CB  . ASN A 1 66  ? 11.04665  4.73158   7.71917   1.000 17.41949 ? 66  ASN B CB  1 
ATOM   487  C CG  . ASN A 1 66  ? 12.35784  4.07263   7.34289   1.000 24.37213 ? 66  ASN B CG  1 
ATOM   488  O OD1 . ASN A 1 66  ? 13.40933  4.37912   7.91139   1.000 35.10795 ? 66  ASN B OD1 1 
ATOM   489  N ND2 . ASN A 1 66  ? 12.30368  3.15783   6.38701   1.000 24.48339 ? 66  ASN B ND2 1 
ATOM   490  N N   . GLY A 1 67  ? 11.00259  1.82568   9.38668   1.000 13.24035 ? 67  GLY B N   1 
ATOM   491  C CA  . GLY A 1 67  ? 11.39891  1.02543   10.52583  1.000 14.18813 ? 67  GLY B CA  1 
ATOM   492  C C   . GLY A 1 67  ? 10.28216  0.21655   11.14945  1.000 13.88249 ? 67  GLY B C   1 
ATOM   493  O O   . GLY A 1 67  ? 10.55905  -0.62432  12.01774  1.000 15.57700 ? 67  GLY B O   1 
ATOM   494  N N   . ARG A 1 68  ? 9.02755   0.44567   10.74674  1.000 8.44291  ? 68  ARG B N   1 
ATOM   495  C CA  . ARG A 1 68  ? 7.88947   -0.32521  11.23404  1.000 10.29032 ? 68  ARG B CA  1 
ATOM   496  C C   . ARG A 1 68  ? 7.09891   -1.00031  10.12479  1.000 9.23371  ? 68  ARG B C   1 
ATOM   497  O O   . ARG A 1 68  ? 6.61385   -2.11527  10.32309  1.000 8.46873  ? 68  ARG B O   1 
ATOM   498  C CB  . ARG A 1 68  ? 6.94306   0.55722   12.05198  1.000 11.18480 ? 68  ARG B CB  1 
ATOM   499  C CG  . ARG A 1 68  ? 7.61763   1.27636   13.20632  1.000 12.01574 ? 68  ARG B CG  1 
ATOM   500  C CD  . ARG A 1 68  ? 6.60152   2.03605   14.03013  1.000 12.95194 ? 68  ARG B CD  1 
ATOM   501  N NE  . ARG A 1 68  ? 5.92428   3.06885   13.24877  1.000 10.47248 ? 68  ARG B NE  1 
ATOM   502  C CZ  . ARG A 1 68  ? 4.61834   3.10711   13.01702  1.000 9.41756  ? 68  ARG B CZ  1 
ATOM   503  N NH1 . ARG A 1 68  ? 3.82623   2.15635   13.48788  1.000 10.74795 ? 68  ARG B NH1 1 
ATOM   504  N NH2 . ARG A 1 68  ? 4.10288   4.10198   12.30646  1.000 10.98445 ? 68  ARG B NH2 1 
ATOM   505  N N   . PHE A 1 69  ? 6.94040   -0.35422  8.97148   1.000 8.36294  ? 69  PHE B N   1 
ATOM   506  C CA  . PHE A 1 69  ? 6.20672   -0.92413  7.84484   1.000 6.95615  ? 69  PHE B CA  1 
ATOM   507  C C   . PHE A 1 69  ? 7.17004   -1.33376  6.73579   1.000 8.51470  ? 69  PHE B C   1 
ATOM   508  O O   . PHE A 1 69  ? 8.10727   -0.59870  6.41600   1.000 8.58142  ? 69  PHE B O   1 
ATOM   509  C CB  . PHE A 1 69  ? 5.19379   0.06212   7.24846   1.000 9.36503  ? 69  PHE B CB  1 
ATOM   510  C CG  . PHE A 1 69  ? 4.04693   0.45121   8.16632   1.000 6.58608  ? 69  PHE B CG  1 
ATOM   511  C CD1 . PHE A 1 69  ? 4.03151   0.12210   9.51603   1.000 10.16880 ? 69  PHE B CD1 1 
ATOM   512  C CD2 . PHE A 1 69  ? 2.98639   1.19957   7.63876   1.000 6.25164  ? 69  PHE B CD2 1 
ATOM   513  C CE1 . PHE A 1 69  ? 2.98473   0.51415   10.33227  1.000 9.15818  ? 69  PHE B CE1 1 
ATOM   514  C CE2 . PHE A 1 69  ? 1.93124   1.60155   8.43886   1.000 9.76705  ? 69  PHE B CE2 1 
ATOM   515  C CZ  . PHE A 1 69  ? 1.92735   1.25532   9.79876   1.000 9.96292  ? 69  PHE B CZ  1 
ATOM   516  N N   . THR A 1 70  ? 6.91316   -2.49446  6.12421   1.000 6.05280  ? 70  THR B N   1 
ATOM   517  C CA  . THR A 1 70  ? 7.70014   -2.99449  5.00520   1.000 7.04446  ? 70  THR B CA  1 
ATOM   518  C C   . THR A 1 70  ? 6.75799   -3.44598  3.89181   1.000 8.24203  ? 70  THR B C   1 
ATOM   519  O O   . THR A 1 70  ? 5.56752   -3.68544  4.11278   1.000 5.73683  ? 70  THR B O   1 
ATOM   520  C CB  . THR A 1 70  ? 8.64825   -4.14097  5.43655   1.000 6.16754  ? 70  THR B CB  1 
ATOM   521  O OG1 . THR A 1 70  ? 7.92089   -5.14054  6.17158   1.000 5.42750  ? 70  THR B OG1 1 
ATOM   522  C CG2 . THR A 1 70  ? 9.78750   -3.60134  6.33739   1.000 7.90077  ? 70  THR B CG2 1 
ATOM   523  N N   . ILE A 1 71  ? 7.30577   -3.57006  2.68744   1.000 6.90330  ? 71  ILE B N   1 
ATOM   524  C CA  . ILE A 1 71  ? 6.51135   -3.79352  1.47851   1.000 5.77272  ? 71  ILE B CA  1 
ATOM   525  C C   . ILE A 1 71  ? 7.21452   -4.83011  0.61497   1.000 9.31889  ? 71  ILE B C   1 
ATOM   526  O O   . ILE A 1 71  ? 8.44929   -4.89798  0.56894   1.000 8.20556  ? 71  ILE B O   1 
ATOM   527  C CB  . ILE A 1 71  ? 6.29417   -2.46879  0.71501   1.000 7.86462  ? 71  ILE B CB  1 
ATOM   528  C CG1 . ILE A 1 71  ? 5.27605   -2.59368  -0.41787  1.000 7.42922  ? 71  ILE B CG1 1 
ATOM   529  C CG2 . ILE A 1 71  ? 7.59318   -1.96813  0.14901   1.000 8.72017  ? 71  ILE B CG2 1 
ATOM   530  C CD1 . ILE A 1 71  ? 5.10447   -1.27331  -1.19401  1.000 9.76503  ? 71  ILE B CD1 1 
ATOM   531  N N   . SER A 1 72  ? 6.42498   -5.66065  -0.04743  1.000 4.88149  ? 72  SER B N   1 
ATOM   532  C CA  . SER A 1 72  ? 6.96887   -6.57398  -1.04284  1.000 5.86061  ? 72  SER B CA  1 
ATOM   533  C C   . SER A 1 72  ? 5.83806   -6.96093  -1.97902  1.000 10.18817 ? 72  SER B C   1 
ATOM   534  O O   . SER A 1 72  ? 4.66760   -6.67002  -1.72286  1.000 6.06640  ? 72  SER B O   1 
ATOM   535  C CB  . SER A 1 72  ? 7.60823   -7.81477  -0.39297  1.000 8.53271  ? 72  SER B CB  1 
ATOM   536  O OG  . SER A 1 72  ? 6.62437   -8.68642  0.13679   1.000 9.14192  ? 72  SER B OG  1 
ATOM   537  N N   . ARG A 1 73  ? 6.19403   -7.60799  -3.07436  1.000 10.12948 ? 73  ARG B N   1 
ATOM   538  C CA  . ARG A 1 73  ? 5.17635   -8.21903  -3.90689  1.000 7.39507  ? 73  ARG B CA  1 
ATOM   539  C C   . ARG A 1 73  ? 5.54146   -9.66601  -4.18311  1.000 9.28090  ? 73  ARG B C   1 
ATOM   540  O O   . ARG A 1 73  ? 6.71878   -10.02781 -4.25998  1.000 13.57939 ? 73  ARG B O   1 
ATOM   541  C CB  . ARG A 1 73  ? 4.94040   -7.43258  -5.20898  1.000 13.68109 ? 73  ARG B CB  1 
ATOM   542  C CG  . ARG A 1 73  ? 6.14112   -6.92062  -5.93519  1.000 17.89098 ? 73  ARG B CG  1 
ATOM   543  C CD  . ARG A 1 73  ? 5.65386   -6.30337  -7.25200  1.000 14.18341 ? 73  ARG B CD  1 
ATOM   544  N NE  . ARG A 1 73  ? 5.59884   -4.84639  -7.21637  1.000 12.37672 ? 73  ARG B NE  1 
ATOM   545  C CZ  . ARG A 1 73  ? 5.16262   -4.09973  -8.22811  1.000 7.56300  ? 73  ARG B CZ  1 
ATOM   546  N NH1 . ARG A 1 73  ? 4.72805   -4.67252  -9.34445  1.000 10.41526 ? 73  ARG B NH1 1 
ATOM   547  N NH2 . ARG A 1 73  ? 5.15856   -2.78306  -8.13135  1.000 8.76865  ? 73  ARG B NH2 1 
ATOM   548  N N   . ASP A 1 74  ? 4.51466   -10.49384 -4.26061  1.000 9.46755  ? 74  ASP B N   1 
ATOM   549  C CA  . ASP A 1 74  ? 4.64916   -11.89377 -4.62067  1.000 10.71609 ? 74  ASP B CA  1 
ATOM   550  C C   . ASP A 1 74  ? 4.19357   -12.00360 -6.06404  1.000 11.12306 ? 74  ASP B C   1 
ATOM   551  O O   . ASP A 1 74  ? 3.00946   -11.83320 -6.34832  1.000 9.46710  ? 74  ASP B O   1 
ATOM   552  C CB  . ASP A 1 74  ? 3.80677   -12.76915 -3.69737  1.000 12.34875 ? 74  ASP B CB  1 
ATOM   553  C CG  . ASP A 1 74  ? 3.99474   -14.24436 -3.95649  1.000 16.33800 ? 74  ASP B CG  1 
ATOM   554  O OD1 . ASP A 1 74  ? 3.85235   -14.67385 -5.11587  1.000 14.17526 ? 74  ASP B OD1 1 
ATOM   555  O OD2 . ASP A 1 74  ? 4.28163   -14.97719 -2.99056  1.000 20.80517 ? 74  ASP B OD2 1 
ATOM   556  N N   . ASN A 1 75  ? 5.13280   -12.25554 -6.97769  1.000 8.38737  ? 75  ASN B N   1 
ATOM   557  C CA  . ASN A 1 75  ? 4.76123   -12.25111 -8.38954  1.000 9.55853  ? 75  ASN B CA  1 
ATOM   558  C C   . ASN A 1 75  ? 3.96315   -13.49411 -8.77226  1.000 11.62406 ? 75  ASN B C   1 
ATOM   559  O O   . ASN A 1 75  ? 3.10219   -13.41940 -9.65340  1.000 10.98060 ? 75  ASN B O   1 
ATOM   560  C CB  . ASN A 1 75  ? 6.00925   -12.10406 -9.25073  1.000 11.70766 ? 75  ASN B CB  1 
ATOM   561  C CG  . ASN A 1 75  ? 6.47284   -10.66263 -9.34516  1.000 10.34211 ? 75  ASN B CG  1 
ATOM   562  O OD1 . ASN A 1 75  ? 5.80568   -9.82513  -9.96524  1.000 12.25399 ? 75  ASN B OD1 1 
ATOM   563  N ND2 . ASN A 1 75  ? 7.61077   -10.36026 -8.72832  1.000 13.02615 ? 75  ASN B ND2 1 
ATOM   564  N N   . ALA A 1 76  ? 4.20180   -14.63202 -8.11104  1.000 8.26327  ? 76  ALA B N   1 
ATOM   565  C CA  . ALA A 1 76  ? 3.39675   -15.81674 -8.39653  1.000 12.15852 ? 76  ALA B CA  1 
ATOM   566  C C   . ALA A 1 76  ? 1.91979   -15.56293 -8.11437  1.000 12.06063 ? 76  ALA B C   1 
ATOM   567  O O   . ALA A 1 76  ? 1.05039   -16.01887 -8.86459  1.000 12.24965 ? 76  ALA B O   1 
ATOM   568  C CB  . ALA A 1 76  ? 3.90207   -17.01540 -7.59096  1.000 14.00117 ? 76  ALA B CB  1 
ATOM   569  N N   . LYS A 1 77  ? 1.62107   -14.80353 -7.05515  1.000 10.31927 ? 77  LYS B N   1 
ATOM   570  C CA  . LYS A 1 77  ? 0.25382   -14.49053 -6.66648  1.000 11.61192 ? 77  LYS B CA  1 
ATOM   571  C C   . LYS A 1 77  ? -0.21084  -13.13708 -7.17507  1.000 7.76902  ? 77  LYS B C   1 
ATOM   572  O O   . LYS A 1 77  ? -1.35684  -12.75164 -6.90975  1.000 7.92953  ? 77  LYS B O   1 
ATOM   573  C CB  . LYS A 1 77  ? 0.12044   -14.51739 -5.13901  1.000 12.70658 ? 77  LYS B CB  1 
ATOM   574  C CG  . LYS A 1 77  ? 0.61628   -15.81441 -4.50338  1.000 11.88970 ? 77  LYS B CG  1 
ATOM   575  C CD  . LYS A 1 77  ? 0.47078   -15.77369 -2.99792  1.000 17.31577 ? 77  LYS B CD  1 
ATOM   576  C CE  . LYS A 1 77  ? 0.68110   -17.15530 -2.40583  1.000 24.71126 ? 77  LYS B CE  1 
ATOM   577  N NZ  . LYS A 1 77  ? -0.13156  -18.18412 -3.11882  1.000 29.71583 ? 77  LYS B NZ  1 
ATOM   578  N N   . ASN A 1 78  ? 0.64824   -12.41187 -7.88382  1.000 6.94826  ? 78  ASN B N   1 
ATOM   579  C CA  . ASN A 1 78  ? 0.34975   -11.05684 -8.34127  1.000 6.93201  ? 78  ASN B CA  1 
ATOM   580  C C   . ASN A 1 78  ? -0.27329  -10.22704 -7.22608  1.000 6.56223  ? 78  ASN B C   1 
ATOM   581  O O   . ASN A 1 78  ? -1.31220  -9.59466  -7.39782  1.000 6.74857  ? 78  ASN B O   1 
ATOM   582  C CB  . ASN A 1 78  ? -0.55638  -11.08306 -9.56817  1.000 7.93355  ? 78  ASN B CB  1 
ATOM   583  C CG  . ASN A 1 78  ? 0.17701   -11.51832 -10.79585 1.000 15.99029 ? 78  ASN B CG  1 
ATOM   584  O OD1 . ASN A 1 78  ? 1.25173   -11.00913 -11.08381 1.000 15.77713 ? 78  ASN B OD1 1 
ATOM   585  N ND2 . ASN A 1 78  ? -0.37592  -12.48740 -11.51479 1.000 22.58887 ? 78  ASN B ND2 1 
ATOM   586  N N   . THR A 1 79  ? 0.36817   -10.24478 -6.06117  1.000 5.78336  ? 79  THR B N   1 
ATOM   587  C CA  . THR A 1 79  ? -0.19269  -9.60132  -4.88077  1.000 6.70256  ? 79  THR B CA  1 
ATOM   588  C C   . THR A 1 79  ? 0.86202   -8.71314  -4.24462  1.000 7.30050  ? 79  THR B C   1 
ATOM   589  O O   . THR A 1 79  ? 2.02827   -9.10192  -4.13888  1.000 8.10646  ? 79  THR B O   1 
ATOM   590  C CB  . THR A 1 79  ? -0.70869  -10.63728 -3.87381  1.000 6.64477  ? 79  THR B CB  1 
ATOM   591  O OG1 . THR A 1 79  ? -1.74806  -11.41504 -4.48721  1.000 8.10230  ? 79  THR B OG1 1 
ATOM   592  C CG2 . THR A 1 79  ? -1.26014  -9.94761  -2.62482  1.000 8.32280  ? 79  THR B CG2 1 
ATOM   593  N N   . LEU A 1 80  ? 0.44495   -7.51927  -3.84315  1.000 3.40696  ? 80  LEU B N   1 
ATOM   594  C CA  . LEU A 1 80  ? 1.28564   -6.57234  -3.12323  1.000 5.19145  ? 80  LEU B CA  1 
ATOM   595  C C   . LEU A 1 80  ? 0.95068   -6.65658  -1.63788  1.000 4.28437  ? 80  LEU B C   1 
ATOM   596  O O   . LEU A 1 80  ? -0.21553  -6.80570  -1.26726  1.000 4.36111  ? 80  LEU B O   1 
ATOM   597  C CB  . LEU A 1 80  ? 1.03731   -5.14963  -3.63439  1.000 6.70130  ? 80  LEU B CB  1 
ATOM   598  C CG  . LEU A 1 80  ? 1.64639   -3.99644  -2.84812  1.000 7.09802  ? 80  LEU B CG  1 
ATOM   599  C CD1 . LEU A 1 80  ? 3.08649   -3.83399  -3.30335  1.000 7.46427  ? 80  LEU B CD1 1 
ATOM   600  C CD2 . LEU A 1 80  ? 0.83384   -2.72219  -3.10010  1.000 6.58615  ? 80  LEU B CD2 1 
ATOM   601  N N   . TYR A 1 81  ? 1.96369   -6.54370  -0.78600  1.000 4.02113  ? 81  TYR B N   1 
ATOM   602  C CA  . TYR A 1 81  ? 1.75237   -6.65434  0.65434   1.000 2.99745  ? 81  TYR B CA  1 
ATOM   603  C C   . TYR A 1 81  ? 2.27858   -5.43868  1.39296   1.000 5.94626  ? 81  TYR B C   1 
ATOM   604  O O   . TYR A 1 81  ? 3.23900   -4.79195  0.96554   1.000 6.78171  ? 81  TYR B O   1 
ATOM   605  C CB  . TYR A 1 81  ? 2.44631   -7.88745  1.22681   1.000 5.69077  ? 81  TYR B CB  1 
ATOM   606  C CG  . TYR A 1 81  ? 1.95260   -9.16762  0.62029   1.000 4.90298  ? 81  TYR B CG  1 
ATOM   607  C CD1 . TYR A 1 81  ? 0.79811   -9.75754  1.07429   1.000 5.16817  ? 81  TYR B CD1 1 
ATOM   608  C CD2 . TYR A 1 81  ? 2.63785   -9.77130  -0.42686  1.000 8.75813  ? 81  TYR B CD2 1 
ATOM   609  C CE1 . TYR A 1 81  ? 0.33478   -10.93551 0.51536   1.000 6.60405  ? 81  TYR B CE1 1 
ATOM   610  C CE2 . TYR A 1 81  ? 2.18566   -10.95013 -0.98621  1.000 12.27489 ? 81  TYR B CE2 1 
ATOM   611  C CZ  . TYR A 1 81  ? 1.03427   -11.52904 -0.50837  1.000 11.91692 ? 81  TYR B CZ  1 
ATOM   612  O OH  . TYR A 1 81  ? 0.56907   -12.70184 -1.06563  1.000 15.81975 ? 81  TYR B OH  1 
ATOM   613  N N   . LEU A 1 82  ? 1.66208   -5.16897  2.54000   1.000 3.17212  ? 82  LEU B N   1 
ATOM   614  C CA  . LEU A 1 82  ? 2.18004   -4.20380  3.50252   1.000 4.80167  ? 82  LEU B CA  1 
ATOM   615  C C   . LEU A 1 82  ? 2.19051   -4.89148  4.85475   1.000 4.50552  ? 82  LEU B C   1 
ATOM   616  O O   . LEU A 1 82  ? 1.12555   -5.23620  5.37891   1.000 6.42940  ? 82  LEU B O   1 
ATOM   617  C CB  . LEU A 1 82  ? 1.32965   -2.93670  3.54394   1.000 4.86432  ? 82  LEU B CB  1 
ATOM   618  C CG  . LEU A 1 82  ? 1.85716   -1.82556  4.45964   1.000 4.77904  ? 82  LEU B CG  1 
ATOM   619  C CD1 . LEU A 1 82  ? 3.12131   -1.19463  3.86837   1.000 6.89287  ? 82  LEU B CD1 1 
ATOM   620  C CD2 . LEU A 1 82  ? 0.78800   -0.76920  4.69327   1.000 6.85771  ? 82  LEU B CD2 1 
ATOM   621  N N   . GLN A 1 83  ? 3.38567   -5.09969  5.40604   1.000 6.49674  ? 83  GLN B N   1 
ATOM   622  C CA  . GLN A 1 83  ? 3.54188   -5.62522  6.75689   1.000 4.00207  ? 83  GLN B CA  1 
ATOM   623  C C   . GLN A 1 83  ? 3.67316   -4.44957  7.70763   1.000 6.20374  ? 83  GLN B C   1 
ATOM   624  O O   . GLN A 1 83  ? 4.59527   -3.64157  7.56933   1.000 7.02359  ? 83  GLN B O   1 
ATOM   625  C CB  . GLN A 1 83  ? 4.77469   -6.52960  6.83552   1.000 7.02067  ? 83  GLN B CB  1 
ATOM   626  C CG  . GLN A 1 83  ? 5.10334   -7.02409  8.22645   1.000 7.95485  ? 83  GLN B CG  1 
ATOM   627  C CD  . GLN A 1 83  ? 4.07301   -7.99805  8.76979   1.000 8.57847  ? 83  GLN B CD  1 
ATOM   628  O OE1 . GLN A 1 83  ? 3.47650   -8.77576  8.02076   1.000 8.25560  ? 83  GLN B OE1 1 
ATOM   629  N NE2 . GLN A 1 83  ? 3.86932   -7.97346  10.08025  1.000 13.71813 ? 83  GLN B NE2 1 
ATOM   630  N N   . MET A 1 84  ? 2.74945   -4.34686  8.66555   1.000 6.79781  ? 84  MET B N   1 
ATOM   631  C CA  . MET A 1 84  ? 2.70444   -3.23027  9.60045   1.000 6.07770  ? 84  MET B CA  1 
ATOM   632  C C   . MET A 1 84  ? 3.03317   -3.75844  10.98670  1.000 7.81370  ? 84  MET B C   1 
ATOM   633  O O   . MET A 1 84  ? 2.23839   -4.49284  11.57465  1.000 8.62914  ? 84  MET B O   1 
ATOM   634  C CB  . MET A 1 84  ? 1.32835   -2.57417  9.57257   1.000 8.69901  ? 84  MET B CB  1 
ATOM   635  C CG  . MET A 1 84  ? 0.92779   -2.15585  8.18826   1.000 8.53075  ? 84  MET B CG  1 
ATOM   636  S SD  . MET A 1 84  ? -0.74187  -1.47341  8.15614   1.000 18.20096 ? 84  MET B SD  1 
ATOM   637  C CE  . MET A 1 84  ? -1.75343  -2.86391  8.52355   1.000 18.24706 ? 84  MET B CE  1 
ATOM   638  N N   . ASP A 1 85  ? 4.19310   -3.37624  11.50418  1.000 9.04885  ? 85  ASP B N   1 
ATOM   639  C CA  . ASP A 1 85  ? 4.63686   -3.79466  12.82534  1.000 8.44926  ? 85  ASP B CA  1 
ATOM   640  C C   . ASP A 1 85  ? 4.64332   -2.61060  13.77913  1.000 9.24386  ? 85  ASP B C   1 
ATOM   641  O O   . ASP A 1 85  ? 4.59856   -1.45011  13.36514  1.000 9.19992  ? 85  ASP B O   1 
ATOM   642  C CB  . ASP A 1 85  ? 6.03210   -4.41530  12.76458  1.000 8.54077  ? 85  ASP B CB  1 
ATOM   643  C CG  . ASP A 1 85  ? 6.05922   -5.70724  11.99131  1.000 11.02939 ? 85  ASP B CG  1 
ATOM   644  O OD1 . ASP A 1 85  ? 5.13559   -6.52451  12.15834  1.000 12.55884 ? 85  ASP B OD1 1 
ATOM   645  O OD2 . ASP A 1 85  ? 7.01251   -5.90993  11.21551  1.000 15.81192 ? 85  ASP B OD2 1 
ATOM   646  N N   . SER A 1 86  ? 4.69891   -2.92689  15.06946  1.000 10.32560 ? 86  SER B N   1 
ATOM   647  C CA  . SER A 1 86  ? 4.76566   -1.91604  16.11866  1.000 10.01615 ? 86  SER B CA  1 
ATOM   648  C C   . SER A 1 86  ? 3.69063   -0.85385  15.92217  1.000 10.36211 ? 86  SER B C   1 
ATOM   649  O O   . SER A 1 86  ? 3.96183   0.34983   15.92789  1.000 11.70673 ? 86  SER B O   1 
ATOM   650  C CB  . SER A 1 86  ? 6.15240   -1.27583  16.16609  1.000 15.85322 ? 86  SER B CB  1 
ATOM   651  O OG  . SER A 1 86  ? 7.13439   -2.22993  16.50801  1.000 17.54823 ? 86  SER B OG  1 
ATOM   652  N N   . LEU A 1 87  ? 2.45375   -1.31564  15.74475  1.000 7.41001  ? 87  LEU B N   1 
ATOM   653  C CA  . LEU A 1 87  ? 1.37046   -0.42140  15.36333  1.000 7.71353  ? 87  LEU B CA  1 
ATOM   654  C C   . LEU A 1 87  ? 1.03348   0.53893   16.49912  1.000 9.96563  ? 87  LEU B C   1 
ATOM   655  O O   . LEU A 1 87  ? 1.09145   0.17941   17.67528  1.000 9.55282  ? 87  LEU B O   1 
ATOM   656  C CB  . LEU A 1 87  ? 0.14351   -1.23194  14.95093  1.000 7.74697  ? 87  LEU B CB  1 
ATOM   657  C CG  . LEU A 1 87  ? 0.21046   -1.65605  13.47900  1.000 9.46081  ? 87  LEU B CG  1 
ATOM   658  C CD1 . LEU A 1 87  ? -0.68837  -2.84526  13.20835  1.000 9.26361  ? 87  LEU B CD1 1 
ATOM   659  C CD2 . LEU A 1 87  ? -0.14805  -0.48012  12.57849  1.000 10.56191 ? 87  LEU B CD2 1 
ATOM   660  N N   . LYS A 1 88  ? 0.72233   1.77815   16.13651  1.000 8.95867  ? 88  LYS B N   1 
ATOM   661  C CA  . LYS A 1 88  ? 0.39621   2.87307   17.03931  1.000 8.43550  ? 88  LYS B CA  1 
ATOM   662  C C   . LYS A 1 88  ? -1.02459  3.36201   16.78930  1.000 9.42624  ? 88  LYS B C   1 
ATOM   663  O O   . LYS A 1 88  ? -1.54715  3.21605   15.68067  1.000 8.49636  ? 88  LYS B O   1 
ATOM   664  C CB  . LYS A 1 88  ? 1.35276   4.06133   16.85414  1.000 14.42866 ? 88  LYS B CB  1 
ATOM   665  C CG  . LYS A 1 88  ? 2.83572   3.75285   16.75458  1.000 18.96224 ? 88  LYS B CG  1 
ATOM   666  C CD  . LYS A 1 88  ? 3.55655   5.01153   16.24825  1.000 24.47638 ? 88  LYS B CD  1 
ATOM   667  C CE  . LYS A 1 88  ? 5.05964   4.84157   16.11938  1.000 21.54780 ? 88  LYS B CE  1 
ATOM   668  N NZ  . LYS A 1 88  ? 5.69181   4.47827   17.41699  1.000 25.54809 ? 88  LYS B NZ  1 
ATOM   669  N N   . PRO A 1 89  ? -1.67019  3.96915   17.79301  1.000 11.20341 ? 89  PRO B N   1 
ATOM   670  C CA  . PRO A 1 89  ? -2.99299  4.57475   17.55702  1.000 9.29918  ? 89  PRO B CA  1 
ATOM   671  C C   . PRO A 1 89  ? -3.06125  5.45122   16.31675  1.000 10.69036 ? 89  PRO B C   1 
ATOM   672  O O   . PRO A 1 89  ? -4.04937  5.39008   15.56834  1.000 10.06308 ? 89  PRO B O   1 
ATOM   673  C CB  . PRO A 1 89  ? -3.21708  5.38064   18.84404  1.000 11.77839 ? 89  PRO B CB  1 
ATOM   674  C CG  . PRO A 1 89  ? -2.52559  4.55880   19.88736  1.000 11.67121 ? 89  PRO B CG  1 
ATOM   675  C CD  . PRO A 1 89  ? -1.31105  3.96494   19.22018  1.000 12.58094 ? 89  PRO B CD  1 
ATOM   676  N N   . GLU A 1 90  ? -2.01370  6.23520   16.05045  1.000 10.14327 ? 90  GLU B N   1 
ATOM   677  C CA  . GLU A 1 90  ? -2.01702  7.15371   14.91962  1.000 10.59678 ? 90  GLU B CA  1 
ATOM   678  C C   . GLU A 1 90  ? -1.90690  6.44135   13.57020  1.000 9.92044  ? 90  GLU B C   1 
ATOM   679  O O   . GLU A 1 90  ? -1.98822  7.10468   12.52819  1.000 10.07605 ? 90  GLU B O   1 
ATOM   680  C CB  . GLU A 1 90  ? -0.87831  8.16350   15.09035  1.000 13.07545 ? 90  GLU B CB  1 
ATOM   681  C CG  . GLU A 1 90  ? 0.46504   7.52588   15.43197  1.000 18.48327 ? 90  GLU B CG  1 
ATOM   682  C CD  . GLU A 1 90  ? 0.80425   7.56691   16.92302  1.000 22.58369 ? 90  GLU B CD  1 
ATOM   683  O OE1 . GLU A 1 90  ? -0.00779  7.11734   17.75704  1.000 9.35133  ? 90  GLU B OE1 1 
ATOM   684  O OE2 . GLU A 1 90  ? 1.91083   8.04018   17.26050  1.000 29.84148 ? 90  GLU B OE2 1 
ATOM   685  N N   . ASP A 1 91  ? -1.73201  5.12354   13.56568  1.000 7.73019  ? 91  ASP B N   1 
ATOM   686  C CA  . ASP A 1 91  ? -1.77802  4.34169   12.33461  1.000 6.26460  ? 91  ASP B CA  1 
ATOM   687  C C   . ASP A 1 91  ? -3.19671  3.97986   11.93350  1.000 8.43660  ? 91  ASP B C   1 
ATOM   688  O O   . ASP A 1 91  ? -3.40459  3.47659   10.82652  1.000 7.88919  ? 91  ASP B O   1 
ATOM   689  C CB  . ASP A 1 91  ? -0.94806  3.06770   12.48875  1.000 9.89398  ? 91  ASP B CB  1 
ATOM   690  C CG  . ASP A 1 91  ? 0.54080   3.33866   12.64601  1.000 8.37427  ? 91  ASP B CG  1 
ATOM   691  O OD1 . ASP A 1 91  ? 1.08615   4.26032   11.99828  1.000 7.12184  ? 91  ASP B OD1 1 
ATOM   692  O OD2 . ASP A 1 91  ? 1.18297   2.60125   13.40414  1.000 9.63078  ? 91  ASP B OD2 1 
ATOM   693  N N   . THR A 1 92  ? -4.17357  4.21771   12.80679  1.000 7.88429  ? 92  THR B N   1 
ATOM   694  C CA  . THR A 1 92  ? -5.57037  4.00572   12.45864  1.000 6.38836  ? 92  THR B CA  1 
ATOM   695  C C   . THR A 1 92  ? -5.95052  4.82678   11.23451  1.000 6.70211  ? 92  THR B C   1 
ATOM   696  O O   . THR A 1 92  ? -5.77927  6.05034   11.22014  1.000 9.42634  ? 92  THR B O   1 
ATOM   697  C CB  . THR A 1 92  ? -6.45869  4.39646   13.64528  1.000 9.68220  ? 92  THR B CB  1 
ATOM   698  O OG1 . THR A 1 92  ? -6.16912  3.54198   14.76028  1.000 8.50224  ? 92  THR B OG1 1 
ATOM   699  C CG2 . THR A 1 92  ? -7.91352  4.27702   13.27278  1.000 11.02235 ? 92  THR B CG2 1 
ATOM   700  N N   . ALA A 1 93  ? -6.50859  4.16137   10.22784  1.000 7.51867  ? 93  ALA B N   1 
ATOM   701  C CA  . ALA A 1 93  ? -6.82819  4.82311   8.96577   1.000 6.26509  ? 93  ALA B CA  1 
ATOM   702  C C   . ALA A 1 93  ? -7.43733  3.79061   8.02793   1.000 7.30333  ? 93  ALA B C   1 
ATOM   703  O O   . ALA A 1 93  ? -7.36419  2.58233   8.26992   1.000 6.39912  ? 93  ALA B O   1 
ATOM   704  C CB  . ALA A 1 93  ? -5.59192  5.45665   8.31798   1.000 7.18920  ? 93  ALA B CB  1 
ATOM   705  N N   . VAL A 1 94  ? -8.02736  4.27644   6.94279   1.000 6.21229  ? 94  VAL B N   1 
ATOM   706  C CA  . VAL A 1 94  ? -8.35555  3.41819   5.81328   1.000 7.87493  ? 94  VAL B CA  1 
ATOM   707  C C   . VAL A 1 94  ? -7.12919  3.34139   4.91634   1.000 7.73979  ? 94  VAL B C   1 
ATOM   708  O O   . VAL A 1 94  ? -6.55333  4.36920   4.54192   1.000 6.44748  ? 94  VAL B O   1 
ATOM   709  C CB  . VAL A 1 94  ? -9.57378  3.94175   5.03821   1.000 10.82176 ? 94  VAL B CB  1 
ATOM   710  C CG1 . VAL A 1 94  ? -9.93316  2.96302   3.91959   1.000 7.16396  ? 94  VAL B CG1 1 
ATOM   711  C CG2 . VAL A 1 94  ? -10.75794 4.14141   5.97284   1.000 9.30399  ? 94  VAL B CG2 1 
ATOM   712  N N   . TYR A 1 95  ? -6.71588  2.12430   4.58416   1.000 4.75507  ? 95  TYR B N   1 
ATOM   713  C CA  . TYR A 1 95  ? -5.51833  1.88782   3.78710   1.000 4.08287  ? 95  TYR B CA  1 
ATOM   714  C C   . TYR A 1 95  ? -5.92540  1.46207   2.38684   1.000 6.51507  ? 95  TYR B C   1 
ATOM   715  O O   . TYR A 1 95  ? -6.76455  0.57636   2.23168   1.000 7.26923  ? 95  TYR B O   1 
ATOM   716  C CB  . TYR A 1 95  ? -4.63789  0.80481   4.42777   1.000 5.46594  ? 95  TYR B CB  1 
ATOM   717  C CG  . TYR A 1 95  ? -3.85173  1.30780   5.60757   1.000 5.79754  ? 95  TYR B CG  1 
ATOM   718  C CD1 . TYR A 1 95  ? -4.48804  1.56208   6.81534   1.000 4.88000  ? 95  TYR B CD1 1 
ATOM   719  C CD2 . TYR A 1 95  ? -2.47012  1.52800   5.53055   1.000 4.23176  ? 95  TYR B CD2 1 
ATOM   720  C CE1 . TYR A 1 95  ? -3.79010  2.03757   7.90501   1.000 4.92465  ? 95  TYR B CE1 1 
ATOM   721  C CE2 . TYR A 1 95  ? -1.76462  2.01016   6.62357   1.000 6.63659  ? 95  TYR B CE2 1 
ATOM   722  C CZ  . TYR A 1 95  ? -2.42795  2.25614   7.81067   1.000 5.37420  ? 95  TYR B CZ  1 
ATOM   723  O OH  . TYR A 1 95  ? -1.74719  2.73599   8.90710   1.000 7.70876  ? 95  TYR B OH  1 
ATOM   724  N N   . TYR A 1 96  ? -5.32430  2.08963   1.38129   1.000 7.06821  ? 96  TYR B N   1 
ATOM   725  C CA  . TYR A 1 96  ? -5.59518  1.80472   -0.02021  1.000 4.44092  ? 96  TYR B CA  1 
ATOM   726  C C   . TYR A 1 96  ? -4.32090  1.37411   -0.72431  1.000 4.52617  ? 96  TYR B C   1 
ATOM   727  O O   . TYR A 1 96  ? -3.25391  1.93223   -0.47731  1.000 5.99559  ? 96  TYR B O   1 
ATOM   728  C CB  . TYR A 1 96  ? -6.13838  3.04128   -0.76107  1.000 5.60830  ? 96  TYR B CB  1 
ATOM   729  C CG  . TYR A 1 96  ? -7.46836  3.52389   -0.26652  1.000 6.72086  ? 96  TYR B CG  1 
ATOM   730  C CD1 . TYR A 1 96  ? -7.54519  4.47061   0.74499   1.000 11.79390 ? 96  TYR B CD1 1 
ATOM   731  C CD2 . TYR A 1 96  ? -8.63944  3.05678   -0.82408  1.000 8.25854  ? 96  TYR B CD2 1 
ATOM   732  C CE1 . TYR A 1 96  ? -8.76432  4.91984   1.19581   1.000 13.80496 ? 96  TYR B CE1 1 
ATOM   733  C CE2 . TYR A 1 96  ? -9.85558  3.49500   -0.38073  1.000 11.75723 ? 96  TYR B CE2 1 
ATOM   734  C CZ  . TYR A 1 96  ? -9.91345  4.41768   0.63056   1.000 14.50817 ? 96  TYR B CZ  1 
ATOM   735  O OH  . TYR A 1 96  ? -11.13618 4.85412   1.06011   1.000 17.23324 ? 96  TYR B OH  1 
ATOM   736  N N   . CYS A 1 97  ? -4.44157  0.41957   -1.63904  1.000 5.59064  ? 97  CYS B N   1 
ATOM   737  C CA  . CYS A 1 97  ? -3.38641  0.20055   -2.61916  1.000 6.10422  ? 97  CYS B CA  1 
ATOM   738  C C   . CYS A 1 97  ? -3.77053  0.83535   -3.95320  1.000 4.88576  ? 97  CYS B C   1 
ATOM   739  O O   . CYS A 1 97  ? -4.94943  1.04453   -4.25280  1.000 4.86803  ? 97  CYS B O   1 
ATOM   740  C CB  . CYS A 1 97  ? -3.08737  -1.28299  -2.79660  1.000 5.42530  ? 97  CYS B CB  1 
ATOM   741  S SG  . CYS A 1 97  ? -4.41311  -2.22994  -3.50936  1.000 6.78622  ? 97  CYS B SG  1 
ATOM   742  N N   . ALA A 1 98  ? -2.75113  1.19358   -4.73120  1.000 3.63486  ? 98  ALA B N   1 
ATOM   743  C CA  . ALA A 1 98  ? -2.94570  1.86885   -6.00287  1.000 5.75372  ? 98  ALA B CA  1 
ATOM   744  C C   . ALA A 1 98  ? -1.88517  1.38871   -6.97748  1.000 4.63973  ? 98  ALA B C   1 
ATOM   745  O O   . ALA A 1 98  ? -0.79420  0.97633   -6.56886  1.000 5.79522  ? 98  ALA B O   1 
ATOM   746  C CB  . ALA A 1 98  ? -2.86764  3.39162   -5.85440  1.000 7.05587  ? 98  ALA B CB  1 
ATOM   747  N N   . ALA A 1 99  ? -2.21931  1.42645   -8.27055  1.000 6.52825  ? 99  ALA B N   1 
ATOM   748  C CA  . ALA A 1 99  ? -1.31912  0.97282   -9.32089  1.000 3.15603  ? 99  ALA B CA  1 
ATOM   749  C C   . ALA A 1 99  ? -1.13630  2.07404   -10.35315 1.000 7.72475  ? 99  ALA B C   1 
ATOM   750  O O   . ALA A 1 99  ? -2.08180  2.79650   -10.68184 1.000 7.53035  ? 99  ALA B O   1 
ATOM   751  C CB  . ALA A 1 99  ? -1.86211  -0.28257  -10.01354 1.000 5.93426  ? 99  ALA B CB  1 
ATOM   752  N N   . ASP A 1 100 ? 0.07760   2.18994   -10.88274 1.000 9.49549  ? 100 ASP B N   1 
ATOM   753  C CA  . ASP A 1 100 ? 0.31317   3.11341   -11.98127 1.000 12.98434 ? 100 ASP B CA  1 
ATOM   754  C C   . ASP A 1 100 ? 1.23746   2.48450   -13.01082 1.000 12.67225 ? 100 ASP B C   1 
ATOM   755  O O   . ASP A 1 100 ? 2.31946   1.99856   -12.66712 1.000 10.11974 ? 100 ASP B O   1 
ATOM   756  C CB  . ASP A 1 100 ? 0.91001   4.42350   -11.48863 1.000 11.95789 ? 100 ASP B CB  1 
ATOM   757  C CG  . ASP A 1 100 ? 0.80592   5.52048   -12.52131 1.000 13.73906 ? 100 ASP B CG  1 
ATOM   758  O OD1 . ASP A 1 100 ? -0.16955  5.51419   -13.31378 1.000 27.16605 ? 100 ASP B OD1 1 
ATOM   759  O OD2 . ASP A 1 100 ? 1.69202   6.38378   -12.53842 1.000 15.87963 ? 100 ASP B OD2 1 
ATOM   760  N N   . LEU A 1 101 ? 0.80918   2.52160   -14.26852 1.000 11.74560 ? 101 LEU B N   1 
ATOM   761  C CA  . LEU A 1 101 ? 1.62265   2.01132   -15.36154 1.000 10.20310 ? 101 LEU B CA  1 
ATOM   762  C C   . LEU A 1 101 ? 2.96430   2.73057   -15.40773 1.000 10.12075 ? 101 LEU B C   1 
ATOM   763  O O   . LEU A 1 101 ? 3.03970   3.95149   -15.25942 1.000 12.55045 ? 101 LEU B O   1 
ATOM   764  C CB  . LEU A 1 101 ? 0.87601   2.19007   -16.68451 1.000 14.97132 ? 101 LEU B CB  1 
ATOM   765  C CG  . LEU A 1 101 ? 1.43566   1.47602   -17.90405 1.000 15.80831 ? 101 LEU B CG  1 
ATOM   766  C CD1 . LEU A 1 101 ? 1.39294   -0.02348  -17.70023 1.000 15.31382 ? 101 LEU B CD1 1 
ATOM   767  C CD2 . LEU A 1 101 ? 0.63355   1.88926   -19.14483 1.000 18.42158 ? 101 LEU B CD2 1 
ATOM   768  N N   . GLN A 1 102 ? 4.03634   1.97323   -15.61311 1.000 8.75028  ? 102 GLN B N   1 
ATOM   769  C CA  . GLN A 1 102 ? 5.34979   2.58625   -15.48242 1.000 10.58604 ? 102 GLN B CA  1 
ATOM   770  C C   . GLN A 1 102 ? 5.78319   3.33376   -16.73132 1.000 12.16485 ? 102 GLN B C   1 
ATOM   771  O O   . GLN A 1 102 ? 6.80815   4.02392   -16.69566 1.000 14.52620 ? 102 GLN B O   1 
ATOM   772  C CB  . GLN A 1 102 ? 6.36544   1.52592   -15.07965 1.000 14.52147 ? 102 GLN B CB  1 
ATOM   773  C CG  . GLN A 1 102 ? 6.12409   1.13640   -13.62445 1.000 19.31159 ? 102 GLN B CG  1 
ATOM   774  C CD  . GLN A 1 102 ? 7.23098   0.32736   -13.01015 1.000 16.07848 ? 102 GLN B CD  1 
ATOM   775  O OE1 . GLN A 1 102 ? 7.26062   0.14329   -11.80090 1.000 14.79627 ? 102 GLN B OE1 1 
ATOM   776  N NE2 . GLN A 1 102 ? 8.13659   -0.18263  -13.83747 1.000 18.78663 ? 102 GLN B NE2 1 
ATOM   777  N N   . TYR A 1 103 ? 5.02011   3.24574   -17.81676 1.000 11.34250 ? 103 TYR B N   1 
ATOM   778  C CA  . TYR A 1 103 ? 5.28030   4.04869   -19.00915 1.000 9.32873  ? 103 TYR B CA  1 
ATOM   779  C C   . TYR A 1 103 ? 4.80953   5.46702   -18.73091 1.000 10.11838 ? 103 TYR B C   1 
ATOM   780  O O   . TYR A 1 103 ? 3.61375   5.76925   -18.80615 1.000 10.90566 ? 103 TYR B O   1 
ATOM   781  C CB  . TYR A 1 103 ? 4.58398   3.45016   -20.22377 1.000 12.39811 ? 103 TYR B CB  1 
ATOM   782  C CG  . TYR A 1 103 ? 5.13356   2.10239   -20.57084 1.000 10.84700 ? 103 TYR B CG  1 
ATOM   783  C CD1 . TYR A 1 103 ? 6.38002   1.97592   -21.16480 1.000 14.97194 ? 103 TYR B CD1 1 
ATOM   784  C CD2 . TYR A 1 103 ? 4.42751   0.94615   -20.27037 1.000 17.99266 ? 103 TYR B CD2 1 
ATOM   785  C CE1 . TYR A 1 103 ? 6.90055   0.73217   -21.47710 1.000 18.06456 ? 103 TYR B CE1 1 
ATOM   786  C CE2 . TYR A 1 103 ? 4.93873   -0.29876  -20.57279 1.000 18.53860 ? 103 TYR B CE2 1 
ATOM   787  C CZ  . TYR A 1 103 ? 6.17587   -0.40121  -21.17483 1.000 24.76090 ? 103 TYR B CZ  1 
ATOM   788  O OH  . TYR A 1 103 ? 6.68685   -1.64193  -21.47789 1.000 33.37281 ? 103 TYR B OH  1 
ATOM   789  N N   . GLY A 1 104 ? 5.75404   6.34412   -18.40999 1.000 9.04247  ? 104 GLY B N   1 
ATOM   790  C CA  . GLY A 1 104 ? 5.46299   7.73627   -18.15421 1.000 10.55660 ? 104 GLY B CA  1 
ATOM   791  C C   . GLY A 1 104 ? 5.27947   8.10234   -16.69966 1.000 10.95816 ? 104 GLY B C   1 
ATOM   792  O O   . GLY A 1 104 ? 5.06459   9.28401   -16.40565 1.000 12.03269 ? 104 GLY B O   1 
ATOM   793  N N   . SER A 1 105 ? 5.36236   7.13519   -15.78856 1.000 10.30210 ? 105 SER B N   1 
ATOM   794  C CA  . SER A 1 105 ? 5.23027   7.40736   -14.36722 1.000 11.60798 ? 105 SER B CA  1 
ATOM   795  C C   . SER A 1 105 ? 6.52177   8.00076   -13.81585 1.000 11.17080 ? 105 SER B C   1 
ATOM   796  O O   . SER A 1 105 ? 7.60043   7.85250   -14.39618 1.000 13.73441 ? 105 SER B O   1 
ATOM   797  C CB  . SER A 1 105 ? 4.89625   6.12299   -13.61233 1.000 14.62701 ? 105 SER B CB  1 
ATOM   798  O OG  . SER A 1 105 ? 6.01268   5.24526   -13.62472 1.000 18.29189 ? 105 SER B OG  1 
ATOM   799  N N   . SER A 1 106 ? 6.41261   8.65517   -12.66164 1.000 11.04699 ? 106 SER B N   1 
ATOM   800  C CA  . SER A 1 106 ? 7.60282   9.14147   -11.98186 1.000 9.17418  ? 106 SER B CA  1 
ATOM   801  C C   . SER A 1 106 ? 8.09231   8.11674   -10.96686 1.000 11.83948 ? 106 SER B C   1 
ATOM   802  O O   . SER A 1 106 ? 7.34159   7.26166   -10.49956 1.000 11.51751 ? 106 SER B O   1 
ATOM   803  C CB  . SER A 1 106 ? 7.33536   10.46904  -11.26986 1.000 12.28407 ? 106 SER B CB  1 
ATOM   804  O OG  . SER A 1 106 ? 6.48397   11.30254  -12.03860 1.000 17.63174 ? 106 SER B OG  1 
ATOM   805  N N   . TRP A 1 107 ? 9.36879   8.22356   -10.61965 1.000 9.42998  ? 107 TRP B N   1 
ATOM   806  C CA  . TRP A 1 107 ? 9.89365   7.44658   -9.50253  1.000 9.94213  ? 107 TRP B CA  1 
ATOM   807  C C   . TRP A 1 107 ? 10.88380  8.28985   -8.70606  1.000 13.19394 ? 107 TRP B C   1 
ATOM   808  O O   . TRP A 1 107 ? 11.86404  8.78795   -9.26844  1.000 11.41933 ? 107 TRP B O   1 
ATOM   809  C CB  . TRP A 1 107 ? 10.55769  6.15333   -9.97540  1.000 11.29091 ? 107 TRP B CB  1 
ATOM   810  C CG  . TRP A 1 107 ? 11.01419  5.35061   -8.81399  1.000 9.88199  ? 107 TRP B CG  1 
ATOM   811  C CD1 . TRP A 1 107 ? 12.30231  5.12987   -8.41582  1.000 12.88566 ? 107 TRP B CD1 1 
ATOM   812  C CD2 . TRP A 1 107 ? 10.17607  4.71292   -7.84243  1.000 13.70307 ? 107 TRP B CD2 1 
ATOM   813  N NE1 . TRP A 1 107 ? 12.31509  4.37554   -7.26926  1.000 12.99581 ? 107 TRP B NE1 1 
ATOM   814  C CE2 . TRP A 1 107 ? 11.02346  4.10713   -6.89635  1.000 14.86205 ? 107 TRP B CE2 1 
ATOM   815  C CE3 . TRP A 1 107 ? 8.78812   4.59422   -7.68556  1.000 9.92704  ? 107 TRP B CE3 1 
ATOM   816  C CZ2 . TRP A 1 107 ? 10.53045  3.38188   -5.81136  1.000 12.36284 ? 107 TRP B CZ2 1 
ATOM   817  C CZ3 . TRP A 1 107 ? 8.30355   3.87753   -6.60861  1.000 6.65837  ? 107 TRP B CZ3 1 
ATOM   818  C CH2 . TRP A 1 107 ? 9.16973   3.27613   -5.69214  1.000 6.90306  ? 107 TRP B CH2 1 
ATOM   819  N N   . PRO A 1 108 ? 10.66425  8.48786   -7.39427  1.000 12.54999 ? 108 PRO B N   1 
ATOM   820  C CA  . PRO A 1 108 ? 9.47133   8.05532   -6.65778  1.000 11.89725 ? 108 PRO B CA  1 
ATOM   821  C C   . PRO A 1 108 ? 8.18966   8.75587   -7.10681  1.000 11.59851 ? 108 PRO B C   1 
ATOM   822  O O   . PRO A 1 108 ? 8.21489   9.68589   -7.91276  1.000 10.80591 ? 108 PRO B O   1 
ATOM   823  C CB  . PRO A 1 108 ? 9.79943   8.42611   -5.20359  1.000 10.26216 ? 108 PRO B CB  1 
ATOM   824  C CG  . PRO A 1 108 ? 11.27463  8.57498   -5.15483  1.000 15.64696 ? 108 PRO B CG  1 
ATOM   825  C CD  . PRO A 1 108 ? 11.65659  9.11128   -6.50458  1.000 19.03467 ? 108 PRO B CD  1 
ATOM   826  N N   . GLN A 1 109 ? 7.06206   8.27385   -6.59024  1.000 10.45025 ? 109 GLN B N   1 
ATOM   827  C CA  . GLN A 1 109 ? 5.73587   8.80146   -6.92200  1.000 8.07713  ? 109 GLN B CA  1 
ATOM   828  C C   . GLN A 1 109 ? 4.91659   8.73107   -5.64228  1.000 9.12209  ? 109 GLN B C   1 
ATOM   829  O O   . GLN A 1 109 ? 4.33860   7.68917   -5.33068  1.000 9.01944  ? 109 GLN B O   1 
ATOM   830  C CB  . GLN A 1 109 ? 5.07669   8.01365   -8.05329  1.000 10.99749 ? 109 GLN B CB  1 
ATOM   831  C CG  . GLN A 1 109 ? 3.81524   8.66647   -8.61972  1.000 13.76685 ? 109 GLN B CG  1 
ATOM   832  C CD  . GLN A 1 109 ? 3.42033   8.12622   -10.00484 1.000 17.45811 ? 109 GLN B CD  1 
ATOM   833  O OE1 . GLN A 1 109 ? 3.89515   8.60738   -11.04425 1.000 17.40967 ? 109 GLN B OE1 1 
ATOM   834  N NE2 . GLN A 1 109 ? 2.54200   7.13146   -10.02070 1.000 20.65963 ? 109 GLN B NE2 1 
ATOM   835  N N   . ARG A 1 110 ? 4.89722   9.82967   -4.88962  1.000 12.06062 ? 110 ARG B N   1 
ATOM   836  C CA  . ARG A 1 110 ? 4.15475   9.88555   -3.63729  1.000 11.68011 ? 110 ARG B CA  1 
ATOM   837  C C   . ARG A 1 110 ? 2.82844   10.62556  -3.76223  1.000 11.28742 ? 110 ARG B C   1 
ATOM   838  O O   . ARG A 1 110 ? 2.07203   10.67801  -2.78781  1.000 12.26098 ? 110 ARG B O   1 
ATOM   839  C CB  . ARG A 1 110 ? 5.00911   10.53378  -2.54467  1.000 11.90502 ? 110 ARG B CB  1 
ATOM   840  C CG  . ARG A 1 110 ? 6.30895   9.78727   -2.25662  1.000 10.95431 ? 110 ARG B CG  1 
ATOM   841  C CD  . ARG A 1 110 ? 6.90066   10.23118  -0.92776  1.000 11.93279 ? 110 ARG B CD  1 
ATOM   842  N NE  . ARG A 1 110 ? 8.01381   9.38388   -0.53180  1.000 13.91438 ? 110 ARG B NE  1 
ATOM   843  C CZ  . ARG A 1 110 ? 8.56636   9.38880   0.67827   1.000 11.89346 ? 110 ARG B CZ  1 
ATOM   844  N NH1 . ARG A 1 110 ? 8.10491   10.20639  1.62640   1.000 13.07888 ? 110 ARG B NH1 1 
ATOM   845  N NH2 . ARG A 1 110 ? 9.57797   8.57863   0.93876   1.000 12.57646 ? 110 ARG B NH2 1 
ATOM   846  N N   . SER A 1 111 ? 2.53556   11.19994  -4.92672  1.000 10.55809 ? 111 SER B N   1 
ATOM   847  C CA  . SER A 1 111 ? 1.27128   11.89206  -5.15768  1.000 12.48319 ? 111 SER B CA  1 
ATOM   848  C C   . SER A 1 111 ? 0.19804   10.89013  -5.57161  1.000 13.20491 ? 111 SER B C   1 
ATOM   849  O O   . SER A 1 111 ? 0.32684   10.21953  -6.60078  1.000 13.80322 ? 111 SER B O   1 
ATOM   850  C CB  . SER A 1 111 ? 1.43193   12.96704  -6.23111  1.000 17.56743 ? 111 SER B CB  1 
ATOM   851  O OG  . SER A 1 111 ? 0.16675   13.49055  -6.60747  1.000 19.98520 ? 111 SER B OG  1 
ATOM   852  N N   . SER A 1 112 ? -0.87181  10.80532  -4.77696  1.000 11.82619 ? 112 SER B N   1 
ATOM   853  C CA  . SER A 1 112 ? -1.96482  9.88917   -5.08711  1.000 12.71878 ? 112 SER B CA  1 
ATOM   854  C C   . SER A 1 112 ? -2.60974  10.19460  -6.43477  1.000 12.43814 ? 112 SER B C   1 
ATOM   855  O O   . SER A 1 112 ? -3.10749  9.28267   -7.10541  1.000 11.61966 ? 112 SER B O   1 
ATOM   856  C CB  . SER A 1 112 ? -3.00864  9.95115   -3.97696  1.000 16.49499 ? 112 SER B CB  1 
ATOM   857  O OG  . SER A 1 112 ? -3.41063  11.29140  -3.75660  1.000 21.89452 ? 112 SER B OG  1 
ATOM   858  N N   . ALA A 1 113 ? -2.59908  11.46375  -6.85700  1.000 14.08109 ? 113 ALA B N   1 
ATOM   859  C CA  . ALA A 1 113 ? -3.28235  11.84817  -8.08694  1.000 18.11929 ? 113 ALA B CA  1 
ATOM   860  C C   . ALA A 1 113 ? -2.67526  11.19402  -9.32127  1.000 17.82875 ? 113 ALA B C   1 
ATOM   861  O O   . ALA A 1 113 ? -3.34699  11.09628  -10.35471 1.000 17.07857 ? 113 ALA B O   1 
ATOM   862  C CB  . ALA A 1 113 ? -3.26446  13.37064  -8.23470  1.000 18.34729 ? 113 ALA B CB  1 
ATOM   863  N N   . GLU A 1 114 ? -1.42776  10.73620  -9.23786  1.000 13.21382 ? 114 GLU B N   1 
ATOM   864  C CA  . GLU A 1 114 ? -0.74168  10.15651  -10.38082 1.000 15.68508 ? 114 GLU B CA  1 
ATOM   865  C C   . GLU A 1 114 ? -0.99872  8.66544   -10.54573 1.000 16.42402 ? 114 GLU B C   1 
ATOM   866  O O   . GLU A 1 114 ? -0.62484  8.09742   -11.57649 1.000 14.75962 ? 114 GLU B O   1 
ATOM   867  C CB  . GLU A 1 114 ? 0.76518   10.41355  -10.26021 1.000 21.83438 ? 114 GLU B CB  1 
ATOM   868  C CG  . GLU A 1 114 ? 1.12969   11.84600  -9.88749  1.000 23.06001 ? 114 GLU B CG  1 
ATOM   869  C CD  . GLU A 1 114 ? 0.70353   12.86505  -10.93488 1.000 31.09857 ? 114 GLU B CD  1 
ATOM   870  O OE1 . GLU A 1 114 ? 0.62380   12.50166  -12.13030 1.000 32.30181 ? 114 GLU B OE1 1 
ATOM   871  O OE2 . GLU A 1 114 ? 0.45036   14.03414  -10.56415 1.000 31.65885 ? 114 GLU B OE2 1 
ATOM   872  N N   . TYR A 1 115 ? -1.63147  8.01549   -9.57153  1.000 11.26674 ? 115 TYR B N   1 
ATOM   873  C CA  . TYR A 1 115 ? -1.95329  6.60254   -9.68438  1.000 10.96562 ? 115 TYR B CA  1 
ATOM   874  C C   . TYR A 1 115 ? -3.30154  6.43653   -10.36629 1.000 14.77751 ? 115 TYR B C   1 
ATOM   875  O O   . TYR A 1 115 ? -4.25770  7.15660   -10.06879 1.000 18.86270 ? 115 TYR B O   1 
ATOM   876  C CB  . TYR A 1 115 ? -1.96285  5.94382   -8.30416  1.000 10.29003 ? 115 TYR B CB  1 
ATOM   877  C CG  . TYR A 1 115 ? -0.57994  5.77407   -7.71680  1.000 11.35272 ? 115 TYR B CG  1 
ATOM   878  C CD1 . TYR A 1 115 ? 0.07310   6.84115   -7.10125  1.000 8.71886  ? 115 TYR B CD1 1 
ATOM   879  C CD2 . TYR A 1 115 ? 0.07820   4.54581   -7.77924  1.000 8.50184  ? 115 TYR B CD2 1 
ATOM   880  C CE1 . TYR A 1 115 ? 1.33790   6.69117   -6.56051  1.000 9.08014  ? 115 TYR B CE1 1 
ATOM   881  C CE2 . TYR A 1 115 ? 1.35095   4.38892   -7.23517  1.000 8.00368  ? 115 TYR B CE2 1 
ATOM   882  C CZ  . TYR A 1 115 ? 1.96842   5.46752   -6.63399  1.000 8.89528  ? 115 TYR B CZ  1 
ATOM   883  O OH  . TYR A 1 115 ? 3.21982   5.33189   -6.09755  1.000 9.30324  ? 115 TYR B OH  1 
ATOM   884  N N   . ASP A 1 116 ? -3.37568  5.47373   -11.27281 1.000 11.92808 ? 116 ASP B N   1 
ATOM   885  C CA  . ASP A 1 116 ? -4.55783  5.32122   -12.11007 1.000 17.20845 ? 116 ASP B CA  1 
ATOM   886  C C   . ASP A 1 116 ? -5.59654  4.37095   -11.52615 1.000 18.08206 ? 116 ASP B C   1 
ATOM   887  O O   . ASP A 1 116 ? -6.79740  4.60505   -11.68829 1.000 20.88002 ? 116 ASP B O   1 
ATOM   888  C CB  . ASP A 1 116 ? -4.14724  4.83912   -13.49938 1.000 20.58155 ? 116 ASP B CB  1 
ATOM   889  C CG  . ASP A 1 116 ? -3.68248  5.97547   -14.38906 1.000 27.91243 ? 116 ASP B CG  1 
ATOM   890  O OD1 . ASP A 1 116 ? -4.11367  7.12586   -14.15770 1.000 35.60131 ? 116 ASP B OD1 1 
ATOM   891  O OD2 . ASP A 1 116 ? -2.88524  5.72346   -15.31117 1.000 31.74206 ? 116 ASP B OD2 1 
ATOM   892  N N   . TYR A 1 117 ? -5.17101  3.30322   -10.85065 1.000 12.29913 ? 117 TYR B N   1 
ATOM   893  C CA  . TYR A 1 117 ? -6.07669  2.26571   -10.37989 1.000 10.60909 ? 117 TYR B CA  1 
ATOM   894  C C   . TYR A 1 117 ? -5.97647  2.15600   -8.86734  1.000 6.83161  ? 117 TYR B C   1 
ATOM   895  O O   . TYR A 1 117 ? -4.89492  2.33594   -8.29879  1.000 8.26050  ? 117 TYR B O   1 
ATOM   896  C CB  . TYR A 1 117 ? -5.75255  0.92768   -11.04585 1.000 9.23423  ? 117 TYR B CB  1 
ATOM   897  C CG  . TYR A 1 117 ? -5.65243  1.04411   -12.54705 1.000 17.38791 ? 117 TYR B CG  1 
ATOM   898  C CD1 . TYR A 1 117 ? -6.77779  1.31167   -13.31584 1.000 19.60251 ? 117 TYR B CD1 1 
ATOM   899  C CD2 . TYR A 1 117 ? -4.43491  0.92028   -13.19225 1.000 14.65492 ? 117 TYR B CD2 1 
ATOM   900  C CE1 . TYR A 1 117 ? -6.69371  1.43460   -14.69436 1.000 18.17092 ? 117 TYR B CE1 1 
ATOM   901  C CE2 . TYR A 1 117 ? -4.34003  1.03911   -14.57352 1.000 15.20010 ? 117 TYR B CE2 1 
ATOM   902  C CZ  . TYR A 1 117 ? -5.47528  1.29010   -15.31595 1.000 23.87477 ? 117 TYR B CZ  1 
ATOM   903  O OH  . TYR A 1 117 ? -5.40136  1.40464   -16.68470 1.000 21.93391 ? 117 TYR B OH  1 
ATOM   904  N N   . TRP A 1 118 ? -7.11287  1.87800   -8.21380  1.000 9.18444  ? 118 TRP B N   1 
ATOM   905  C CA  . TRP A 1 118 ? -7.20817  1.92138   -6.76082  1.000 7.85570  ? 118 TRP B CA  1 
ATOM   906  C C   . TRP A 1 118 ? -7.93530  0.70269   -6.21115  1.000 7.12284  ? 118 TRP B C   1 
ATOM   907  O O   . TRP A 1 118 ? -8.93325  0.25716   -6.78107  1.000 6.94465  ? 118 TRP B O   1 
ATOM   908  C CB  . TRP A 1 118 ? -7.93441  3.18703   -6.30926  1.000 9.04800  ? 118 TRP B CB  1 
ATOM   909  C CG  . TRP A 1 118 ? -7.08720  4.36402   -6.47130  1.000 6.72018  ? 118 TRP B CG  1 
ATOM   910  C CD1 . TRP A 1 118 ? -6.91836  5.10114   -7.60137  1.000 8.40938  ? 118 TRP B CD1 1 
ATOM   911  C CD2 . TRP A 1 118 ? -6.24981  4.94698   -5.47990  1.000 8.99811  ? 118 TRP B CD2 1 
ATOM   912  N NE1 . TRP A 1 118 ? -6.02096  6.11208   -7.37106  1.000 10.07010 ? 118 TRP B NE1 1 
ATOM   913  C CE2 . TRP A 1 118 ? -5.59047  6.03593   -6.07459  1.000 9.71545  ? 118 TRP B CE2 1 
ATOM   914  C CE3 . TRP A 1 118 ? -5.98838  4.64765   -4.14160  1.000 9.32676  ? 118 TRP B CE3 1 
ATOM   915  C CZ2 . TRP A 1 118 ? -4.69146  6.83831   -5.37500  1.000 7.81877  ? 118 TRP B CZ2 1 
ATOM   916  C CZ3 . TRP A 1 118 ? -5.09849  5.44426   -3.44814  1.000 7.87176  ? 118 TRP B CZ3 1 
ATOM   917  C CH2 . TRP A 1 118 ? -4.45739  6.52655   -4.06536  1.000 9.64037  ? 118 TRP B CH2 1 
ATOM   918  N N   . GLY A 1 119 ? -7.43279  0.17156   -5.09468  1.000 6.09176  ? 119 GLY B N   1 
ATOM   919  C CA  . GLY A 1 119 ? -8.15369  -0.84248  -4.34899  1.000 6.18130  ? 119 GLY B CA  1 
ATOM   920  C C   . GLY A 1 119 ? -9.35642  -0.25004  -3.63494  1.000 7.78983  ? 119 GLY B C   1 
ATOM   921  O O   . GLY A 1 119 ? -9.56169  0.96162   -3.59655  1.000 6.30101  ? 119 GLY B O   1 
ATOM   922  N N   . GLN A 1 120 ? -10.16321 -1.13315  -3.03567  1.000 5.87742  ? 120 GLN B N   1 
ATOM   923  C CA  . GLN A 1 120 ? -11.39275 -0.68229  -2.38887  1.000 6.42410  ? 120 GLN B CA  1 
ATOM   924  C C   . GLN A 1 120 ? -11.16672 -0.13680  -0.98637  1.000 8.44280  ? 120 GLN B C   1 
ATOM   925  O O   . GLN A 1 120 ? -12.09285 0.44933   -0.41097  1.000 10.76388 ? 120 GLN B O   1 
ATOM   926  C CB  . GLN A 1 120 ? -12.41253 -1.82392  -2.36150  1.000 7.81210  ? 120 GLN B CB  1 
ATOM   927  C CG  . GLN A 1 120 ? -12.30838 -2.76660  -1.17364  1.000 8.24226  ? 120 GLN B CG  1 
ATOM   928  C CD  . GLN A 1 120 ? -11.30429 -3.88563  -1.39464  1.000 8.21995  ? 120 GLN B CD  1 
ATOM   929  O OE1 . GLN A 1 120 ? -10.41740 -3.79219  -2.24707  1.000 7.39306  ? 120 GLN B OE1 1 
ATOM   930  N NE2 . GLN A 1 120 ? -11.43595 -4.95592  -0.61333  1.000 9.28286  ? 120 GLN B NE2 1 
ATOM   931  N N   . GLY A 1 121 ? -9.97658  -0.31809  -0.43059  1.000 7.16553  ? 121 GLY B N   1 
ATOM   932  C CA  . GLY A 1 121 ? -9.60350  0.14742   0.89142   1.000 7.43962  ? 121 GLY B CA  1 
ATOM   933  C C   . GLY A 1 121 ? -9.91629  -0.86572  1.97136   1.000 8.29447  ? 121 GLY B C   1 
ATOM   934  O O   . GLY A 1 121 ? -10.84413 -1.66618  1.87215   1.000 10.38446 ? 121 GLY B O   1 
ATOM   935  N N   . THR A 1 122 ? -9.12857  -0.81156  3.04189   1.000 6.88138  ? 122 THR B N   1 
ATOM   936  C CA  . THR A 1 122 ? -9.40752  -1.60656  4.22763   1.000 8.40506  ? 122 THR B CA  1 
ATOM   937  C C   . THR A 1 122 ? -9.12749  -0.76644  5.46203   1.000 7.75924  ? 122 THR B C   1 
ATOM   938  O O   . THR A 1 122 ? -8.13974  -0.02572  5.51870   1.000 7.73218  ? 122 THR B O   1 
ATOM   939  C CB  . THR A 1 122 ? -8.59498  -2.90566  4.26239   1.000 12.04386 ? 122 THR B CB  1 
ATOM   940  O OG1 . THR A 1 122 ? -9.19007  -3.80862  5.20362   1.000 25.98182 ? 122 THR B OG1 1 
ATOM   941  C CG2 . THR A 1 122 ? -7.18114  -2.64880  4.68162   1.000 10.29413 ? 122 THR B CG2 1 
ATOM   942  N N   . THR A 1 123 ? -10.01907 -0.87520  6.44012   1.000 7.49690  ? 123 THR B N   1 
ATOM   943  C CA  . THR A 1 123 ? -9.93350  -0.07698  7.65114   1.000 8.28187  ? 123 THR B CA  1 
ATOM   944  C C   . THR A 1 123 ? -9.06316  -0.79116  8.67129   1.000 7.97008  ? 123 THR B C   1 
ATOM   945  O O   . THR A 1 123 ? -9.29441  -1.96320  8.97270   1.000 9.94372  ? 123 THR B O   1 
ATOM   946  C CB  . THR A 1 123 ? -11.32884 0.17258   8.22931   1.000 12.17469 ? 123 THR B CB  1 
ATOM   947  O OG1 . THR A 1 123 ? -12.12700 0.84864   7.24675   1.000 13.00418 ? 123 THR B OG1 1 
ATOM   948  C CG2 . THR A 1 123 ? -11.24104 1.03872   9.45716   1.000 12.39452 ? 123 THR B CG2 1 
ATOM   949  N N   . VAL A 1 124 ? -8.05595  -0.08756  9.18259   1.000 6.40973  ? 124 VAL B N   1 
ATOM   950  C CA  . VAL A 1 124 ? -7.20609  -0.57873  10.25790  1.000 4.30928  ? 124 VAL B CA  1 
ATOM   951  C C   . VAL A 1 124 ? -7.48673  0.29188   11.46955  1.000 6.70069  ? 124 VAL B C   1 
ATOM   952  O O   . VAL A 1 124 ? -7.35213  1.52215   11.39594  1.000 7.28048  ? 124 VAL B O   1 
ATOM   953  C CB  . VAL A 1 124 ? -5.71580  -0.51922  9.89274   1.000 7.00548  ? 124 VAL B CB  1 
ATOM   954  C CG1 . VAL A 1 124 ? -4.85930  -0.86315  11.10281  1.000 8.55636  ? 124 VAL B CG1 1 
ATOM   955  C CG2 . VAL A 1 124 ? -5.38990  -1.45179  8.71799   1.000 9.37584  ? 124 VAL B CG2 1 
ATOM   956  N N   . THR A 1 125 ? -7.87587  -0.34127  12.57445  1.000 8.66683  ? 125 THR B N   1 
ATOM   957  C CA  . THR A 1 125 ? -8.20261  0.34802   13.81697  1.000 7.13802  ? 125 THR B CA  1 
ATOM   958  C C   . THR A 1 125 ? -7.27469  -0.16474  14.90933  1.000 8.51337  ? 125 THR B C   1 
ATOM   959  O O   . THR A 1 125 ? -7.33323  -1.34533  15.26819  1.000 7.48274  ? 125 THR B O   1 
ATOM   960  C CB  . THR A 1 125 ? -9.67012  0.12011   14.19692  1.000 9.50320  ? 125 THR B CB  1 
ATOM   961  O OG1 . THR A 1 125 ? -10.52770 0.52473   13.11612  1.000 10.91601 ? 125 THR B OG1 1 
ATOM   962  C CG2 . THR A 1 125 ? -10.01907 0.90304   15.46012  1.000 14.26434 ? 125 THR B CG2 1 
ATOM   963  N N   . VAL A 1 126 ? -6.42104  0.71157   15.43102  1.000 6.59585  ? 126 VAL B N   1 
ATOM   964  C CA  . VAL A 1 126 ? -5.42276  0.32935   16.42367  1.000 7.52279  ? 126 VAL B CA  1 
ATOM   965  C C   . VAL A 1 126 ? -5.94656  0.76242   17.78769  1.000 10.71405 ? 126 VAL B C   1 
ATOM   966  O O   . VAL A 1 126 ? -6.07996  1.96062   18.05184  1.000 12.09393 ? 126 VAL B O   1 
ATOM   967  C CB  . VAL A 1 126 ? -4.05311  0.96089   16.13712  1.000 7.39567  ? 126 VAL B CB  1 
ATOM   968  C CG1 . VAL A 1 126 ? -3.02988  0.47780   17.17748  1.000 7.64475  ? 126 VAL B CG1 1 
ATOM   969  C CG2 . VAL A 1 126 ? -3.59018  0.62328   14.71750  1.000 8.36288  ? 126 VAL B CG2 1 
ATOM   970  N N   . SER A 1 127 ? -6.23073  -0.21385  18.64964  1.000 9.56953  ? 127 SER B N   1 
ATOM   971  C CA  . SER A 1 127 ? -6.79093  0.01084   19.97222  1.000 14.43781 ? 127 SER B CA  1 
ATOM   972  C C   . SER A 1 127 ? -5.68985  0.04176   21.02251  1.000 13.14952 ? 127 SER B C   1 
ATOM   973  O O   . SER A 1 127 ? -4.69420  -0.67948  20.92624  1.000 15.99702 ? 127 SER B O   1 
ATOM   974  C CB  . SER A 1 127 ? -7.79763  -1.08502  20.33403  1.000 12.52999 ? 127 SER B CB  1 
ATOM   975  O OG  . SER A 1 127 ? -8.90825  -1.10269  19.44781  1.000 18.18611 ? 127 SER B OG  1 
ATOM   976  N N   . SER A 1 128 ? -5.89463  0.86520   22.04399  1.000 13.56445 ? 128 SER B N   1 
ATOM   977  C CA  . SER A 1 128 ? -4.99251  0.89886   23.19032  1.000 15.11314 ? 128 SER B CA  1 
ATOM   978  C C   . SER A 1 128 ? -5.65603  0.34567   24.44611  1.000 17.28909 ? 128 SER B C   1 
ATOM   979  O O   . SER A 1 128 ? -4.95221  -0.13769  25.32823  1.000 15.91016 ? 128 SER B O   1 
ATOM   980  C CB  . SER A 1 128 ? -4.50152  2.32097   23.45371  1.000 20.51449 ? 128 SER B CB  1 
ATOM   981  O OG  . SER A 1 128 ? -3.60324  2.72673   22.44746  1.000 29.01643 ? 128 SER B OG  1 
HETATM 982  O O   . HOH B 2 .   ? -6.68565  -1.03146  -17.98152 1.000 22.30593 ? 201 HOH B O   1 
HETATM 983  O O   . HOH B 2 .   ? -2.33415  -10.81390 -13.85582 1.000 29.05200 ? 202 HOH B O   1 
HETATM 984  O O   . HOH B 2 .   ? -6.41548  -4.79982  -22.41044 1.000 38.02709 ? 203 HOH B O   1 
HETATM 985  O O   . HOH B 2 .   ? 3.48909   10.25608  -12.34721 1.000 28.14426 ? 204 HOH B O   1 
HETATM 986  O O   . HOH B 2 .   ? -0.32657  7.68238   -13.71279 1.000 21.53718 ? 205 HOH B O   1 
HETATM 987  O O   . HOH B 2 .   ? 11.76589  -6.06899  -7.50258  1.000 28.68751 ? 206 HOH B O   1 
HETATM 988  O O   . HOH B 2 .   ? 5.37379   2.24069   17.62016  1.000 26.61615 ? 207 HOH B O   1 
HETATM 989  O O   . HOH B 2 .   ? 11.57270  -3.53231  -4.36307  1.000 26.94250 ? 208 HOH B O   1 
HETATM 990  O O   . HOH B 2 .   ? -3.09527  4.26987   -17.18182 1.000 33.65219 ? 209 HOH B O   1 
HETATM 991  O O   . HOH B 2 .   ? 7.08811   -9.72058  -16.77605 1.000 31.81964 ? 210 HOH B O   1 
HETATM 992  O O   . HOH B 2 .   ? -5.99669  14.31055  0.90299   1.000 25.91743 ? 211 HOH B O   1 
HETATM 993  O O   . HOH B 2 .   ? 10.72880  -4.25299  -0.15778  1.000 17.09647 ? 212 HOH B O   1 
HETATM 994  O O   . HOH B 2 .   ? 14.07842  9.79741   5.62688   1.000 25.96208 ? 213 HOH B O   1 
HETATM 995  O O   . HOH B 2 .   ? 9.01969   5.49228   -13.66818 1.000 27.23610 ? 214 HOH B O   1 
HETATM 996  O O   . HOH B 2 .   ? -6.56200  17.13684  11.48032  1.000 28.30044 ? 215 HOH B O   1 
HETATM 997  O O   . HOH B 2 .   ? -10.92423 -1.47667  11.64735  1.000 12.88907 ? 216 HOH B O   1 
HETATM 998  O O   . HOH B 2 .   ? 8.97877   4.65001   -15.58691 1.000 14.04124 ? 217 HOH B O   1 
HETATM 999  O O   . HOH B 2 .   ? -1.64346  3.53961   -15.52704 1.000 26.65822 ? 218 HOH B O   1 
HETATM 1000 O O   . HOH B 2 .   ? 11.76490  7.00231   4.99495   1.000 21.12064 ? 219 HOH B O   1 
HETATM 1001 O O   . HOH B 2 .   ? -12.19112 -3.60730  2.80866   1.000 28.81329 ? 220 HOH B O   1 
HETATM 1002 O O   . HOH B 2 .   ? -1.26833  2.44829   23.44277  1.000 31.85860 ? 221 HOH B O   1 
HETATM 1003 O O   . HOH B 2 .   ? 0.14249   15.43816  -8.43277  1.000 33.27175 ? 222 HOH B O   1 
HETATM 1004 O O   . HOH B 2 .   ? -13.01872 1.15941   13.37107  1.000 24.02222 ? 223 HOH B O   1 
HETATM 1005 O O   . HOH B 2 .   ? 7.15746   4.65232   -11.37848 1.000 19.52284 ? 224 HOH B O   1 
HETATM 1006 O O   . HOH B 2 .   ? -9.00642  -12.56333 0.96664   1.000 36.15641 ? 225 HOH B O   1 
HETATM 1007 O O   . HOH B 2 .   ? -10.63709 0.75981   19.97220  1.000 27.62713 ? 226 HOH B O   1 
HETATM 1008 O O   . HOH B 2 .   ? -1.04785  6.03480   -17.12008 1.000 30.88496 ? 227 HOH B O   1 
HETATM 1009 O O   . HOH B 2 .   ? 2.43439   0.92712   19.76875  1.000 29.23147 ? 228 HOH B O   1 
HETATM 1010 O O   . HOH B 2 .   ? -0.59657  10.92976  -13.79977 1.000 31.51529 ? 229 HOH B O   1 
HETATM 1011 O O   . HOH B 2 .   ? -11.86665 12.71805  8.09187   1.000 30.76350 ? 230 HOH B O   1 
HETATM 1012 O O   . HOH B 2 .   ? 4.00220   11.28099  5.95952   1.000 17.36797 ? 231 HOH B O   1 
HETATM 1013 O O   . HOH B 2 .   ? -0.80050  -3.14486  23.67245  1.000 24.12358 ? 232 HOH B O   1 
HETATM 1014 O O   . HOH B 2 .   ? -2.21208  9.88575   8.23557   1.000 23.85270 ? 233 HOH B O   1 
HETATM 1015 O O   . HOH B 2 .   ? 3.98910   -17.53303 -3.45387  1.000 33.12016 ? 234 HOH B O   1 
HETATM 1016 O O   . HOH B 2 .   ? -5.77003  11.79957  -11.04787 1.000 24.57069 ? 235 HOH B O   1 
HETATM 1017 O O   . HOH B 2 .   ? 9.03913   8.24451   -16.55298 1.000 8.56538  ? 236 HOH B O   1 
HETATM 1018 O O   . HOH B 2 .   ? 5.50016   -4.30404  19.79187  1.000 21.68863 ? 237 HOH B O   1 
HETATM 1019 O O   . HOH B 2 .   ? -2.45594  -4.66821  -17.73249 1.000 28.12184 ? 238 HOH B O   1 
HETATM 1020 O O   . HOH B 2 .   ? -5.63603  3.53631   20.12645  1.000 22.86728 ? 239 HOH B O   1 
HETATM 1021 O O   . HOH B 2 .   ? -11.31989 3.01068   12.63303  1.000 23.99478 ? 240 HOH B O   1 
HETATM 1022 O O   . HOH B 2 .   ? -1.93650  -13.50194 -0.71359  1.000 16.88406 ? 241 HOH B O   1 
HETATM 1023 O O   . HOH B 2 .   ? 7.52191   -8.40374  10.43938  1.000 14.48784 ? 242 HOH B O   1 
HETATM 1024 O O   . HOH B 2 .   ? 10.58654  0.19020   6.98780   1.000 16.30349 ? 243 HOH B O   1 
HETATM 1025 O O   . HOH B 2 .   ? 14.93338  1.82443   -0.63718  1.000 31.29828 ? 244 HOH B O   1 
HETATM 1026 O O   . HOH B 2 .   ? 0.85804   -10.02765 -14.34246 1.000 26.14586 ? 245 HOH B O   1 
HETATM 1027 O O   . HOH B 2 .   ? -5.44744  7.82492   13.20379  1.000 15.40685 ? 246 HOH B O   1 
HETATM 1028 O O   . HOH B 2 .   ? -4.30681  10.36052  6.59738   1.000 14.24020 ? 247 HOH B O   1 
HETATM 1029 O O   . HOH B 2 .   ? 3.87873   10.39984  3.33927   1.000 12.13215 ? 248 HOH B O   1 
HETATM 1030 O O   . HOH B 2 .   ? -10.21534 7.40494   8.12940   1.000 24.53484 ? 249 HOH B O   1 
HETATM 1031 O O   . HOH B 2 .   ? 8.97894   -7.53646  -8.30023  1.000 25.41156 ? 250 HOH B O   1 
HETATM 1032 O O   . HOH B 2 .   ? -10.22051 -9.14745  -9.71937  1.000 22.73812 ? 251 HOH B O   1 
HETATM 1033 O O   . HOH B 2 .   ? 7.50426   -4.48469  8.74768   1.000 8.75724  ? 252 HOH B O   1 
HETATM 1034 O O   . HOH B 2 .   ? -3.55053  -12.83441 -3.06971  1.000 15.96458 ? 253 HOH B O   1 
HETATM 1035 O O   . HOH B 2 .   ? -3.54913  -9.72065  4.26818   1.000 18.78877 ? 254 HOH B O   1 
HETATM 1036 O O   . HOH B 2 .   ? 5.92364   -7.13957  -10.22392 1.000 11.72887 ? 255 HOH B O   1 
HETATM 1037 O O   . HOH B 2 .   ? -14.34655 1.62881   -1.34116  1.000 24.56224 ? 256 HOH B O   1 
HETATM 1038 O O   . HOH B 2 .   ? 10.15348  7.08359   -13.91675 1.000 22.72587 ? 257 HOH B O   1 
HETATM 1039 O O   . HOH B 2 .   ? 7.06628   6.48005   -4.30757  1.000 9.33228  ? 258 HOH B O   1 
HETATM 1040 O O   . HOH B 2 .   ? 1.09510   5.40889   -19.75422 1.000 25.66330 ? 259 HOH B O   1 
HETATM 1041 O O   . HOH B 2 .   ? 4.46781   7.74165   12.90837  1.000 28.98504 ? 260 HOH B O   1 
HETATM 1042 O O   . HOH B 2 .   ? -5.50526  9.00962   -8.39694  1.000 25.96415 ? 261 HOH B O   1 
HETATM 1043 O O   . HOH B 2 .   ? 5.21108   10.87976  -18.62487 1.000 15.37228 ? 262 HOH B O   1 
HETATM 1044 O O   . HOH B 2 .   ? 11.34987  -2.99299  13.15154  1.000 29.81590 ? 263 HOH B O   1 
HETATM 1045 O O   . HOH B 2 .   ? -2.99927  0.39934   -17.54548 1.000 23.14941 ? 264 HOH B O   1 
HETATM 1046 O O   . HOH B 2 .   ? 1.25165   -16.27888 -11.59187 1.000 28.33620 ? 265 HOH B O   1 
HETATM 1047 O O   . HOH B 2 .   ? -4.95121  -6.22427  -18.03124 1.000 30.24972 ? 266 HOH B O   1 
HETATM 1048 O O   . HOH B 2 .   ? 1.88970   10.52133  9.79920   1.000 22.18335 ? 267 HOH B O   1 
HETATM 1049 O O   . HOH B 2 .   ? -11.23397 -9.12582  -0.13536  1.000 25.41994 ? 268 HOH B O   1 
HETATM 1050 O O   . HOH B 2 .   ? 2.13501   12.61036  -0.79225  1.000 29.43943 ? 269 HOH B O   1 
HETATM 1051 O O   . HOH B 2 .   ? 3.91360   -10.75745 -11.84437 1.000 10.87093 ? 270 HOH B O   1 
HETATM 1052 O O   . HOH B 2 .   ? 13.40143  0.32866   -6.64062  1.000 27.85069 ? 271 HOH B O   1 
HETATM 1053 O O   . HOH B 2 .   ? -3.69718  -11.62627 -7.96386  1.000 14.51242 ? 272 HOH B O   1 
HETATM 1054 O O   . HOH B 2 .   ? 6.76234   6.28415   13.41385  1.000 26.20326 ? 273 HOH B O   1 
HETATM 1055 O O   . HOH B 2 .   ? 4.54640   -5.52362  16.23923  1.000 11.91851 ? 274 HOH B O   1 
HETATM 1056 O O   . HOH B 2 .   ? -7.27369  -9.78528  -1.97025  1.000 15.66557 ? 275 HOH B O   1 
HETATM 1057 O O   . HOH B 2 .   ? -4.46493  -7.92721  8.28393   1.000 13.21843 ? 276 HOH B O   1 
HETATM 1058 O O   . HOH B 2 .   ? -8.02351  3.90455   17.46689  1.000 24.63877 ? 277 HOH B O   1 
HETATM 1059 O O   . HOH B 2 .   ? -0.36999  11.64541  -0.16136  1.000 25.61652 ? 278 HOH B O   1 
HETATM 1060 O O   . HOH B 2 .   ? -3.09153  7.05211   9.94150   1.000 17.59694 ? 279 HOH B O   1 
HETATM 1061 O O   . HOH B 2 .   ? -3.63196  -12.00854 -11.43040 1.000 23.98048 ? 280 HOH B O   1 
HETATM 1062 O O   . HOH B 2 .   ? -2.22678  -9.94948  9.30296   1.000 12.64276 ? 281 HOH B O   1 
HETATM 1063 O O   . HOH B 2 .   ? 2.14673   6.94963   11.98301  1.000 17.37811 ? 282 HOH B O   1 
HETATM 1064 O O   . HOH B 2 .   ? -6.84424  11.58056  12.99522  1.000 18.41569 ? 283 HOH B O   1 
HETATM 1065 O O   . HOH B 2 .   ? -1.27308  12.49158  -2.29501  1.000 29.78094 ? 284 HOH B O   1 
HETATM 1066 O O   . HOH B 2 .   ? 7.38814   -3.13215  19.20683  1.000 26.13452 ? 285 HOH B O   1 
HETATM 1067 O O   . HOH B 2 .   ? 1.57238   6.30408   -15.96800 1.000 24.12035 ? 286 HOH B O   1 
HETATM 1068 O O   . HOH B 2 .   ? -7.57015  -8.98252  -8.15304  1.000 18.35069 ? 287 HOH B O   1 
HETATM 1069 O O   . HOH B 2 .   ? 8.71086   10.98152  4.32435   1.000 21.00442 ? 288 HOH B O   1 
HETATM 1070 O O   . HOH B 2 .   ? -2.16815  14.18424  -5.07727  1.000 26.19852 ? 289 HOH B O   1 
HETATM 1071 O O   . HOH B 2 .   ? 10.01180  13.22074  8.40000   1.000 30.09321 ? 290 HOH B O   1 
HETATM 1072 O O   . HOH B 2 .   ? -9.53968  -8.86413  8.82362   1.000 20.21500 ? 291 HOH B O   1 
HETATM 1073 O O   . HOH B 2 .   ? -12.80864 -0.43919  4.74210   1.000 25.82566 ? 292 HOH B O   1 
HETATM 1074 O O   . HOH B 2 .   ? 16.90214  -3.10761  -1.09980  1.000 20.87607 ? 293 HOH B O   1 
HETATM 1075 O O   . HOH B 2 .   ? 6.64638   10.83994  6.64520   1.000 18.57246 ? 294 HOH B O   1 
HETATM 1076 O O   . HOH B 2 .   ? 14.60069  3.81382   10.51081  1.000 33.49405 ? 295 HOH B O   1 
HETATM 1077 O O   . HOH B 2 .   ? 11.04250  -0.75425  -5.93167  1.000 10.29643 ? 296 HOH B O   1 
HETATM 1078 O O   . HOH B 2 .   ? 11.08213  9.72158   -1.76382  1.000 26.34336 ? 297 HOH B O   1 
HETATM 1079 O O   . HOH B 2 .   ? 13.78649  3.96912   -3.27114  1.000 29.66937 ? 298 HOH B O   1 
HETATM 1080 O O   . HOH B 2 .   ? -2.84653  -9.05220  14.99846  1.000 28.16932 ? 299 HOH B O   1 
HETATM 1081 O O   . HOH B 2 .   ? -13.61740 -5.25305  1.31750   1.000 27.87691 ? 300 HOH B O   1 
HETATM 1082 O O   . HOH B 2 .   ? -8.36667  2.44347   21.90465  1.000 22.19891 ? 301 HOH B O   1 
HETATM 1083 O O   . HOH B 2 .   ? -5.57699  -4.10628  2.32835   1.000 8.16697  ? 302 HOH B O   1 
HETATM 1084 O O   . HOH B 2 .   ? 9.03648   -3.69008  -15.80349 1.000 28.29840 ? 303 HOH B O   1 
HETATM 1085 O O   . HOH B 2 .   ? -1.87157  16.44779  0.81294   1.000 32.55947 ? 304 HOH B O   1 
HETATM 1086 O O   . HOH B 2 .   ? 4.06127   -9.43116  -14.21319 1.000 14.56421 ? 305 HOH B O   1 
HETATM 1087 O O   . HOH B 2 .   ? 6.94623   11.93124  -5.30423  1.000 19.80815 ? 306 HOH B O   1 
HETATM 1088 O O   . HOH B 2 .   ? 8.11421   4.71927   12.06230  1.000 19.11041 ? 307 HOH B O   1 
HETATM 1089 O O   . HOH B 2 .   ? 10.26323  -3.26001  2.54580   1.000 16.74749 ? 308 HOH B O   1 
HETATM 1090 O O   . HOH B 2 .   ? 12.66636  4.25417   1.36938   1.000 18.95639 ? 309 HOH B O   1 
HETATM 1091 O O   . HOH B 2 .   ? 5.68911   11.89461  2.06884   1.000 26.65505 ? 310 HOH B O   1 
HETATM 1092 O O   . HOH B 2 .   ? -13.11334 1.34576   2.24310   1.000 27.46560 ? 311 HOH B O   1 
HETATM 1093 O O   . HOH B 2 .   ? -3.14792  -7.32450  18.12231  1.000 15.39338 ? 312 HOH B O   1 
HETATM 1094 O O   . HOH B 2 .   ? 4.46374   -15.18980 4.83401   1.000 27.77668 ? 313 HOH B O   1 
HETATM 1095 O O   . HOH B 2 .   ? -12.12366 -2.97638  6.12368   1.000 19.53494 ? 314 HOH B O   1 
HETATM 1096 O O   . HOH B 2 .   ? -10.22965 -11.31312 -1.24012  1.000 36.49420 ? 315 HOH B O   1 
HETATM 1097 O O   . HOH B 2 .   ? -13.71042 4.67990   -0.49228  1.000 28.84935 ? 316 HOH B O   1 
HETATM 1098 O O   . HOH B 2 .   ? 10.50318  -1.87867  -12.79486 1.000 21.39436 ? 317 HOH B O   1 
HETATM 1099 O O   . HOH B 2 .   ? 4.16500   11.74174  -7.41933  1.000 17.96911 ? 318 HOH B O   1 
HETATM 1100 O O   . HOH B 2 .   ? 6.64066   -15.37111 -6.06888  1.000 26.17993 ? 319 HOH B O   1 
HETATM 1101 O O   . HOH B 2 .   ? -11.08656 7.06739   3.13061   1.000 24.97485 ? 320 HOH B O   1 
HETATM 1102 O O   . HOH B 2 .   ? -5.49720  -11.73002 -13.73022 1.000 29.80829 ? 321 HOH B O   1 
HETATM 1103 O O   . HOH B 2 .   ? 2.05542   12.04018  1.97581   1.000 14.40053 ? 322 HOH B O   1 
HETATM 1104 O O   . HOH B 2 .   ? -6.07132  -9.16818  9.66132   1.000 26.30882 ? 323 HOH B O   1 
HETATM 1105 O O   . HOH B 2 .   ? 0.31850   13.76495  3.13067   1.000 24.02930 ? 324 HOH B O   1 
HETATM 1106 O O   . HOH B 2 .   ? 12.74611  0.27221   5.43186   1.000 30.14417 ? 325 HOH B O   1 
HETATM 1107 O O   . HOH B 2 .   ? -3.12755  -12.92110 0.86580   1.000 31.92806 ? 326 HOH B O   1 
HETATM 1108 O O   . HOH B 2 .   ? -2.66509  16.09540  7.58310   1.000 22.43841 ? 327 HOH B O   1 
HETATM 1109 O O   . HOH B 2 .   ? 7.77573   -1.14488  -16.76169 1.000 24.82020 ? 328 HOH B O   1 
HETATM 1110 O O   . HOH B 2 .   ? 4.38180   11.70399  -9.78846  1.000 26.53693 ? 329 HOH B O   1 
HETATM 1111 O O   . HOH B 2 .   ? 9.66684   -3.89846  -2.40536  1.000 15.36235 ? 330 HOH B O   1 
HETATM 1112 O O   . HOH B 2 .   ? 1.06436   -13.18211 3.20969   1.000 25.11959 ? 331 HOH B O   1 
HETATM 1113 O O   . HOH B 2 .   ? -0.63045  13.16291  5.45957   1.000 29.54168 ? 332 HOH B O   1 
HETATM 1114 O O   . HOH B 2 .   ? -2.17140  9.90407   11.13267  1.000 27.65295 ? 333 HOH B O   1 
HETATM 1115 O O   . HOH B 2 .   ? 6.44590   -10.42448 9.10573   1.000 19.73793 ? 334 HOH B O   1 
HETATM 1116 O O   . HOH B 2 .   ? -3.97895  5.74955   23.20782  1.000 29.59783 ? 335 HOH B O   1 
HETATM 1117 O O   . HOH B 2 .   ? 2.39995   -13.77166 -12.70618 1.000 26.92022 ? 336 HOH B O   1 
HETATM 1118 O O   . HOH B 2 .   ? -11.15644 9.29737   -0.07880  1.000 32.78025 ? 337 HOH B O   1 
HETATM 1119 O O   . HOH B 2 .   ? 13.31986  5.96817   -2.28026  1.000 30.98112 ? 338 HOH B O   1 
HETATM 1120 O O   . HOH B 2 .   ? -0.45711  -11.63241 -15.02189 1.000 30.44425 ? 339 HOH B O   1 
HETATM 1121 O O   . HOH B 2 .   ? 12.43430  12.39164  9.51429   1.000 29.98079 ? 340 HOH B O   1 
HETATM 1122 O O   . HOH B 2 .   ? -6.81827  19.88745  1.87646   1.000 38.23748 ? 341 HOH B O   1 
HETATM 1123 O O   . HOH B 2 .   ? 9.58761   -3.96119  12.05260  1.000 26.80720 ? 342 HOH B O   1 
HETATM 1124 O O   . HOH B 2 .   ? 2.31100   -19.45015 -5.02733  1.000 28.50134 ? 343 HOH B O   1 
HETATM 1125 O O   . HOH B 2 .   ? -13.85350 -6.13356  -20.85075 1.000 28.76515 ? 344 HOH B O   1 
HETATM 1126 O O   . HOH B 2 .   ? -11.20914 -10.58152 2.50661   1.000 28.74153 ? 345 HOH B O   1 
HETATM 1127 O O   . HOH B 2 .   ? -4.36048  10.38813  12.95549  1.000 20.38149 ? 346 HOH B O   1 
HETATM 1128 O O   . HOH B 2 .   ? 7.42661   -5.61922  16.38642  1.000 29.66015 ? 347 HOH B O   1 
HETATM 1129 O O   . HOH B 2 .   ? 0.48332   11.10089  16.68245  1.000 29.11603 ? 348 HOH B O   1 
HETATM 1130 O O   . HOH B 2 .   ? -10.73804 13.53411  5.94640   1.000 31.81179 ? 349 HOH B O   1 
HETATM 1131 O O   . HOH B 2 .   ? 0.57419   9.50605   12.00910  1.000 22.54366 ? 350 HOH B O   1 
HETATM 1132 O O   . HOH B 2 .   ? -2.13638  -16.58130 -0.66000  1.000 30.71542 ? 351 HOH B O   1 
HETATM 1133 O O   . HOH B 2 .   ? 14.54983  1.25886   9.25156   1.000 35.17404 ? 352 HOH B O   1 
HETATM 1134 O O   . HOH B 2 .   ? -9.28311  2.72334   19.54177  1.000 35.19610 ? 353 HOH B O   1 
HETATM 1135 O O   . HOH B 2 .   ? -6.95272  6.47841   17.42870  1.000 32.54062 ? 354 HOH B O   1 
HETATM 1136 O O   . HOH B 2 .   ? -15.23463 -8.38612  -10.66856 1.000 35.80006 ? 355 HOH B O   1 
HETATM 1137 O O   . HOH B 2 .   ? 0.25119   -3.51184  -19.14050 1.000 28.74918 ? 356 HOH B O   1 
HETATM 1138 O O   . HOH B 2 .   ? -5.96360  3.14878   26.67740  1.000 25.24098 ? 357 HOH B O   1 
HETATM 1139 O O   . HOH B 2 .   ? 8.21083   10.82925  11.15474  1.000 35.24183 ? 358 HOH B O   1 
HETATM 1140 O O   . HOH B 2 .   ? 11.81801  -1.75445  8.67890   1.000 25.96661 ? 359 HOH B O   1 
HETATM 1141 O O   . HOH B 2 .   ? -4.53472  -8.45482  16.19427  1.000 28.06964 ? 360 HOH B O   1 
HETATM 1142 O O   . HOH B 2 .   ? -11.44275 10.74890  6.45450   1.000 33.54916 ? 361 HOH B O   1 
HETATM 1143 O O   . HOH B 2 .   ? 1.14815   -21.45153 -4.55981  1.000 42.26385 ? 362 HOH B O   1 
HETATM 1144 O O   . HOH B 2 .   ? 7.31657   12.23359  8.89650   1.000 27.49022 ? 363 HOH B O   1 
HETATM 1145 O O   . HOH B 2 .   ? -6.33018  0.48429   -20.27646 1.000 32.05675 ? 364 HOH B O   1 
HETATM 1146 O O   . HOH B 2 .   ? 5.18957   -11.90945 10.52815  1.000 28.25203 ? 365 HOH B O   1 
HETATM 1147 O O   . HOH B 2 .   ? -4.93944  -10.82548 -1.29156  1.000 20.45218 ? 366 HOH B O   1 
HETATM 1148 O O   . HOH B 2 .   ? -10.25474 5.31958   9.93063   1.000 21.61653 ? 367 HOH B O   1 
HETATM 1149 O O   . HOH B 2 .   ? -14.13654 -7.05744  -2.43846  1.000 34.51338 ? 368 HOH B O   1 
HETATM 1150 O O   . HOH B 2 .   ? 7.98624   12.80963  5.19863   1.000 27.20786 ? 369 HOH B O   1 
HETATM 1151 O O   . HOH B 2 .   ? -7.44639  9.10464   -11.36262 1.000 29.75239 ? 370 HOH B O   1 
HETATM 1152 O O   . HOH B 2 .   ? -12.47418 -10.39583 -7.70363  1.000 33.37393 ? 371 HOH B O   1 
HETATM 1153 O O   . HOH B 2 .   ? -12.12803 -7.88829  -21.25100 1.000 37.99483 ? 372 HOH B O   1 
HETATM 1154 O O   . HOH B 2 .   ? -13.55222 -5.38011  -4.20595  1.000 25.46765 ? 373 HOH B O   1 
HETATM 1155 O O   . HOH B 2 .   ? 3.73741   -14.12682 1.32018   1.000 31.90088 ? 374 HOH B O   1 
HETATM 1156 O O   . HOH B 2 .   ? -2.02231  16.82826  -8.68863  1.000 31.92740 ? 375 HOH B O   1 
HETATM 1157 O O   . HOH B 2 .   ? 8.38256   -3.57513  -17.74283 1.000 35.48899 ? 376 HOH B O   1 
HETATM 1158 O O   . HOH B 2 .   ? -0.22465  -11.26312 15.52975  1.000 26.22177 ? 377 HOH B O   1 
HETATM 1159 O O   . HOH B 2 .   ? 7.44468   -5.51753  -19.74990 1.000 31.08842 ? 378 HOH B O   1 
HETATM 1160 O O   . HOH B 2 .   ? 3.16274   13.82553  5.89322   1.000 28.14787 ? 379 HOH B O   1 
HETATM 1161 O O   . HOH B 2 .   ? -14.85904 -10.19595 -8.80439  1.000 33.09489 ? 380 HOH B O   1 
HETATM 1162 O O   . HOH B 2 .   ? -8.61370  -0.18989  -22.81494 1.000 35.59964 ? 381 HOH B O   1 
HETATM 1163 O O   . HOH B 2 .   ? -8.29104  -10.98303 -6.53992  1.000 24.72208 ? 382 HOH B O   1 
HETATM 1164 O O   . HOH B 2 .   ? -9.19417  6.77014   15.61932  1.000 29.64343 ? 383 HOH B O   1 
HETATM 1165 O O   . HOH B 2 .   ? -6.42774  -12.60175 -7.73221  1.000 33.62895 ? 384 HOH B O   1 
HETATM 1166 O O   . HOH B 2 .   ? 10.95799  15.68303  8.47916   1.000 36.77244 ? 385 HOH B O   1 
HETATM 1167 O O   . HOH B 2 .   ? -4.96026  -10.17259 13.99989  1.000 32.79512 ? 386 HOH B O   1 
HETATM 1168 O O   . HOH B 2 .   ? -8.37474  -11.62126 -3.79343  1.000 24.69829 ? 387 HOH B O   1 
HETATM 1169 O O   . HOH B 2 .   ? -12.15931 7.59560   4.84569   1.000 31.07816 ? 388 HOH B O   1 
HETATM 1170 O O   . HOH B 2 .   ? -9.98985  4.59172   17.45430  1.000 37.44540 ? 389 HOH B O   1 
HETATM 1171 O O   . HOH B 2 .   ? -11.56140 5.75670   14.98110  1.000 34.58905 ? 390 HOH B O   1 
# 
